data_2F3L
# 
_entry.id   2F3L 
# 
_audit_conform.dict_name       mmcif_pdbx.dic 
_audit_conform.dict_version    5.398 
_audit_conform.dict_location   http://mmcif.pdb.org/dictionaries/ascii/mmcif_pdbx.dic 
# 
loop_
_database_2.database_id 
_database_2.database_code 
_database_2.pdbx_database_accession 
_database_2.pdbx_DOI 
PDB   2F3L         pdb_00002f3l 10.2210/pdb2f3l/pdb 
RCSB  RCSB035409   ?            ?                   
WWPDB D_1000035409 ?            ?                   
# 
loop_
_pdbx_audit_revision_history.ordinal 
_pdbx_audit_revision_history.data_content_type 
_pdbx_audit_revision_history.major_revision 
_pdbx_audit_revision_history.minor_revision 
_pdbx_audit_revision_history.revision_date 
1 'Structure model' 1 0 2006-11-07 
2 'Structure model' 1 1 2008-05-01 
3 'Structure model' 1 2 2011-07-13 
4 'Structure model' 1 3 2024-11-13 
# 
_pdbx_audit_revision_details.ordinal             1 
_pdbx_audit_revision_details.revision_ordinal    1 
_pdbx_audit_revision_details.data_content_type   'Structure model' 
_pdbx_audit_revision_details.provider            repository 
_pdbx_audit_revision_details.type                'Initial release' 
_pdbx_audit_revision_details.description         ? 
_pdbx_audit_revision_details.details             ? 
# 
loop_
_pdbx_audit_revision_group.ordinal 
_pdbx_audit_revision_group.revision_ordinal 
_pdbx_audit_revision_group.data_content_type 
_pdbx_audit_revision_group.group 
1 2 'Structure model' 'Version format compliance' 
2 3 'Structure model' 'Version format compliance' 
3 4 'Structure model' 'Data collection'           
4 4 'Structure model' 'Database references'       
5 4 'Structure model' 'Derived calculations'      
6 4 'Structure model' 'Structure summary'         
# 
loop_
_pdbx_audit_revision_category.ordinal 
_pdbx_audit_revision_category.revision_ordinal 
_pdbx_audit_revision_category.data_content_type 
_pdbx_audit_revision_category.category 
1 4 'Structure model' chem_comp_atom            
2 4 'Structure model' chem_comp_bond            
3 4 'Structure model' database_2                
4 4 'Structure model' pdbx_entry_details        
5 4 'Structure model' pdbx_modification_feature 
6 4 'Structure model' struct_conn               
# 
loop_
_pdbx_audit_revision_item.ordinal 
_pdbx_audit_revision_item.revision_ordinal 
_pdbx_audit_revision_item.data_content_type 
_pdbx_audit_revision_item.item 
1 4 'Structure model' '_database_2.pdbx_DOI'                
2 4 'Structure model' '_database_2.pdbx_database_accession' 
3 4 'Structure model' '_struct_conn.pdbx_leaving_atom_flag' 
# 
_pdbx_database_status.status_code                     REL 
_pdbx_database_status.entry_id                        2F3L 
_pdbx_database_status.recvd_initial_deposition_date   2005-11-21 
_pdbx_database_status.deposit_site                    RCSB 
_pdbx_database_status.process_site                    RCSB 
_pdbx_database_status.status_code_sf                  REL 
_pdbx_database_status.status_code_mr                  ? 
_pdbx_database_status.SG_entry                        ? 
_pdbx_database_status.pdb_format_compatible           Y 
_pdbx_database_status.status_code_cs                  ? 
_pdbx_database_status.status_code_nmr_data            ? 
_pdbx_database_status.methods_development_category    ? 
# 
loop_
_audit_author.name 
_audit_author.pdbx_ordinal 
'Kennedy, M.A.' 1 
'Ni, S.'        2 
'Buchko, G.W.'  3 
'Robinson, H.'  4 
# 
_citation.id                        primary 
_citation.title                     
;Characterization of two potentially universal turn motifs that shape the repeated five-residues fold-Crystal structure of a lumenal pentapeptide repeat protein from Cyanothece 51142.
;
_citation.journal_abbrev            'Protein Sci.' 
_citation.journal_volume            15 
_citation.page_first                2579 
_citation.page_last                 2595 
_citation.year                      2006 
_citation.journal_id_ASTM           PRCIEI 
_citation.country                   US 
_citation.journal_id_ISSN           0961-8368 
_citation.journal_id_CSD            0795 
_citation.book_publisher            ? 
_citation.pdbx_database_id_PubMed   17075135 
_citation.pdbx_database_id_DOI      10.1110/ps.062407506 
# 
loop_
_citation_author.citation_id 
_citation_author.name 
_citation_author.ordinal 
_citation_author.identifier_ORCID 
primary 'Buchko, G.W.'  1 ? 
primary 'Ni, S.'        2 ? 
primary 'Robinson, H.'  3 ? 
primary 'Welsh, E.A.'   4 ? 
primary 'Pakrasi, H.B.' 5 ? 
primary 'Kennedy, M.A.' 6 ? 
# 
loop_
_entity.id 
_entity.type 
_entity.src_method 
_entity.pdbx_description 
_entity.formula_weight 
_entity.pdbx_number_of_molecules 
_entity.pdbx_ec 
_entity.pdbx_mutation 
_entity.pdbx_fragment 
_entity.details 
1 polymer man RFR-Domain 20119.174 1  ? ? 
'full-length Rfr-domain protein minus N-terminal 29 residues predicted to be a signal peptide' ? 
2 water   nat water      18.015    25 ? ? ? ? 
# 
_entity_poly.entity_id                      1 
_entity_poly.type                           'polypeptide(L)' 
_entity_poly.nstd_linkage                   no 
_entity_poly.nstd_monomer                   yes 
_entity_poly.pdbx_seq_one_letter_code       
;(MSE)HHHHHHSSGLVPRGSG(MSE)KETAAKFERQH(MSE)DSPDLGTDDDDKA(MSE)A(MSE)VTGSSASYEDVKLI
GEDFSGKSLTYAQFTNADLTDSNFSEADLRGAVFNGSALIGADLHGADLTNGLAYLTSFKGADLTNAVLTEAI(MSE)
(MSE)RTKFDDAKITGADFSLAVLDVYEVDKLCDRADGVNPKTGVSTRESLRCQ
;
_entity_poly.pdbx_seq_one_letter_code_can   
;MHHHHHHSSGLVPRGSGMKETAAKFERQHMDSPDLGTDDDDKAMAMVTGSSASYEDVKLIGEDFSGKSLTYAQFTNADLT
DSNFSEADLRGAVFNGSALIGADLHGADLTNGLAYLTSFKGADLTNAVLTEAIMMRTKFDDAKITGADFSLAVLDVYEVD
KLCDRADGVNPKTGVSTRESLRCQ
;
_entity_poly.pdbx_strand_id                 A 
_entity_poly.pdbx_target_identifier         ? 
# 
_pdbx_entity_nonpoly.entity_id   2 
_pdbx_entity_nonpoly.name        water 
_pdbx_entity_nonpoly.comp_id     HOH 
# 
loop_
_entity_poly_seq.entity_id 
_entity_poly_seq.num 
_entity_poly_seq.mon_id 
_entity_poly_seq.hetero 
1 1   MSE n 
1 2   HIS n 
1 3   HIS n 
1 4   HIS n 
1 5   HIS n 
1 6   HIS n 
1 7   HIS n 
1 8   SER n 
1 9   SER n 
1 10  GLY n 
1 11  LEU n 
1 12  VAL n 
1 13  PRO n 
1 14  ARG n 
1 15  GLY n 
1 16  SER n 
1 17  GLY n 
1 18  MSE n 
1 19  LYS n 
1 20  GLU n 
1 21  THR n 
1 22  ALA n 
1 23  ALA n 
1 24  LYS n 
1 25  PHE n 
1 26  GLU n 
1 27  ARG n 
1 28  GLN n 
1 29  HIS n 
1 30  MSE n 
1 31  ASP n 
1 32  SER n 
1 33  PRO n 
1 34  ASP n 
1 35  LEU n 
1 36  GLY n 
1 37  THR n 
1 38  ASP n 
1 39  ASP n 
1 40  ASP n 
1 41  ASP n 
1 42  LYS n 
1 43  ALA n 
1 44  MSE n 
1 45  ALA n 
1 46  MSE n 
1 47  VAL n 
1 48  THR n 
1 49  GLY n 
1 50  SER n 
1 51  SER n 
1 52  ALA n 
1 53  SER n 
1 54  TYR n 
1 55  GLU n 
1 56  ASP n 
1 57  VAL n 
1 58  LYS n 
1 59  LEU n 
1 60  ILE n 
1 61  GLY n 
1 62  GLU n 
1 63  ASP n 
1 64  PHE n 
1 65  SER n 
1 66  GLY n 
1 67  LYS n 
1 68  SER n 
1 69  LEU n 
1 70  THR n 
1 71  TYR n 
1 72  ALA n 
1 73  GLN n 
1 74  PHE n 
1 75  THR n 
1 76  ASN n 
1 77  ALA n 
1 78  ASP n 
1 79  LEU n 
1 80  THR n 
1 81  ASP n 
1 82  SER n 
1 83  ASN n 
1 84  PHE n 
1 85  SER n 
1 86  GLU n 
1 87  ALA n 
1 88  ASP n 
1 89  LEU n 
1 90  ARG n 
1 91  GLY n 
1 92  ALA n 
1 93  VAL n 
1 94  PHE n 
1 95  ASN n 
1 96  GLY n 
1 97  SER n 
1 98  ALA n 
1 99  LEU n 
1 100 ILE n 
1 101 GLY n 
1 102 ALA n 
1 103 ASP n 
1 104 LEU n 
1 105 HIS n 
1 106 GLY n 
1 107 ALA n 
1 108 ASP n 
1 109 LEU n 
1 110 THR n 
1 111 ASN n 
1 112 GLY n 
1 113 LEU n 
1 114 ALA n 
1 115 TYR n 
1 116 LEU n 
1 117 THR n 
1 118 SER n 
1 119 PHE n 
1 120 LYS n 
1 121 GLY n 
1 122 ALA n 
1 123 ASP n 
1 124 LEU n 
1 125 THR n 
1 126 ASN n 
1 127 ALA n 
1 128 VAL n 
1 129 LEU n 
1 130 THR n 
1 131 GLU n 
1 132 ALA n 
1 133 ILE n 
1 134 MSE n 
1 135 MSE n 
1 136 ARG n 
1 137 THR n 
1 138 LYS n 
1 139 PHE n 
1 140 ASP n 
1 141 ASP n 
1 142 ALA n 
1 143 LYS n 
1 144 ILE n 
1 145 THR n 
1 146 GLY n 
1 147 ALA n 
1 148 ASP n 
1 149 PHE n 
1 150 SER n 
1 151 LEU n 
1 152 ALA n 
1 153 VAL n 
1 154 LEU n 
1 155 ASP n 
1 156 VAL n 
1 157 TYR n 
1 158 GLU n 
1 159 VAL n 
1 160 ASP n 
1 161 LYS n 
1 162 LEU n 
1 163 CYS n 
1 164 ASP n 
1 165 ARG n 
1 166 ALA n 
1 167 ASP n 
1 168 GLY n 
1 169 VAL n 
1 170 ASN n 
1 171 PRO n 
1 172 LYS n 
1 173 THR n 
1 174 GLY n 
1 175 VAL n 
1 176 SER n 
1 177 THR n 
1 178 ARG n 
1 179 GLU n 
1 180 SER n 
1 181 LEU n 
1 182 ARG n 
1 183 CYS n 
1 184 GLN n 
# 
_entity_src_gen.entity_id                          1 
_entity_src_gen.pdbx_src_id                        1 
_entity_src_gen.pdbx_alt_source_flag               sample 
_entity_src_gen.pdbx_seq_type                      ? 
_entity_src_gen.pdbx_beg_seq_num                   ? 
_entity_src_gen.pdbx_end_seq_num                   ? 
_entity_src_gen.gene_src_common_name               ? 
_entity_src_gen.gene_src_genus                     Cyanothece 
_entity_src_gen.pdbx_gene_src_gene                 'Rfr-domain protein' 
_entity_src_gen.gene_src_species                   ? 
_entity_src_gen.gene_src_strain                    BH68 
_entity_src_gen.gene_src_tissue                    ? 
_entity_src_gen.gene_src_tissue_fraction           ? 
_entity_src_gen.gene_src_details                   ? 
_entity_src_gen.pdbx_gene_src_fragment             ? 
_entity_src_gen.pdbx_gene_src_scientific_name      'Cyanothece sp. ATCC 51142' 
_entity_src_gen.pdbx_gene_src_ncbi_taxonomy_id     43989 
_entity_src_gen.pdbx_gene_src_variant              ? 
_entity_src_gen.pdbx_gene_src_cell_line            ? 
_entity_src_gen.pdbx_gene_src_atcc                 51142 
_entity_src_gen.pdbx_gene_src_organ                ? 
_entity_src_gen.pdbx_gene_src_organelle            ? 
_entity_src_gen.pdbx_gene_src_cell                 ? 
_entity_src_gen.pdbx_gene_src_cellular_location    ? 
_entity_src_gen.host_org_common_name               ? 
_entity_src_gen.pdbx_host_org_scientific_name      'Escherichia coli' 
_entity_src_gen.pdbx_host_org_ncbi_taxonomy_id     562 
_entity_src_gen.host_org_genus                     Escherichia 
_entity_src_gen.pdbx_host_org_gene                 ? 
_entity_src_gen.pdbx_host_org_organ                ? 
_entity_src_gen.host_org_species                   ? 
_entity_src_gen.pdbx_host_org_tissue               ? 
_entity_src_gen.pdbx_host_org_tissue_fraction      ? 
_entity_src_gen.pdbx_host_org_strain               'Rosetta DE3 pLysS' 
_entity_src_gen.pdbx_host_org_variant              ? 
_entity_src_gen.pdbx_host_org_cell_line            ? 
_entity_src_gen.pdbx_host_org_atcc                 ? 
_entity_src_gen.pdbx_host_org_culture_collection   ? 
_entity_src_gen.pdbx_host_org_cell                 ? 
_entity_src_gen.pdbx_host_org_organelle            ? 
_entity_src_gen.pdbx_host_org_cellular_location    ? 
_entity_src_gen.pdbx_host_org_vector_type          plasmid 
_entity_src_gen.pdbx_host_org_vector               ? 
_entity_src_gen.host_org_details                   ? 
_entity_src_gen.expression_system_id               ? 
_entity_src_gen.plasmid_name                       pET30 
_entity_src_gen.plasmid_details                    ? 
_entity_src_gen.pdbx_description                   ? 
# 
loop_
_chem_comp.id 
_chem_comp.type 
_chem_comp.mon_nstd_flag 
_chem_comp.name 
_chem_comp.pdbx_synonyms 
_chem_comp.formula 
_chem_comp.formula_weight 
ALA 'L-peptide linking' y ALANINE          ? 'C3 H7 N O2'     89.093  
ARG 'L-peptide linking' y ARGININE         ? 'C6 H15 N4 O2 1' 175.209 
ASN 'L-peptide linking' y ASPARAGINE       ? 'C4 H8 N2 O3'    132.118 
ASP 'L-peptide linking' y 'ASPARTIC ACID'  ? 'C4 H7 N O4'     133.103 
CYS 'L-peptide linking' y CYSTEINE         ? 'C3 H7 N O2 S'   121.158 
GLN 'L-peptide linking' y GLUTAMINE        ? 'C5 H10 N2 O3'   146.144 
GLU 'L-peptide linking' y 'GLUTAMIC ACID'  ? 'C5 H9 N O4'     147.129 
GLY 'peptide linking'   y GLYCINE          ? 'C2 H5 N O2'     75.067  
HIS 'L-peptide linking' y HISTIDINE        ? 'C6 H10 N3 O2 1' 156.162 
HOH non-polymer         . WATER            ? 'H2 O'           18.015  
ILE 'L-peptide linking' y ISOLEUCINE       ? 'C6 H13 N O2'    131.173 
LEU 'L-peptide linking' y LEUCINE          ? 'C6 H13 N O2'    131.173 
LYS 'L-peptide linking' y LYSINE           ? 'C6 H15 N2 O2 1' 147.195 
MSE 'L-peptide linking' n SELENOMETHIONINE ? 'C5 H11 N O2 Se' 196.106 
PHE 'L-peptide linking' y PHENYLALANINE    ? 'C9 H11 N O2'    165.189 
PRO 'L-peptide linking' y PROLINE          ? 'C5 H9 N O2'     115.130 
SER 'L-peptide linking' y SERINE           ? 'C3 H7 N O3'     105.093 
THR 'L-peptide linking' y THREONINE        ? 'C4 H9 N O3'     119.119 
TYR 'L-peptide linking' y TYROSINE         ? 'C9 H11 N O3'    181.189 
VAL 'L-peptide linking' y VALINE           ? 'C5 H11 N O2'    117.146 
# 
loop_
_pdbx_poly_seq_scheme.asym_id 
_pdbx_poly_seq_scheme.entity_id 
_pdbx_poly_seq_scheme.seq_id 
_pdbx_poly_seq_scheme.mon_id 
_pdbx_poly_seq_scheme.ndb_seq_num 
_pdbx_poly_seq_scheme.pdb_seq_num 
_pdbx_poly_seq_scheme.auth_seq_num 
_pdbx_poly_seq_scheme.pdb_mon_id 
_pdbx_poly_seq_scheme.auth_mon_id 
_pdbx_poly_seq_scheme.pdb_strand_id 
_pdbx_poly_seq_scheme.pdb_ins_code 
_pdbx_poly_seq_scheme.hetero 
A 1 1   MSE 1   -44 ?   ?   ?   A . n 
A 1 2   HIS 2   -43 ?   ?   ?   A . n 
A 1 3   HIS 3   -42 ?   ?   ?   A . n 
A 1 4   HIS 4   -41 ?   ?   ?   A . n 
A 1 5   HIS 5   -40 ?   ?   ?   A . n 
A 1 6   HIS 6   -39 ?   ?   ?   A . n 
A 1 7   HIS 7   -38 ?   ?   ?   A . n 
A 1 8   SER 8   -37 ?   ?   ?   A . n 
A 1 9   SER 9   -36 ?   ?   ?   A . n 
A 1 10  GLY 10  -35 ?   ?   ?   A . n 
A 1 11  LEU 11  -34 ?   ?   ?   A . n 
A 1 12  VAL 12  -33 ?   ?   ?   A . n 
A 1 13  PRO 13  -32 ?   ?   ?   A . n 
A 1 14  ARG 14  -31 ?   ?   ?   A . n 
A 1 15  GLY 15  -30 ?   ?   ?   A . n 
A 1 16  SER 16  -29 ?   ?   ?   A . n 
A 1 17  GLY 17  -28 ?   ?   ?   A . n 
A 1 18  MSE 18  -27 ?   ?   ?   A . n 
A 1 19  LYS 19  -26 ?   ?   ?   A . n 
A 1 20  GLU 20  -25 ?   ?   ?   A . n 
A 1 21  THR 21  -24 ?   ?   ?   A . n 
A 1 22  ALA 22  -23 ?   ?   ?   A . n 
A 1 23  ALA 23  -22 ?   ?   ?   A . n 
A 1 24  LYS 24  -21 ?   ?   ?   A . n 
A 1 25  PHE 25  -20 ?   ?   ?   A . n 
A 1 26  GLU 26  -19 ?   ?   ?   A . n 
A 1 27  ARG 27  -18 ?   ?   ?   A . n 
A 1 28  GLN 28  -17 ?   ?   ?   A . n 
A 1 29  HIS 29  -16 ?   ?   ?   A . n 
A 1 30  MSE 30  -15 ?   ?   ?   A . n 
A 1 31  ASP 31  -14 ?   ?   ?   A . n 
A 1 32  SER 32  -13 ?   ?   ?   A . n 
A 1 33  PRO 33  -12 ?   ?   ?   A . n 
A 1 34  ASP 34  -11 ?   ?   ?   A . n 
A 1 35  LEU 35  -10 ?   ?   ?   A . n 
A 1 36  GLY 36  -9  ?   ?   ?   A . n 
A 1 37  THR 37  -8  ?   ?   ?   A . n 
A 1 38  ASP 38  -7  ?   ?   ?   A . n 
A 1 39  ASP 39  -6  ?   ?   ?   A . n 
A 1 40  ASP 40  -5  ?   ?   ?   A . n 
A 1 41  ASP 41  -4  ?   ?   ?   A . n 
A 1 42  LYS 42  -3  ?   ?   ?   A . n 
A 1 43  ALA 43  -2  ?   ?   ?   A . n 
A 1 44  MSE 44  -1  ?   ?   ?   A . n 
A 1 45  ALA 45  0   ?   ?   ?   A . n 
A 1 46  MSE 46  1   ?   ?   ?   A . n 
A 1 47  VAL 47  2   ?   ?   ?   A . n 
A 1 48  THR 48  3   ?   ?   ?   A . n 
A 1 49  GLY 49  4   ?   ?   ?   A . n 
A 1 50  SER 50  5   ?   ?   ?   A . n 
A 1 51  SER 51  6   ?   ?   ?   A . n 
A 1 52  ALA 52  7   7   ALA ALA A . n 
A 1 53  SER 53  8   8   SER SER A . n 
A 1 54  TYR 54  9   9   TYR TYR A . n 
A 1 55  GLU 55  10  10  GLU GLU A . n 
A 1 56  ASP 56  11  11  ASP ASP A . n 
A 1 57  VAL 57  12  12  VAL VAL A . n 
A 1 58  LYS 58  13  13  LYS LYS A . n 
A 1 59  LEU 59  14  14  LEU LEU A . n 
A 1 60  ILE 60  15  15  ILE ILE A . n 
A 1 61  GLY 61  16  16  GLY GLY A . n 
A 1 62  GLU 62  17  17  GLU GLU A . n 
A 1 63  ASP 63  18  18  ASP ASP A . n 
A 1 64  PHE 64  19  19  PHE PHE A . n 
A 1 65  SER 65  20  20  SER SER A . n 
A 1 66  GLY 66  21  21  GLY GLY A . n 
A 1 67  LYS 67  22  22  LYS LYS A . n 
A 1 68  SER 68  23  23  SER SER A . n 
A 1 69  LEU 69  24  24  LEU LEU A . n 
A 1 70  THR 70  25  25  THR THR A . n 
A 1 71  TYR 71  26  26  TYR TYR A . n 
A 1 72  ALA 72  27  27  ALA ALA A . n 
A 1 73  GLN 73  28  28  GLN GLN A . n 
A 1 74  PHE 74  29  29  PHE PHE A . n 
A 1 75  THR 75  30  30  THR THR A . n 
A 1 76  ASN 76  31  31  ASN ASN A . n 
A 1 77  ALA 77  32  32  ALA ALA A . n 
A 1 78  ASP 78  33  33  ASP ASP A . n 
A 1 79  LEU 79  34  34  LEU LEU A . n 
A 1 80  THR 80  35  35  THR THR A . n 
A 1 81  ASP 81  36  36  ASP ASP A . n 
A 1 82  SER 82  37  37  SER SER A . n 
A 1 83  ASN 83  38  38  ASN ASN A . n 
A 1 84  PHE 84  39  39  PHE PHE A . n 
A 1 85  SER 85  40  40  SER SER A . n 
A 1 86  GLU 86  41  41  GLU GLU A . n 
A 1 87  ALA 87  42  42  ALA ALA A . n 
A 1 88  ASP 88  43  43  ASP ASP A . n 
A 1 89  LEU 89  44  44  LEU LEU A . n 
A 1 90  ARG 90  45  45  ARG ARG A . n 
A 1 91  GLY 91  46  46  GLY GLY A . n 
A 1 92  ALA 92  47  47  ALA ALA A . n 
A 1 93  VAL 93  48  48  VAL VAL A . n 
A 1 94  PHE 94  49  49  PHE PHE A . n 
A 1 95  ASN 95  50  50  ASN ASN A . n 
A 1 96  GLY 96  51  51  GLY GLY A . n 
A 1 97  SER 97  52  52  SER SER A . n 
A 1 98  ALA 98  53  53  ALA ALA A . n 
A 1 99  LEU 99  54  54  LEU LEU A . n 
A 1 100 ILE 100 55  55  ILE ILE A . n 
A 1 101 GLY 101 56  56  GLY GLY A . n 
A 1 102 ALA 102 57  57  ALA ALA A . n 
A 1 103 ASP 103 58  58  ASP ASP A . n 
A 1 104 LEU 104 59  59  LEU LEU A . n 
A 1 105 HIS 105 60  60  HIS HIS A . n 
A 1 106 GLY 106 61  61  GLY GLY A . n 
A 1 107 ALA 107 62  62  ALA ALA A . n 
A 1 108 ASP 108 63  63  ASP ASP A . n 
A 1 109 LEU 109 64  64  LEU LEU A . n 
A 1 110 THR 110 65  65  THR THR A . n 
A 1 111 ASN 111 66  66  ASN ASN A . n 
A 1 112 GLY 112 67  67  GLY GLY A . n 
A 1 113 LEU 113 68  68  LEU LEU A . n 
A 1 114 ALA 114 69  69  ALA ALA A . n 
A 1 115 TYR 115 70  70  TYR TYR A . n 
A 1 116 LEU 116 71  71  LEU LEU A . n 
A 1 117 THR 117 72  72  THR THR A . n 
A 1 118 SER 118 73  73  SER SER A . n 
A 1 119 PHE 119 74  74  PHE PHE A . n 
A 1 120 LYS 120 75  75  LYS LYS A . n 
A 1 121 GLY 121 76  76  GLY GLY A . n 
A 1 122 ALA 122 77  77  ALA ALA A . n 
A 1 123 ASP 123 78  78  ASP ASP A . n 
A 1 124 LEU 124 79  79  LEU LEU A . n 
A 1 125 THR 125 80  80  THR THR A . n 
A 1 126 ASN 126 81  81  ASN ASN A . n 
A 1 127 ALA 127 82  82  ALA ALA A . n 
A 1 128 VAL 128 83  83  VAL VAL A . n 
A 1 129 LEU 129 84  84  LEU LEU A . n 
A 1 130 THR 130 85  85  THR THR A . n 
A 1 131 GLU 131 86  86  GLU GLU A . n 
A 1 132 ALA 132 87  87  ALA ALA A . n 
A 1 133 ILE 133 88  88  ILE ILE A . n 
A 1 134 MSE 134 89  89  MSE MSE A . n 
A 1 135 MSE 135 90  90  MSE MSE A . n 
A 1 136 ARG 136 91  91  ARG ARG A . n 
A 1 137 THR 137 92  92  THR THR A . n 
A 1 138 LYS 138 93  93  LYS LYS A . n 
A 1 139 PHE 139 94  94  PHE PHE A . n 
A 1 140 ASP 140 95  95  ASP ASP A . n 
A 1 141 ASP 141 96  96  ASP ASP A . n 
A 1 142 ALA 142 97  97  ALA ALA A . n 
A 1 143 LYS 143 98  98  LYS LYS A . n 
A 1 144 ILE 144 99  99  ILE ILE A . n 
A 1 145 THR 145 100 100 THR THR A . n 
A 1 146 GLY 146 101 101 GLY GLY A . n 
A 1 147 ALA 147 102 102 ALA ALA A . n 
A 1 148 ASP 148 103 103 ASP ASP A . n 
A 1 149 PHE 149 104 104 PHE PHE A . n 
A 1 150 SER 150 105 105 SER SER A . n 
A 1 151 LEU 151 106 106 LEU LEU A . n 
A 1 152 ALA 152 107 107 ALA ALA A . n 
A 1 153 VAL 153 108 108 VAL VAL A . n 
A 1 154 LEU 154 109 109 LEU LEU A . n 
A 1 155 ASP 155 110 110 ASP ASP A . n 
A 1 156 VAL 156 111 111 VAL VAL A . n 
A 1 157 TYR 157 112 112 TYR TYR A . n 
A 1 158 GLU 158 113 113 GLU GLU A . n 
A 1 159 VAL 159 114 114 VAL VAL A . n 
A 1 160 ASP 160 115 115 ASP ASP A . n 
A 1 161 LYS 161 116 116 LYS LYS A . n 
A 1 162 LEU 162 117 117 LEU LEU A . n 
A 1 163 CYS 163 118 118 CYS CYS A . n 
A 1 164 ASP 164 119 119 ASP ASP A . n 
A 1 165 ARG 165 120 120 ARG ARG A . n 
A 1 166 ALA 166 121 121 ALA ALA A . n 
A 1 167 ASP 167 122 122 ASP ASP A . n 
A 1 168 GLY 168 123 123 GLY GLY A . n 
A 1 169 VAL 169 124 124 VAL VAL A . n 
A 1 170 ASN 170 125 125 ASN ASN A . n 
A 1 171 PRO 171 126 126 PRO PRO A . n 
A 1 172 LYS 172 127 127 LYS LYS A . n 
A 1 173 THR 173 128 128 THR THR A . n 
A 1 174 GLY 174 129 129 GLY GLY A . n 
A 1 175 VAL 175 130 130 VAL VAL A . n 
A 1 176 SER 176 131 131 SER SER A . n 
A 1 177 THR 177 132 132 THR THR A . n 
A 1 178 ARG 178 133 133 ARG ARG A . n 
A 1 179 GLU 179 134 134 GLU GLU A . n 
A 1 180 SER 180 135 135 SER SER A . n 
A 1 181 LEU 181 136 136 LEU LEU A . n 
A 1 182 ARG 182 137 137 ARG ARG A . n 
A 1 183 CYS 183 138 138 CYS CYS A . n 
A 1 184 GLN 184 139 ?   ?   ?   A . n 
# 
loop_
_pdbx_nonpoly_scheme.asym_id 
_pdbx_nonpoly_scheme.entity_id 
_pdbx_nonpoly_scheme.mon_id 
_pdbx_nonpoly_scheme.ndb_seq_num 
_pdbx_nonpoly_scheme.pdb_seq_num 
_pdbx_nonpoly_scheme.auth_seq_num 
_pdbx_nonpoly_scheme.pdb_mon_id 
_pdbx_nonpoly_scheme.auth_mon_id 
_pdbx_nonpoly_scheme.pdb_strand_id 
_pdbx_nonpoly_scheme.pdb_ins_code 
B 2 HOH 1  140 1  HOH TIP A . 
B 2 HOH 2  141 2  HOH TIP A . 
B 2 HOH 3  142 3  HOH TIP A . 
B 2 HOH 4  143 4  HOH TIP A . 
B 2 HOH 5  144 5  HOH TIP A . 
B 2 HOH 6  145 6  HOH TIP A . 
B 2 HOH 7  146 7  HOH TIP A . 
B 2 HOH 8  147 8  HOH TIP A . 
B 2 HOH 9  148 9  HOH TIP A . 
B 2 HOH 10 149 10 HOH TIP A . 
B 2 HOH 11 150 11 HOH TIP A . 
B 2 HOH 12 151 12 HOH TIP A . 
B 2 HOH 13 152 13 HOH TIP A . 
B 2 HOH 14 153 14 HOH TIP A . 
B 2 HOH 15 154 15 HOH TIP A . 
B 2 HOH 16 155 16 HOH TIP A . 
B 2 HOH 17 156 17 HOH TIP A . 
B 2 HOH 18 157 18 HOH TIP A . 
B 2 HOH 19 158 19 HOH TIP A . 
B 2 HOH 20 159 20 HOH TIP A . 
B 2 HOH 21 160 21 HOH TIP A . 
B 2 HOH 22 161 22 HOH TIP A . 
B 2 HOH 23 162 23 HOH TIP A . 
B 2 HOH 24 163 24 HOH TIP A . 
B 2 HOH 25 164 25 HOH TIP A . 
# 
loop_
_software.name 
_software.classification 
_software.version 
_software.citation_id 
_software.pdbx_ordinal 
DENZO     'data reduction' .   ? 1 
SCALEPACK 'data scaling'   .   ? 2 
SOLVE     phasing          .   ? 3 
CNS       refinement       1.1 ? 4 
# 
_cell.entry_id           2F3L 
_cell.length_a           61.754 
_cell.length_b           61.754 
_cell.length_c           83.708 
_cell.angle_alpha        90.00 
_cell.angle_beta         90.00 
_cell.angle_gamma        120.00 
_cell.Z_PDB              6 
_cell.pdbx_unique_axis   ? 
# 
_symmetry.entry_id                         2F3L 
_symmetry.space_group_name_H-M             'P 32 2 1' 
_symmetry.pdbx_full_space_group_name_H-M   ? 
_symmetry.cell_setting                     ? 
_symmetry.Int_Tables_number                154 
_symmetry.space_group_name_Hall            ? 
# 
_exptl.entry_id          2F3L 
_exptl.method            'X-RAY DIFFRACTION' 
_exptl.crystals_number   2 
# 
_exptl_crystal.id                    1 
_exptl_crystal.density_meas          ? 
_exptl_crystal.density_Matthews      2.29 
_exptl_crystal.density_percent_sol   46.28 
_exptl_crystal.description           ? 
_exptl_crystal.F_000                 ? 
_exptl_crystal.preparation           ? 
# 
_exptl_crystal_grow.crystal_id      1 
_exptl_crystal_grow.method          'VAPOR DIFFUSION, HANGING DROP' 
_exptl_crystal_grow.temp            295 
_exptl_crystal_grow.temp_details    ? 
_exptl_crystal_grow.pH              7.1 
_exptl_crystal_grow.pdbx_details    
'15% PEG 1500, 50 mM sodium chloride, 10 mM Tris, pH 7.1, VAPOR DIFFUSION, HANGING DROP, temperature 295K' 
_exptl_crystal_grow.pdbx_pH_range   . 
# 
loop_
_diffrn.id 
_diffrn.ambient_temp 
_diffrn.ambient_temp_details 
_diffrn.crystal_id 
1 100 ? 1 
2 100 ? 1 
# 
loop_
_diffrn_detector.diffrn_id 
_diffrn_detector.detector 
_diffrn_detector.type 
_diffrn_detector.pdbx_collection_date 
_diffrn_detector.details 
1 CCD 'ADSC QUANTUM 4' 2005-10-18 'Rosenbaum-Rock double crystal sagittal focusing monochrometer and vertical focusing mirror' 
2 CCD 'ADSC QUANTUM 4' 2005-10-17 'Rosenbaum-Rock double crystal sagittal focusing monochrometer and vertical focusing mirror' 
# 
loop_
_diffrn_radiation.diffrn_id 
_diffrn_radiation.wavelength_id 
_diffrn_radiation.pdbx_monochromatic_or_laue_m_l 
_diffrn_radiation.monochromator 
_diffrn_radiation.pdbx_diffrn_protocol 
_diffrn_radiation.pdbx_scattering_type 
1 1 M 'Si 111 CHANNEL' 'SINGLE WAVELENGTH' x-ray 
2 1 M 'Si 111 CHANNEL' 'SINGLE WAVELENGTH' x-ray 
# 
loop_
_diffrn_radiation_wavelength.id 
_diffrn_radiation_wavelength.wavelength 
_diffrn_radiation_wavelength.wt 
1 0.979 1.0 
2 1.1   1.0 
# 
loop_
_diffrn_source.diffrn_id 
_diffrn_source.source 
_diffrn_source.type 
_diffrn_source.pdbx_synchrotron_site 
_diffrn_source.pdbx_synchrotron_beamline 
_diffrn_source.pdbx_wavelength 
_diffrn_source.pdbx_wavelength_list 
1 SYNCHROTRON 'NSLS BEAMLINE X29A' NSLS X29A ? 0.979 
2 SYNCHROTRON 'NSLS BEAMLINE X29A' NSLS X29A ? 1.1   
# 
_reflns.entry_id                     2F3L 
_reflns.observed_criterion_sigma_I   2.0 
_reflns.observed_criterion_sigma_F   2.0 
_reflns.d_resolution_low             50 
_reflns.d_resolution_high            2.11 
_reflns.number_obs                   9861 
_reflns.number_all                   11820 
_reflns.percent_possible_obs         90.0 
_reflns.pdbx_Rmerge_I_obs            0.076 
_reflns.pdbx_Rsym_value              0.076 
_reflns.pdbx_netI_over_sigmaI        25.2 
_reflns.B_iso_Wilson_estimate        ? 
_reflns.pdbx_redundancy              6.2 
_reflns.R_free_details               ? 
_reflns.limit_h_max                  ? 
_reflns.limit_h_min                  ? 
_reflns.limit_k_max                  ? 
_reflns.limit_k_min                  ? 
_reflns.limit_l_max                  ? 
_reflns.limit_l_min                  ? 
_reflns.observed_criterion_F_max     ? 
_reflns.observed_criterion_F_min     ? 
_reflns.pdbx_chi_squared             ? 
_reflns.pdbx_scaling_rejects         ? 
_reflns.pdbx_diffrn_id               1,2 
_reflns.pdbx_ordinal                 1 
# 
_reflns_shell.d_res_high             2.11 
_reflns_shell.d_res_low              2.18 
_reflns_shell.percent_possible_all   57.1 
_reflns_shell.Rmerge_I_obs           0.218 
_reflns_shell.pdbx_Rsym_value        0.218 
_reflns_shell.meanI_over_sigI_obs    3.56 
_reflns_shell.pdbx_redundancy        3.9 
_reflns_shell.percent_possible_obs   ? 
_reflns_shell.number_unique_all      613 
_reflns_shell.number_measured_all    ? 
_reflns_shell.number_measured_obs    ? 
_reflns_shell.number_unique_obs      ? 
_reflns_shell.pdbx_chi_squared       ? 
_reflns_shell.pdbx_diffrn_id         ? 
_reflns_shell.pdbx_ordinal           1 
# 
_refine.entry_id                                 2F3L 
_refine.ls_number_reflns_obs                     9549 
_refine.ls_number_reflns_all                     9835 
_refine.pdbx_ls_sigma_I                          2.0 
_refine.pdbx_ls_sigma_F                          2.0 
_refine.pdbx_data_cutoff_high_absF               ? 
_refine.pdbx_data_cutoff_low_absF                ? 
_refine.pdbx_data_cutoff_high_rms_absF           ? 
_refine.ls_d_res_low                             50 
_refine.ls_d_res_high                            2.11 
_refine.ls_percent_reflns_obs                    85.1 
_refine.ls_R_factor_obs                          0.2168 
_refine.ls_R_factor_all                          0.2168 
_refine.ls_R_factor_R_work                       0.2168 
_refine.ls_R_factor_R_free                       0.2508 
_refine.ls_R_factor_R_free_error                 ? 
_refine.ls_R_factor_R_free_error_details         ? 
_refine.ls_percent_reflns_R_free                 ? 
_refine.ls_number_reflns_R_free                  485 
_refine.ls_number_parameters                     ? 
_refine.ls_number_restraints                     ? 
_refine.occupancy_min                            ? 
_refine.occupancy_max                            ? 
_refine.correlation_coeff_Fo_to_Fc               ? 
_refine.correlation_coeff_Fo_to_Fc_free          ? 
_refine.B_iso_mean                               ? 
_refine.aniso_B[1][1]                            -8.311 
_refine.aniso_B[2][2]                            -8.311 
_refine.aniso_B[3][3]                            16.621 
_refine.aniso_B[1][2]                            -2.328 
_refine.aniso_B[1][3]                            0 
_refine.aniso_B[2][3]                            0 
_refine.solvent_model_details                    ? 
_refine.solvent_model_param_ksol                 ? 
_refine.solvent_model_param_bsol                 ? 
_refine.pdbx_solvent_vdw_probe_radii             ? 
_refine.pdbx_solvent_ion_probe_radii             ? 
_refine.pdbx_solvent_shrinkage_radii             ? 
_refine.pdbx_ls_cross_valid_method               random 
_refine.details                                  ? 
_refine.pdbx_starting_model                      ? 
_refine.pdbx_method_to_determine_struct          SAD 
_refine.pdbx_isotropic_thermal_model             ? 
_refine.pdbx_stereochemistry_target_values       'Engh & Huber' 
_refine.pdbx_stereochem_target_val_spec_case     ? 
_refine.pdbx_R_Free_selection_details            random 
_refine.pdbx_overall_ESU_R                       ? 
_refine.pdbx_overall_ESU_R_Free                  ? 
_refine.overall_SU_ML                            ? 
_refine.overall_SU_B                             ? 
_refine.ls_redundancy_reflns_obs                 ? 
_refine.B_iso_min                                ? 
_refine.B_iso_max                                ? 
_refine.overall_SU_R_Cruickshank_DPI             ? 
_refine.overall_SU_R_free                        ? 
_refine.ls_wR_factor_R_free                      ? 
_refine.ls_wR_factor_R_work                      ? 
_refine.overall_FOM_free_R_set                   ? 
_refine.overall_FOM_work_R_set                   ? 
_refine.pdbx_refine_id                           'X-RAY DIFFRACTION' 
_refine.pdbx_diffrn_id                           1 
_refine.pdbx_TLS_residual_ADP_flag               ? 
_refine.pdbx_overall_phase_error                 ? 
_refine.pdbx_overall_SU_R_free_Cruickshank_DPI   ? 
_refine.pdbx_overall_SU_R_Blow_DPI               ? 
_refine.pdbx_overall_SU_R_free_Blow_DPI          ? 
# 
_refine_hist.pdbx_refine_id                   'X-RAY DIFFRACTION' 
_refine_hist.cycle_id                         LAST 
_refine_hist.pdbx_number_atoms_protein        988 
_refine_hist.pdbx_number_atoms_nucleic_acid   0 
_refine_hist.pdbx_number_atoms_ligand         0 
_refine_hist.number_atoms_solvent             25 
_refine_hist.number_atoms_total               1013 
_refine_hist.d_res_high                       2.11 
_refine_hist.d_res_low                        50 
# 
loop_
_refine_ls_restr.type 
_refine_ls_restr.dev_ideal 
_refine_ls_restr.dev_ideal_target 
_refine_ls_restr.weight 
_refine_ls_restr.number 
_refine_ls_restr.pdbx_refine_id 
_refine_ls_restr.pdbx_restraint_function 
c_bond_d    .006188 ? ? ? 'X-RAY DIFFRACTION' ? 
c_angle_deg 1.00337 ? ? ? 'X-RAY DIFFRACTION' ? 
# 
_struct.entry_id                  2F3L 
_struct.title                     
'Crystal Structure of a Lumenal Rfr-domain protein (Contig83.1_1_243_746) from Cyanothece sp. 51142 at 2.1 Angstrom resolution.' 
_struct.pdbx_model_details        ? 
_struct.pdbx_CASP_flag            ? 
_struct.pdbx_model_type_details   ? 
# 
_struct_keywords.entry_id        2F3L 
_struct_keywords.pdbx_keywords   'UNKNOWN FUNCTION' 
_struct_keywords.text            'Beta Helix, UNKNOWN FUNCTION' 
# 
loop_
_struct_asym.id 
_struct_asym.pdbx_blank_PDB_chainid_flag 
_struct_asym.pdbx_modified 
_struct_asym.entity_id 
_struct_asym.details 
A N N 1 ? 
B N N 2 ? 
# 
_struct_ref.id                         1 
_struct_ref.entity_id                  1 
_struct_ref.db_name                    PDB 
_struct_ref.db_code                    2F3L 
_struct_ref.pdbx_db_accession          2F3L 
_struct_ref.pdbx_db_isoform            ? 
_struct_ref.pdbx_seq_one_letter_code   ? 
_struct_ref.pdbx_align_begin           ? 
# 
_struct_ref_seq.align_id                      1 
_struct_ref_seq.ref_id                        1 
_struct_ref_seq.pdbx_PDB_id_code              2F3L 
_struct_ref_seq.pdbx_strand_id                A 
_struct_ref_seq.seq_align_beg                 1 
_struct_ref_seq.pdbx_seq_align_beg_ins_code   ? 
_struct_ref_seq.seq_align_end                 184 
_struct_ref_seq.pdbx_seq_align_end_ins_code   ? 
_struct_ref_seq.pdbx_db_accession             2F3L 
_struct_ref_seq.db_align_beg                  -44 
_struct_ref_seq.pdbx_db_align_beg_ins_code    ? 
_struct_ref_seq.db_align_end                  139 
_struct_ref_seq.pdbx_db_align_end_ins_code    ? 
_struct_ref_seq.pdbx_auth_seq_align_beg       -44 
_struct_ref_seq.pdbx_auth_seq_align_end       139 
# 
_pdbx_struct_assembly.id                   1 
_pdbx_struct_assembly.details              author_defined_assembly 
_pdbx_struct_assembly.method_details       ? 
_pdbx_struct_assembly.oligomeric_details   monomeric 
_pdbx_struct_assembly.oligomeric_count     1 
# 
_pdbx_struct_assembly_gen.assembly_id       1 
_pdbx_struct_assembly_gen.oper_expression   1 
_pdbx_struct_assembly_gen.asym_id_list      A,B 
# 
_pdbx_struct_oper_list.id                   1 
_pdbx_struct_oper_list.type                 'identity operation' 
_pdbx_struct_oper_list.name                 1_555 
_pdbx_struct_oper_list.symmetry_operation   x,y,z 
_pdbx_struct_oper_list.matrix[1][1]         1.0000000000 
_pdbx_struct_oper_list.matrix[1][2]         0.0000000000 
_pdbx_struct_oper_list.matrix[1][3]         0.0000000000 
_pdbx_struct_oper_list.vector[1]            0.0000000000 
_pdbx_struct_oper_list.matrix[2][1]         0.0000000000 
_pdbx_struct_oper_list.matrix[2][2]         1.0000000000 
_pdbx_struct_oper_list.matrix[2][3]         0.0000000000 
_pdbx_struct_oper_list.vector[2]            0.0000000000 
_pdbx_struct_oper_list.matrix[3][1]         0.0000000000 
_pdbx_struct_oper_list.matrix[3][2]         0.0000000000 
_pdbx_struct_oper_list.matrix[3][3]         1.0000000000 
_pdbx_struct_oper_list.vector[3]            0.0000000000 
# 
_struct_biol.id                    1 
_struct_biol.details               ? 
_struct_biol.pdbx_parent_biol_id   ? 
# 
loop_
_struct_conf.conf_type_id 
_struct_conf.id 
_struct_conf.pdbx_PDB_helix_id 
_struct_conf.beg_label_comp_id 
_struct_conf.beg_label_asym_id 
_struct_conf.beg_label_seq_id 
_struct_conf.pdbx_beg_PDB_ins_code 
_struct_conf.end_label_comp_id 
_struct_conf.end_label_asym_id 
_struct_conf.end_label_seq_id 
_struct_conf.pdbx_end_PDB_ins_code 
_struct_conf.beg_auth_comp_id 
_struct_conf.beg_auth_asym_id 
_struct_conf.beg_auth_seq_id 
_struct_conf.end_auth_comp_id 
_struct_conf.end_auth_asym_id 
_struct_conf.end_auth_seq_id 
_struct_conf.pdbx_PDB_helix_class 
_struct_conf.details 
_struct_conf.pdbx_PDB_helix_length 
HELX_P HELX_P1 1 ASP A 155 ? ASP A 164 ? ASP A 110 ASP A 119 1 ? 10 
HELX_P HELX_P2 2 SER A 176 ? LEU A 181 ? SER A 131 LEU A 136 1 ? 6  
# 
_struct_conf_type.id          HELX_P 
_struct_conf_type.criteria    ? 
_struct_conf_type.reference   ? 
# 
loop_
_struct_conn.id 
_struct_conn.conn_type_id 
_struct_conn.pdbx_leaving_atom_flag 
_struct_conn.pdbx_PDB_id 
_struct_conn.ptnr1_label_asym_id 
_struct_conn.ptnr1_label_comp_id 
_struct_conn.ptnr1_label_seq_id 
_struct_conn.ptnr1_label_atom_id 
_struct_conn.pdbx_ptnr1_label_alt_id 
_struct_conn.pdbx_ptnr1_PDB_ins_code 
_struct_conn.pdbx_ptnr1_standard_comp_id 
_struct_conn.ptnr1_symmetry 
_struct_conn.ptnr2_label_asym_id 
_struct_conn.ptnr2_label_comp_id 
_struct_conn.ptnr2_label_seq_id 
_struct_conn.ptnr2_label_atom_id 
_struct_conn.pdbx_ptnr2_label_alt_id 
_struct_conn.pdbx_ptnr2_PDB_ins_code 
_struct_conn.ptnr1_auth_asym_id 
_struct_conn.ptnr1_auth_comp_id 
_struct_conn.ptnr1_auth_seq_id 
_struct_conn.ptnr2_auth_asym_id 
_struct_conn.ptnr2_auth_comp_id 
_struct_conn.ptnr2_auth_seq_id 
_struct_conn.ptnr2_symmetry 
_struct_conn.pdbx_ptnr3_label_atom_id 
_struct_conn.pdbx_ptnr3_label_seq_id 
_struct_conn.pdbx_ptnr3_label_comp_id 
_struct_conn.pdbx_ptnr3_label_asym_id 
_struct_conn.pdbx_ptnr3_label_alt_id 
_struct_conn.pdbx_ptnr3_PDB_ins_code 
_struct_conn.details 
_struct_conn.pdbx_dist_value 
_struct_conn.pdbx_value_order 
_struct_conn.pdbx_role 
disulf1 disulf ?    ? A CYS 163 SG ? ? ? 1_555 A CYS 183 SG ? ? A CYS 118 A CYS 138 1_555 ? ? ? ? ? ? ? 2.032 ? ? 
covale1 covale both ? A ILE 133 C  ? ? ? 1_555 A MSE 134 N  ? ? A ILE 88  A MSE 89  1_555 ? ? ? ? ? ? ? 1.326 ? ? 
covale2 covale both ? A MSE 134 C  ? ? ? 1_555 A MSE 135 N  ? ? A MSE 89  A MSE 90  1_555 ? ? ? ? ? ? ? 1.325 ? ? 
covale3 covale both ? A MSE 135 C  ? ? ? 1_555 A ARG 136 N  ? ? A MSE 90  A ARG 91  1_555 ? ? ? ? ? ? ? 1.331 ? ? 
# 
loop_
_struct_conn_type.id 
_struct_conn_type.criteria 
_struct_conn_type.reference 
disulf ? ? 
covale ? ? 
# 
loop_
_pdbx_modification_feature.ordinal 
_pdbx_modification_feature.label_comp_id 
_pdbx_modification_feature.label_asym_id 
_pdbx_modification_feature.label_seq_id 
_pdbx_modification_feature.label_alt_id 
_pdbx_modification_feature.modified_residue_label_comp_id 
_pdbx_modification_feature.modified_residue_label_asym_id 
_pdbx_modification_feature.modified_residue_label_seq_id 
_pdbx_modification_feature.modified_residue_label_alt_id 
_pdbx_modification_feature.auth_comp_id 
_pdbx_modification_feature.auth_asym_id 
_pdbx_modification_feature.auth_seq_id 
_pdbx_modification_feature.PDB_ins_code 
_pdbx_modification_feature.symmetry 
_pdbx_modification_feature.modified_residue_auth_comp_id 
_pdbx_modification_feature.modified_residue_auth_asym_id 
_pdbx_modification_feature.modified_residue_auth_seq_id 
_pdbx_modification_feature.modified_residue_PDB_ins_code 
_pdbx_modification_feature.modified_residue_symmetry 
_pdbx_modification_feature.comp_id_linking_atom 
_pdbx_modification_feature.modified_residue_id_linking_atom 
_pdbx_modification_feature.modified_residue_id 
_pdbx_modification_feature.ref_pcm_id 
_pdbx_modification_feature.ref_comp_id 
_pdbx_modification_feature.type 
_pdbx_modification_feature.category 
1 MSE A 134 ? .   . .   . MSE A 89  ? 1_555 .   . .   . .     .  .  MET 1 MSE Selenomethionine 'Named protein modification' 
2 MSE A 135 ? .   . .   . MSE A 90  ? 1_555 .   . .   . .     .  .  MET 1 MSE Selenomethionine 'Named protein modification' 
3 CYS A 163 ? CYS A 183 ? CYS A 118 ? 1_555 CYS A 138 ? 1_555 SG SG .   . .   None             'Disulfide bridge'           
# 
_struct_sheet.id               A 
_struct_sheet.type             ? 
_struct_sheet.number_strands   6 
_struct_sheet.details          ? 
# 
loop_
_struct_sheet_order.sheet_id 
_struct_sheet_order.range_id_1 
_struct_sheet_order.range_id_2 
_struct_sheet_order.offset 
_struct_sheet_order.sense 
A 1 2 ? parallel 
A 2 3 ? parallel 
A 3 4 ? parallel 
A 4 5 ? parallel 
A 5 6 ? parallel 
# 
loop_
_struct_sheet_range.sheet_id 
_struct_sheet_range.id 
_struct_sheet_range.beg_label_comp_id 
_struct_sheet_range.beg_label_asym_id 
_struct_sheet_range.beg_label_seq_id 
_struct_sheet_range.pdbx_beg_PDB_ins_code 
_struct_sheet_range.end_label_comp_id 
_struct_sheet_range.end_label_asym_id 
_struct_sheet_range.end_label_seq_id 
_struct_sheet_range.pdbx_end_PDB_ins_code 
_struct_sheet_range.beg_auth_comp_id 
_struct_sheet_range.beg_auth_asym_id 
_struct_sheet_range.beg_auth_seq_id 
_struct_sheet_range.end_auth_comp_id 
_struct_sheet_range.end_auth_asym_id 
_struct_sheet_range.end_auth_seq_id 
A 1 SER A 53  ? GLU A 55  ? SER A 8   GLU A 10  
A 2 GLN A 73  ? THR A 75  ? GLN A 28  THR A 30  
A 3 VAL A 93  ? ASN A 95  ? VAL A 48  ASN A 50  
A 4 LEU A 113 ? SER A 118 ? LEU A 68  SER A 73  
A 5 ILE A 133 ? LYS A 138 ? ILE A 88  LYS A 93  
A 6 VAL A 153 ? LEU A 154 ? VAL A 108 LEU A 109 
# 
loop_
_pdbx_struct_sheet_hbond.sheet_id 
_pdbx_struct_sheet_hbond.range_id_1 
_pdbx_struct_sheet_hbond.range_id_2 
_pdbx_struct_sheet_hbond.range_1_label_atom_id 
_pdbx_struct_sheet_hbond.range_1_label_comp_id 
_pdbx_struct_sheet_hbond.range_1_label_asym_id 
_pdbx_struct_sheet_hbond.range_1_label_seq_id 
_pdbx_struct_sheet_hbond.range_1_PDB_ins_code 
_pdbx_struct_sheet_hbond.range_1_auth_atom_id 
_pdbx_struct_sheet_hbond.range_1_auth_comp_id 
_pdbx_struct_sheet_hbond.range_1_auth_asym_id 
_pdbx_struct_sheet_hbond.range_1_auth_seq_id 
_pdbx_struct_sheet_hbond.range_2_label_atom_id 
_pdbx_struct_sheet_hbond.range_2_label_comp_id 
_pdbx_struct_sheet_hbond.range_2_label_asym_id 
_pdbx_struct_sheet_hbond.range_2_label_seq_id 
_pdbx_struct_sheet_hbond.range_2_PDB_ins_code 
_pdbx_struct_sheet_hbond.range_2_auth_atom_id 
_pdbx_struct_sheet_hbond.range_2_auth_comp_id 
_pdbx_struct_sheet_hbond.range_2_auth_asym_id 
_pdbx_struct_sheet_hbond.range_2_auth_seq_id 
A 1 2 N TYR A 54  ? N TYR A 9  O GLN A 73  ? O GLN A 28  
A 2 3 N PHE A 74  ? N PHE A 29 O VAL A 93  ? O VAL A 48  
A 3 4 N PHE A 94  ? N PHE A 49 O LEU A 113 ? O LEU A 68  
A 4 5 N ALA A 114 ? N ALA A 69 O ILE A 133 ? O ILE A 88  
A 5 6 N MSE A 134 ? N MSE A 89 O VAL A 153 ? O VAL A 108 
# 
_pdbx_entry_details.entry_id                   2F3L 
_pdbx_entry_details.compound_details           ? 
_pdbx_entry_details.source_details             ? 
_pdbx_entry_details.nonpolymer_details         ? 
_pdbx_entry_details.sequence_details           ? 
_pdbx_entry_details.has_ligand_of_interest     ? 
_pdbx_entry_details.has_protein_modification   Y 
# 
loop_
_pdbx_validate_torsion.id 
_pdbx_validate_torsion.PDB_model_num 
_pdbx_validate_torsion.auth_comp_id 
_pdbx_validate_torsion.auth_asym_id 
_pdbx_validate_torsion.auth_seq_id 
_pdbx_validate_torsion.PDB_ins_code 
_pdbx_validate_torsion.label_alt_id 
_pdbx_validate_torsion.phi 
_pdbx_validate_torsion.psi 
1 1 LEU A 14 ? ? -113.13 69.36 
2 1 TYR A 26 ? ? 58.87   14.34 
3 1 ASP A 36 ? ? 56.38   19.32 
4 1 LEU A 54 ? ? -106.58 53.22 
# 
loop_
_pdbx_struct_mod_residue.id 
_pdbx_struct_mod_residue.label_asym_id 
_pdbx_struct_mod_residue.label_comp_id 
_pdbx_struct_mod_residue.label_seq_id 
_pdbx_struct_mod_residue.auth_asym_id 
_pdbx_struct_mod_residue.auth_comp_id 
_pdbx_struct_mod_residue.auth_seq_id 
_pdbx_struct_mod_residue.PDB_ins_code 
_pdbx_struct_mod_residue.parent_comp_id 
_pdbx_struct_mod_residue.details 
1 A MSE 134 A MSE 89 ? MET SELENOMETHIONINE 
2 A MSE 135 A MSE 90 ? MET SELENOMETHIONINE 
# 
_pdbx_database_remark.id     999 
_pdbx_database_remark.text   
;SEQUENCE 
NO SUITABLE SEQUENCE DATABASE REFERENCE WAS AVAILABLE  
AT THE TIME OF PROCESSING THIS FILE.  

;
# 
loop_
_pdbx_unobs_or_zero_occ_residues.id 
_pdbx_unobs_or_zero_occ_residues.PDB_model_num 
_pdbx_unobs_or_zero_occ_residues.polymer_flag 
_pdbx_unobs_or_zero_occ_residues.occupancy_flag 
_pdbx_unobs_or_zero_occ_residues.auth_asym_id 
_pdbx_unobs_or_zero_occ_residues.auth_comp_id 
_pdbx_unobs_or_zero_occ_residues.auth_seq_id 
_pdbx_unobs_or_zero_occ_residues.PDB_ins_code 
_pdbx_unobs_or_zero_occ_residues.label_asym_id 
_pdbx_unobs_or_zero_occ_residues.label_comp_id 
_pdbx_unobs_or_zero_occ_residues.label_seq_id 
1  1 Y 1 A MSE -44 ? A MSE 1   
2  1 Y 1 A HIS -43 ? A HIS 2   
3  1 Y 1 A HIS -42 ? A HIS 3   
4  1 Y 1 A HIS -41 ? A HIS 4   
5  1 Y 1 A HIS -40 ? A HIS 5   
6  1 Y 1 A HIS -39 ? A HIS 6   
7  1 Y 1 A HIS -38 ? A HIS 7   
8  1 Y 1 A SER -37 ? A SER 8   
9  1 Y 1 A SER -36 ? A SER 9   
10 1 Y 1 A GLY -35 ? A GLY 10  
11 1 Y 1 A LEU -34 ? A LEU 11  
12 1 Y 1 A VAL -33 ? A VAL 12  
13 1 Y 1 A PRO -32 ? A PRO 13  
14 1 Y 1 A ARG -31 ? A ARG 14  
15 1 Y 1 A GLY -30 ? A GLY 15  
16 1 Y 1 A SER -29 ? A SER 16  
17 1 Y 1 A GLY -28 ? A GLY 17  
18 1 Y 1 A MSE -27 ? A MSE 18  
19 1 Y 1 A LYS -26 ? A LYS 19  
20 1 Y 1 A GLU -25 ? A GLU 20  
21 1 Y 1 A THR -24 ? A THR 21  
22 1 Y 1 A ALA -23 ? A ALA 22  
23 1 Y 1 A ALA -22 ? A ALA 23  
24 1 Y 1 A LYS -21 ? A LYS 24  
25 1 Y 1 A PHE -20 ? A PHE 25  
26 1 Y 1 A GLU -19 ? A GLU 26  
27 1 Y 1 A ARG -18 ? A ARG 27  
28 1 Y 1 A GLN -17 ? A GLN 28  
29 1 Y 1 A HIS -16 ? A HIS 29  
30 1 Y 1 A MSE -15 ? A MSE 30  
31 1 Y 1 A ASP -14 ? A ASP 31  
32 1 Y 1 A SER -13 ? A SER 32  
33 1 Y 1 A PRO -12 ? A PRO 33  
34 1 Y 1 A ASP -11 ? A ASP 34  
35 1 Y 1 A LEU -10 ? A LEU 35  
36 1 Y 1 A GLY -9  ? A GLY 36  
37 1 Y 1 A THR -8  ? A THR 37  
38 1 Y 1 A ASP -7  ? A ASP 38  
39 1 Y 1 A ASP -6  ? A ASP 39  
40 1 Y 1 A ASP -5  ? A ASP 40  
41 1 Y 1 A ASP -4  ? A ASP 41  
42 1 Y 1 A LYS -3  ? A LYS 42  
43 1 Y 1 A ALA -2  ? A ALA 43  
44 1 Y 1 A MSE -1  ? A MSE 44  
45 1 Y 1 A ALA 0   ? A ALA 45  
46 1 Y 1 A MSE 1   ? A MSE 46  
47 1 Y 1 A VAL 2   ? A VAL 47  
48 1 Y 1 A THR 3   ? A THR 48  
49 1 Y 1 A GLY 4   ? A GLY 49  
50 1 Y 1 A SER 5   ? A SER 50  
51 1 Y 1 A SER 6   ? A SER 51  
52 1 Y 1 A GLN 139 ? A GLN 184 
# 
loop_
_chem_comp_atom.comp_id 
_chem_comp_atom.atom_id 
_chem_comp_atom.type_symbol 
_chem_comp_atom.pdbx_aromatic_flag 
_chem_comp_atom.pdbx_stereo_config 
_chem_comp_atom.pdbx_ordinal 
ALA N    N  N N 1   
ALA CA   C  N S 2   
ALA C    C  N N 3   
ALA O    O  N N 4   
ALA CB   C  N N 5   
ALA OXT  O  N N 6   
ALA H    H  N N 7   
ALA H2   H  N N 8   
ALA HA   H  N N 9   
ALA HB1  H  N N 10  
ALA HB2  H  N N 11  
ALA HB3  H  N N 12  
ALA HXT  H  N N 13  
ARG N    N  N N 14  
ARG CA   C  N S 15  
ARG C    C  N N 16  
ARG O    O  N N 17  
ARG CB   C  N N 18  
ARG CG   C  N N 19  
ARG CD   C  N N 20  
ARG NE   N  N N 21  
ARG CZ   C  N N 22  
ARG NH1  N  N N 23  
ARG NH2  N  N N 24  
ARG OXT  O  N N 25  
ARG H    H  N N 26  
ARG H2   H  N N 27  
ARG HA   H  N N 28  
ARG HB2  H  N N 29  
ARG HB3  H  N N 30  
ARG HG2  H  N N 31  
ARG HG3  H  N N 32  
ARG HD2  H  N N 33  
ARG HD3  H  N N 34  
ARG HE   H  N N 35  
ARG HH11 H  N N 36  
ARG HH12 H  N N 37  
ARG HH21 H  N N 38  
ARG HH22 H  N N 39  
ARG HXT  H  N N 40  
ASN N    N  N N 41  
ASN CA   C  N S 42  
ASN C    C  N N 43  
ASN O    O  N N 44  
ASN CB   C  N N 45  
ASN CG   C  N N 46  
ASN OD1  O  N N 47  
ASN ND2  N  N N 48  
ASN OXT  O  N N 49  
ASN H    H  N N 50  
ASN H2   H  N N 51  
ASN HA   H  N N 52  
ASN HB2  H  N N 53  
ASN HB3  H  N N 54  
ASN HD21 H  N N 55  
ASN HD22 H  N N 56  
ASN HXT  H  N N 57  
ASP N    N  N N 58  
ASP CA   C  N S 59  
ASP C    C  N N 60  
ASP O    O  N N 61  
ASP CB   C  N N 62  
ASP CG   C  N N 63  
ASP OD1  O  N N 64  
ASP OD2  O  N N 65  
ASP OXT  O  N N 66  
ASP H    H  N N 67  
ASP H2   H  N N 68  
ASP HA   H  N N 69  
ASP HB2  H  N N 70  
ASP HB3  H  N N 71  
ASP HD2  H  N N 72  
ASP HXT  H  N N 73  
CYS N    N  N N 74  
CYS CA   C  N R 75  
CYS C    C  N N 76  
CYS O    O  N N 77  
CYS CB   C  N N 78  
CYS SG   S  N N 79  
CYS OXT  O  N N 80  
CYS H    H  N N 81  
CYS H2   H  N N 82  
CYS HA   H  N N 83  
CYS HB2  H  N N 84  
CYS HB3  H  N N 85  
CYS HG   H  N N 86  
CYS HXT  H  N N 87  
GLN N    N  N N 88  
GLN CA   C  N S 89  
GLN C    C  N N 90  
GLN O    O  N N 91  
GLN CB   C  N N 92  
GLN CG   C  N N 93  
GLN CD   C  N N 94  
GLN OE1  O  N N 95  
GLN NE2  N  N N 96  
GLN OXT  O  N N 97  
GLN H    H  N N 98  
GLN H2   H  N N 99  
GLN HA   H  N N 100 
GLN HB2  H  N N 101 
GLN HB3  H  N N 102 
GLN HG2  H  N N 103 
GLN HG3  H  N N 104 
GLN HE21 H  N N 105 
GLN HE22 H  N N 106 
GLN HXT  H  N N 107 
GLU N    N  N N 108 
GLU CA   C  N S 109 
GLU C    C  N N 110 
GLU O    O  N N 111 
GLU CB   C  N N 112 
GLU CG   C  N N 113 
GLU CD   C  N N 114 
GLU OE1  O  N N 115 
GLU OE2  O  N N 116 
GLU OXT  O  N N 117 
GLU H    H  N N 118 
GLU H2   H  N N 119 
GLU HA   H  N N 120 
GLU HB2  H  N N 121 
GLU HB3  H  N N 122 
GLU HG2  H  N N 123 
GLU HG3  H  N N 124 
GLU HE2  H  N N 125 
GLU HXT  H  N N 126 
GLY N    N  N N 127 
GLY CA   C  N N 128 
GLY C    C  N N 129 
GLY O    O  N N 130 
GLY OXT  O  N N 131 
GLY H    H  N N 132 
GLY H2   H  N N 133 
GLY HA2  H  N N 134 
GLY HA3  H  N N 135 
GLY HXT  H  N N 136 
HIS N    N  N N 137 
HIS CA   C  N S 138 
HIS C    C  N N 139 
HIS O    O  N N 140 
HIS CB   C  N N 141 
HIS CG   C  Y N 142 
HIS ND1  N  Y N 143 
HIS CD2  C  Y N 144 
HIS CE1  C  Y N 145 
HIS NE2  N  Y N 146 
HIS OXT  O  N N 147 
HIS H    H  N N 148 
HIS H2   H  N N 149 
HIS HA   H  N N 150 
HIS HB2  H  N N 151 
HIS HB3  H  N N 152 
HIS HD1  H  N N 153 
HIS HD2  H  N N 154 
HIS HE1  H  N N 155 
HIS HE2  H  N N 156 
HIS HXT  H  N N 157 
HOH O    O  N N 158 
HOH H1   H  N N 159 
HOH H2   H  N N 160 
ILE N    N  N N 161 
ILE CA   C  N S 162 
ILE C    C  N N 163 
ILE O    O  N N 164 
ILE CB   C  N S 165 
ILE CG1  C  N N 166 
ILE CG2  C  N N 167 
ILE CD1  C  N N 168 
ILE OXT  O  N N 169 
ILE H    H  N N 170 
ILE H2   H  N N 171 
ILE HA   H  N N 172 
ILE HB   H  N N 173 
ILE HG12 H  N N 174 
ILE HG13 H  N N 175 
ILE HG21 H  N N 176 
ILE HG22 H  N N 177 
ILE HG23 H  N N 178 
ILE HD11 H  N N 179 
ILE HD12 H  N N 180 
ILE HD13 H  N N 181 
ILE HXT  H  N N 182 
LEU N    N  N N 183 
LEU CA   C  N S 184 
LEU C    C  N N 185 
LEU O    O  N N 186 
LEU CB   C  N N 187 
LEU CG   C  N N 188 
LEU CD1  C  N N 189 
LEU CD2  C  N N 190 
LEU OXT  O  N N 191 
LEU H    H  N N 192 
LEU H2   H  N N 193 
LEU HA   H  N N 194 
LEU HB2  H  N N 195 
LEU HB3  H  N N 196 
LEU HG   H  N N 197 
LEU HD11 H  N N 198 
LEU HD12 H  N N 199 
LEU HD13 H  N N 200 
LEU HD21 H  N N 201 
LEU HD22 H  N N 202 
LEU HD23 H  N N 203 
LEU HXT  H  N N 204 
LYS N    N  N N 205 
LYS CA   C  N S 206 
LYS C    C  N N 207 
LYS O    O  N N 208 
LYS CB   C  N N 209 
LYS CG   C  N N 210 
LYS CD   C  N N 211 
LYS CE   C  N N 212 
LYS NZ   N  N N 213 
LYS OXT  O  N N 214 
LYS H    H  N N 215 
LYS H2   H  N N 216 
LYS HA   H  N N 217 
LYS HB2  H  N N 218 
LYS HB3  H  N N 219 
LYS HG2  H  N N 220 
LYS HG3  H  N N 221 
LYS HD2  H  N N 222 
LYS HD3  H  N N 223 
LYS HE2  H  N N 224 
LYS HE3  H  N N 225 
LYS HZ1  H  N N 226 
LYS HZ2  H  N N 227 
LYS HZ3  H  N N 228 
LYS HXT  H  N N 229 
MSE N    N  N N 230 
MSE CA   C  N S 231 
MSE C    C  N N 232 
MSE O    O  N N 233 
MSE OXT  O  N N 234 
MSE CB   C  N N 235 
MSE CG   C  N N 236 
MSE SE   SE N N 237 
MSE CE   C  N N 238 
MSE H    H  N N 239 
MSE H2   H  N N 240 
MSE HA   H  N N 241 
MSE HXT  H  N N 242 
MSE HB2  H  N N 243 
MSE HB3  H  N N 244 
MSE HG2  H  N N 245 
MSE HG3  H  N N 246 
MSE HE1  H  N N 247 
MSE HE2  H  N N 248 
MSE HE3  H  N N 249 
PHE N    N  N N 250 
PHE CA   C  N S 251 
PHE C    C  N N 252 
PHE O    O  N N 253 
PHE CB   C  N N 254 
PHE CG   C  Y N 255 
PHE CD1  C  Y N 256 
PHE CD2  C  Y N 257 
PHE CE1  C  Y N 258 
PHE CE2  C  Y N 259 
PHE CZ   C  Y N 260 
PHE OXT  O  N N 261 
PHE H    H  N N 262 
PHE H2   H  N N 263 
PHE HA   H  N N 264 
PHE HB2  H  N N 265 
PHE HB3  H  N N 266 
PHE HD1  H  N N 267 
PHE HD2  H  N N 268 
PHE HE1  H  N N 269 
PHE HE2  H  N N 270 
PHE HZ   H  N N 271 
PHE HXT  H  N N 272 
PRO N    N  N N 273 
PRO CA   C  N S 274 
PRO C    C  N N 275 
PRO O    O  N N 276 
PRO CB   C  N N 277 
PRO CG   C  N N 278 
PRO CD   C  N N 279 
PRO OXT  O  N N 280 
PRO H    H  N N 281 
PRO HA   H  N N 282 
PRO HB2  H  N N 283 
PRO HB3  H  N N 284 
PRO HG2  H  N N 285 
PRO HG3  H  N N 286 
PRO HD2  H  N N 287 
PRO HD3  H  N N 288 
PRO HXT  H  N N 289 
SER N    N  N N 290 
SER CA   C  N S 291 
SER C    C  N N 292 
SER O    O  N N 293 
SER CB   C  N N 294 
SER OG   O  N N 295 
SER OXT  O  N N 296 
SER H    H  N N 297 
SER H2   H  N N 298 
SER HA   H  N N 299 
SER HB2  H  N N 300 
SER HB3  H  N N 301 
SER HG   H  N N 302 
SER HXT  H  N N 303 
THR N    N  N N 304 
THR CA   C  N S 305 
THR C    C  N N 306 
THR O    O  N N 307 
THR CB   C  N R 308 
THR OG1  O  N N 309 
THR CG2  C  N N 310 
THR OXT  O  N N 311 
THR H    H  N N 312 
THR H2   H  N N 313 
THR HA   H  N N 314 
THR HB   H  N N 315 
THR HG1  H  N N 316 
THR HG21 H  N N 317 
THR HG22 H  N N 318 
THR HG23 H  N N 319 
THR HXT  H  N N 320 
TYR N    N  N N 321 
TYR CA   C  N S 322 
TYR C    C  N N 323 
TYR O    O  N N 324 
TYR CB   C  N N 325 
TYR CG   C  Y N 326 
TYR CD1  C  Y N 327 
TYR CD2  C  Y N 328 
TYR CE1  C  Y N 329 
TYR CE2  C  Y N 330 
TYR CZ   C  Y N 331 
TYR OH   O  N N 332 
TYR OXT  O  N N 333 
TYR H    H  N N 334 
TYR H2   H  N N 335 
TYR HA   H  N N 336 
TYR HB2  H  N N 337 
TYR HB3  H  N N 338 
TYR HD1  H  N N 339 
TYR HD2  H  N N 340 
TYR HE1  H  N N 341 
TYR HE2  H  N N 342 
TYR HH   H  N N 343 
TYR HXT  H  N N 344 
VAL N    N  N N 345 
VAL CA   C  N S 346 
VAL C    C  N N 347 
VAL O    O  N N 348 
VAL CB   C  N N 349 
VAL CG1  C  N N 350 
VAL CG2  C  N N 351 
VAL OXT  O  N N 352 
VAL H    H  N N 353 
VAL H2   H  N N 354 
VAL HA   H  N N 355 
VAL HB   H  N N 356 
VAL HG11 H  N N 357 
VAL HG12 H  N N 358 
VAL HG13 H  N N 359 
VAL HG21 H  N N 360 
VAL HG22 H  N N 361 
VAL HG23 H  N N 362 
VAL HXT  H  N N 363 
# 
loop_
_chem_comp_bond.comp_id 
_chem_comp_bond.atom_id_1 
_chem_comp_bond.atom_id_2 
_chem_comp_bond.value_order 
_chem_comp_bond.pdbx_aromatic_flag 
_chem_comp_bond.pdbx_stereo_config 
_chem_comp_bond.pdbx_ordinal 
ALA N   CA   sing N N 1   
ALA N   H    sing N N 2   
ALA N   H2   sing N N 3   
ALA CA  C    sing N N 4   
ALA CA  CB   sing N N 5   
ALA CA  HA   sing N N 6   
ALA C   O    doub N N 7   
ALA C   OXT  sing N N 8   
ALA CB  HB1  sing N N 9   
ALA CB  HB2  sing N N 10  
ALA CB  HB3  sing N N 11  
ALA OXT HXT  sing N N 12  
ARG N   CA   sing N N 13  
ARG N   H    sing N N 14  
ARG N   H2   sing N N 15  
ARG CA  C    sing N N 16  
ARG CA  CB   sing N N 17  
ARG CA  HA   sing N N 18  
ARG C   O    doub N N 19  
ARG C   OXT  sing N N 20  
ARG CB  CG   sing N N 21  
ARG CB  HB2  sing N N 22  
ARG CB  HB3  sing N N 23  
ARG CG  CD   sing N N 24  
ARG CG  HG2  sing N N 25  
ARG CG  HG3  sing N N 26  
ARG CD  NE   sing N N 27  
ARG CD  HD2  sing N N 28  
ARG CD  HD3  sing N N 29  
ARG NE  CZ   sing N N 30  
ARG NE  HE   sing N N 31  
ARG CZ  NH1  sing N N 32  
ARG CZ  NH2  doub N N 33  
ARG NH1 HH11 sing N N 34  
ARG NH1 HH12 sing N N 35  
ARG NH2 HH21 sing N N 36  
ARG NH2 HH22 sing N N 37  
ARG OXT HXT  sing N N 38  
ASN N   CA   sing N N 39  
ASN N   H    sing N N 40  
ASN N   H2   sing N N 41  
ASN CA  C    sing N N 42  
ASN CA  CB   sing N N 43  
ASN CA  HA   sing N N 44  
ASN C   O    doub N N 45  
ASN C   OXT  sing N N 46  
ASN CB  CG   sing N N 47  
ASN CB  HB2  sing N N 48  
ASN CB  HB3  sing N N 49  
ASN CG  OD1  doub N N 50  
ASN CG  ND2  sing N N 51  
ASN ND2 HD21 sing N N 52  
ASN ND2 HD22 sing N N 53  
ASN OXT HXT  sing N N 54  
ASP N   CA   sing N N 55  
ASP N   H    sing N N 56  
ASP N   H2   sing N N 57  
ASP CA  C    sing N N 58  
ASP CA  CB   sing N N 59  
ASP CA  HA   sing N N 60  
ASP C   O    doub N N 61  
ASP C   OXT  sing N N 62  
ASP CB  CG   sing N N 63  
ASP CB  HB2  sing N N 64  
ASP CB  HB3  sing N N 65  
ASP CG  OD1  doub N N 66  
ASP CG  OD2  sing N N 67  
ASP OD2 HD2  sing N N 68  
ASP OXT HXT  sing N N 69  
CYS N   CA   sing N N 70  
CYS N   H    sing N N 71  
CYS N   H2   sing N N 72  
CYS CA  C    sing N N 73  
CYS CA  CB   sing N N 74  
CYS CA  HA   sing N N 75  
CYS C   O    doub N N 76  
CYS C   OXT  sing N N 77  
CYS CB  SG   sing N N 78  
CYS CB  HB2  sing N N 79  
CYS CB  HB3  sing N N 80  
CYS SG  HG   sing N N 81  
CYS OXT HXT  sing N N 82  
GLN N   CA   sing N N 83  
GLN N   H    sing N N 84  
GLN N   H2   sing N N 85  
GLN CA  C    sing N N 86  
GLN CA  CB   sing N N 87  
GLN CA  HA   sing N N 88  
GLN C   O    doub N N 89  
GLN C   OXT  sing N N 90  
GLN CB  CG   sing N N 91  
GLN CB  HB2  sing N N 92  
GLN CB  HB3  sing N N 93  
GLN CG  CD   sing N N 94  
GLN CG  HG2  sing N N 95  
GLN CG  HG3  sing N N 96  
GLN CD  OE1  doub N N 97  
GLN CD  NE2  sing N N 98  
GLN NE2 HE21 sing N N 99  
GLN NE2 HE22 sing N N 100 
GLN OXT HXT  sing N N 101 
GLU N   CA   sing N N 102 
GLU N   H    sing N N 103 
GLU N   H2   sing N N 104 
GLU CA  C    sing N N 105 
GLU CA  CB   sing N N 106 
GLU CA  HA   sing N N 107 
GLU C   O    doub N N 108 
GLU C   OXT  sing N N 109 
GLU CB  CG   sing N N 110 
GLU CB  HB2  sing N N 111 
GLU CB  HB3  sing N N 112 
GLU CG  CD   sing N N 113 
GLU CG  HG2  sing N N 114 
GLU CG  HG3  sing N N 115 
GLU CD  OE1  doub N N 116 
GLU CD  OE2  sing N N 117 
GLU OE2 HE2  sing N N 118 
GLU OXT HXT  sing N N 119 
GLY N   CA   sing N N 120 
GLY N   H    sing N N 121 
GLY N   H2   sing N N 122 
GLY CA  C    sing N N 123 
GLY CA  HA2  sing N N 124 
GLY CA  HA3  sing N N 125 
GLY C   O    doub N N 126 
GLY C   OXT  sing N N 127 
GLY OXT HXT  sing N N 128 
HIS N   CA   sing N N 129 
HIS N   H    sing N N 130 
HIS N   H2   sing N N 131 
HIS CA  C    sing N N 132 
HIS CA  CB   sing N N 133 
HIS CA  HA   sing N N 134 
HIS C   O    doub N N 135 
HIS C   OXT  sing N N 136 
HIS CB  CG   sing N N 137 
HIS CB  HB2  sing N N 138 
HIS CB  HB3  sing N N 139 
HIS CG  ND1  sing Y N 140 
HIS CG  CD2  doub Y N 141 
HIS ND1 CE1  doub Y N 142 
HIS ND1 HD1  sing N N 143 
HIS CD2 NE2  sing Y N 144 
HIS CD2 HD2  sing N N 145 
HIS CE1 NE2  sing Y N 146 
HIS CE1 HE1  sing N N 147 
HIS NE2 HE2  sing N N 148 
HIS OXT HXT  sing N N 149 
HOH O   H1   sing N N 150 
HOH O   H2   sing N N 151 
ILE N   CA   sing N N 152 
ILE N   H    sing N N 153 
ILE N   H2   sing N N 154 
ILE CA  C    sing N N 155 
ILE CA  CB   sing N N 156 
ILE CA  HA   sing N N 157 
ILE C   O    doub N N 158 
ILE C   OXT  sing N N 159 
ILE CB  CG1  sing N N 160 
ILE CB  CG2  sing N N 161 
ILE CB  HB   sing N N 162 
ILE CG1 CD1  sing N N 163 
ILE CG1 HG12 sing N N 164 
ILE CG1 HG13 sing N N 165 
ILE CG2 HG21 sing N N 166 
ILE CG2 HG22 sing N N 167 
ILE CG2 HG23 sing N N 168 
ILE CD1 HD11 sing N N 169 
ILE CD1 HD12 sing N N 170 
ILE CD1 HD13 sing N N 171 
ILE OXT HXT  sing N N 172 
LEU N   CA   sing N N 173 
LEU N   H    sing N N 174 
LEU N   H2   sing N N 175 
LEU CA  C    sing N N 176 
LEU CA  CB   sing N N 177 
LEU CA  HA   sing N N 178 
LEU C   O    doub N N 179 
LEU C   OXT  sing N N 180 
LEU CB  CG   sing N N 181 
LEU CB  HB2  sing N N 182 
LEU CB  HB3  sing N N 183 
LEU CG  CD1  sing N N 184 
LEU CG  CD2  sing N N 185 
LEU CG  HG   sing N N 186 
LEU CD1 HD11 sing N N 187 
LEU CD1 HD12 sing N N 188 
LEU CD1 HD13 sing N N 189 
LEU CD2 HD21 sing N N 190 
LEU CD2 HD22 sing N N 191 
LEU CD2 HD23 sing N N 192 
LEU OXT HXT  sing N N 193 
LYS N   CA   sing N N 194 
LYS N   H    sing N N 195 
LYS N   H2   sing N N 196 
LYS CA  C    sing N N 197 
LYS CA  CB   sing N N 198 
LYS CA  HA   sing N N 199 
LYS C   O    doub N N 200 
LYS C   OXT  sing N N 201 
LYS CB  CG   sing N N 202 
LYS CB  HB2  sing N N 203 
LYS CB  HB3  sing N N 204 
LYS CG  CD   sing N N 205 
LYS CG  HG2  sing N N 206 
LYS CG  HG3  sing N N 207 
LYS CD  CE   sing N N 208 
LYS CD  HD2  sing N N 209 
LYS CD  HD3  sing N N 210 
LYS CE  NZ   sing N N 211 
LYS CE  HE2  sing N N 212 
LYS CE  HE3  sing N N 213 
LYS NZ  HZ1  sing N N 214 
LYS NZ  HZ2  sing N N 215 
LYS NZ  HZ3  sing N N 216 
LYS OXT HXT  sing N N 217 
MSE N   CA   sing N N 218 
MSE N   H    sing N N 219 
MSE N   H2   sing N N 220 
MSE CA  C    sing N N 221 
MSE CA  CB   sing N N 222 
MSE CA  HA   sing N N 223 
MSE C   O    doub N N 224 
MSE C   OXT  sing N N 225 
MSE OXT HXT  sing N N 226 
MSE CB  CG   sing N N 227 
MSE CB  HB2  sing N N 228 
MSE CB  HB3  sing N N 229 
MSE CG  SE   sing N N 230 
MSE CG  HG2  sing N N 231 
MSE CG  HG3  sing N N 232 
MSE SE  CE   sing N N 233 
MSE CE  HE1  sing N N 234 
MSE CE  HE2  sing N N 235 
MSE CE  HE3  sing N N 236 
PHE N   CA   sing N N 237 
PHE N   H    sing N N 238 
PHE N   H2   sing N N 239 
PHE CA  C    sing N N 240 
PHE CA  CB   sing N N 241 
PHE CA  HA   sing N N 242 
PHE C   O    doub N N 243 
PHE C   OXT  sing N N 244 
PHE CB  CG   sing N N 245 
PHE CB  HB2  sing N N 246 
PHE CB  HB3  sing N N 247 
PHE CG  CD1  doub Y N 248 
PHE CG  CD2  sing Y N 249 
PHE CD1 CE1  sing Y N 250 
PHE CD1 HD1  sing N N 251 
PHE CD2 CE2  doub Y N 252 
PHE CD2 HD2  sing N N 253 
PHE CE1 CZ   doub Y N 254 
PHE CE1 HE1  sing N N 255 
PHE CE2 CZ   sing Y N 256 
PHE CE2 HE2  sing N N 257 
PHE CZ  HZ   sing N N 258 
PHE OXT HXT  sing N N 259 
PRO N   CA   sing N N 260 
PRO N   CD   sing N N 261 
PRO N   H    sing N N 262 
PRO CA  C    sing N N 263 
PRO CA  CB   sing N N 264 
PRO CA  HA   sing N N 265 
PRO C   O    doub N N 266 
PRO C   OXT  sing N N 267 
PRO CB  CG   sing N N 268 
PRO CB  HB2  sing N N 269 
PRO CB  HB3  sing N N 270 
PRO CG  CD   sing N N 271 
PRO CG  HG2  sing N N 272 
PRO CG  HG3  sing N N 273 
PRO CD  HD2  sing N N 274 
PRO CD  HD3  sing N N 275 
PRO OXT HXT  sing N N 276 
SER N   CA   sing N N 277 
SER N   H    sing N N 278 
SER N   H2   sing N N 279 
SER CA  C    sing N N 280 
SER CA  CB   sing N N 281 
SER CA  HA   sing N N 282 
SER C   O    doub N N 283 
SER C   OXT  sing N N 284 
SER CB  OG   sing N N 285 
SER CB  HB2  sing N N 286 
SER CB  HB3  sing N N 287 
SER OG  HG   sing N N 288 
SER OXT HXT  sing N N 289 
THR N   CA   sing N N 290 
THR N   H    sing N N 291 
THR N   H2   sing N N 292 
THR CA  C    sing N N 293 
THR CA  CB   sing N N 294 
THR CA  HA   sing N N 295 
THR C   O    doub N N 296 
THR C   OXT  sing N N 297 
THR CB  OG1  sing N N 298 
THR CB  CG2  sing N N 299 
THR CB  HB   sing N N 300 
THR OG1 HG1  sing N N 301 
THR CG2 HG21 sing N N 302 
THR CG2 HG22 sing N N 303 
THR CG2 HG23 sing N N 304 
THR OXT HXT  sing N N 305 
TYR N   CA   sing N N 306 
TYR N   H    sing N N 307 
TYR N   H2   sing N N 308 
TYR CA  C    sing N N 309 
TYR CA  CB   sing N N 310 
TYR CA  HA   sing N N 311 
TYR C   O    doub N N 312 
TYR C   OXT  sing N N 313 
TYR CB  CG   sing N N 314 
TYR CB  HB2  sing N N 315 
TYR CB  HB3  sing N N 316 
TYR CG  CD1  doub Y N 317 
TYR CG  CD2  sing Y N 318 
TYR CD1 CE1  sing Y N 319 
TYR CD1 HD1  sing N N 320 
TYR CD2 CE2  doub Y N 321 
TYR CD2 HD2  sing N N 322 
TYR CE1 CZ   doub Y N 323 
TYR CE1 HE1  sing N N 324 
TYR CE2 CZ   sing Y N 325 
TYR CE2 HE2  sing N N 326 
TYR CZ  OH   sing N N 327 
TYR OH  HH   sing N N 328 
TYR OXT HXT  sing N N 329 
VAL N   CA   sing N N 330 
VAL N   H    sing N N 331 
VAL N   H2   sing N N 332 
VAL CA  C    sing N N 333 
VAL CA  CB   sing N N 334 
VAL CA  HA   sing N N 335 
VAL C   O    doub N N 336 
VAL C   OXT  sing N N 337 
VAL CB  CG1  sing N N 338 
VAL CB  CG2  sing N N 339 
VAL CB  HB   sing N N 340 
VAL CG1 HG11 sing N N 341 
VAL CG1 HG12 sing N N 342 
VAL CG1 HG13 sing N N 343 
VAL CG2 HG21 sing N N 344 
VAL CG2 HG22 sing N N 345 
VAL CG2 HG23 sing N N 346 
VAL OXT HXT  sing N N 347 
# 
_atom_sites.entry_id                    2F3L 
_atom_sites.fract_transf_matrix[1][1]   0.00611936 
_atom_sites.fract_transf_matrix[1][2]   -0.01369205 
_atom_sites.fract_transf_matrix[1][3]   -0.01116683 
_atom_sites.fract_transf_matrix[2][1]   -0.01219666 
_atom_sites.fract_transf_matrix[2][2]   -0.01172411 
_atom_sites.fract_transf_matrix[2][3]   -0.00796253 
_atom_sites.fract_transf_matrix[3][1]   -0.00086398 
_atom_sites.fract_transf_matrix[3][2]   0.00729613 
_atom_sites.fract_transf_matrix[3][3]   -0.00941950 
_atom_sites.fract_transf_vector[1]      0.295977 
_atom_sites.fract_transf_vector[2]      -0.338558 
_atom_sites.fract_transf_vector[3]      0.010110 
# 
loop_
_atom_type.symbol 
C  
N  
O  
S  
SE 
# 
loop_
_atom_site.group_PDB 
_atom_site.id 
_atom_site.type_symbol 
_atom_site.label_atom_id 
_atom_site.label_alt_id 
_atom_site.label_comp_id 
_atom_site.label_asym_id 
_atom_site.label_entity_id 
_atom_site.label_seq_id 
_atom_site.pdbx_PDB_ins_code 
_atom_site.Cartn_x 
_atom_site.Cartn_y 
_atom_site.Cartn_z 
_atom_site.occupancy 
_atom_site.B_iso_or_equiv 
_atom_site.pdbx_formal_charge 
_atom_site.auth_seq_id 
_atom_site.auth_comp_id 
_atom_site.auth_asym_id 
_atom_site.auth_atom_id 
_atom_site.pdbx_PDB_model_num 
ATOM   1    N  N   . ALA A 1 52  ? -1.694  17.459  3.629   1.00 40.07 ? 7   ALA A N   1 
ATOM   2    C  CA  . ALA A 1 52  ? -2.282  16.862  4.865   1.00 42.13 ? 7   ALA A CA  1 
ATOM   3    C  C   . ALA A 1 52  ? -1.196  16.199  5.701   1.00 42.07 ? 7   ALA A C   1 
ATOM   4    O  O   . ALA A 1 52  ? -0.181  15.737  5.172   1.00 43.52 ? 7   ALA A O   1 
ATOM   5    C  CB  . ALA A 1 52  ? -3.353  15.841  4.497   1.00 41.59 ? 7   ALA A CB  1 
ATOM   6    N  N   . SER A 1 53  ? -1.416  16.147  7.008   1.00 40.79 ? 8   SER A N   1 
ATOM   7    C  CA  . SER A 1 53  ? -0.447  15.551  7.914   1.00 39.83 ? 8   SER A CA  1 
ATOM   8    C  C   . SER A 1 53  ? -1.140  15.047  9.178   1.00 39.24 ? 8   SER A C   1 
ATOM   9    O  O   . SER A 1 53  ? -1.880  15.790  9.830   1.00 37.26 ? 8   SER A O   1 
ATOM   10   C  CB  . SER A 1 53  ? 0.615   16.596  8.268   1.00 41.77 ? 8   SER A CB  1 
ATOM   11   O  OG  . SER A 1 53  ? 1.654   16.043  9.054   1.00 46.10 ? 8   SER A OG  1 
ATOM   12   N  N   . TYR A 1 54  ? -0.908  13.780  9.513   1.00 36.70 ? 9   TYR A N   1 
ATOM   13   C  CA  . TYR A 1 54  ? -1.506  13.184  10.699  1.00 36.33 ? 9   TYR A CA  1 
ATOM   14   C  C   . TYR A 1 54  ? -0.427  12.539  11.564  1.00 36.36 ? 9   TYR A C   1 
ATOM   15   O  O   . TYR A 1 54  ? 0.434   11.802  11.064  1.00 35.67 ? 9   TYR A O   1 
ATOM   16   C  CB  . TYR A 1 54  ? -2.545  12.127  10.310  1.00 36.27 ? 9   TYR A CB  1 
ATOM   17   C  CG  . TYR A 1 54  ? -3.691  12.640  9.461   1.00 36.73 ? 9   TYR A CG  1 
ATOM   18   C  CD1 . TYR A 1 54  ? -3.554  12.785  8.080   1.00 36.36 ? 9   TYR A CD1 1 
ATOM   19   C  CD2 . TYR A 1 54  ? -4.919  12.970  10.039  1.00 35.78 ? 9   TYR A CD2 1 
ATOM   20   C  CE1 . TYR A 1 54  ? -4.612  13.242  7.295   1.00 35.90 ? 9   TYR A CE1 1 
ATOM   21   C  CE2 . TYR A 1 54  ? -5.981  13.430  9.263   1.00 36.25 ? 9   TYR A CE2 1 
ATOM   22   C  CZ  . TYR A 1 54  ? -5.820  13.563  7.893   1.00 35.77 ? 9   TYR A CZ  1 
ATOM   23   O  OH  . TYR A 1 54  ? -6.864  14.022  7.125   1.00 38.39 ? 9   TYR A OH  1 
ATOM   24   N  N   . GLU A 1 55  ? -0.470  12.820  12.862  1.00 35.52 ? 10  GLU A N   1 
ATOM   25   C  CA  . GLU A 1 55  ? 0.509   12.265  13.789  1.00 37.47 ? 10  GLU A CA  1 
ATOM   26   C  C   . GLU A 1 55  ? -0.143  11.830  15.096  1.00 36.58 ? 10  GLU A C   1 
ATOM   27   O  O   . GLU A 1 55  ? -0.937  12.568  15.682  1.00 36.25 ? 10  GLU A O   1 
ATOM   28   C  CB  . GLU A 1 55  ? 1.595   13.297  14.079  1.00 40.39 ? 10  GLU A CB  1 
ATOM   29   C  CG  . GLU A 1 55  ? 2.059   14.038  12.839  1.00 48.34 ? 10  GLU A CG  1 
ATOM   30   C  CD  . GLU A 1 55  ? 3.184   15.012  13.114  1.00 51.73 ? 10  GLU A CD  1 
ATOM   31   O  OE1 . GLU A 1 55  ? 3.476   15.838  12.219  1.00 54.30 ? 10  GLU A OE1 1 
ATOM   32   O  OE2 . GLU A 1 55  ? 3.783   14.946  14.212  1.00 54.20 ? 10  GLU A OE2 1 
ATOM   33   N  N   . ASP A 1 56  ? 0.203   10.626  15.538  1.00 36.49 ? 11  ASP A N   1 
ATOM   34   C  CA  . ASP A 1 56  ? -0.309  10.049  16.776  1.00 37.02 ? 11  ASP A CA  1 
ATOM   35   C  C   . ASP A 1 56  ? -1.829  9.988   16.829  1.00 35.61 ? 11  ASP A C   1 
ATOM   36   O  O   . ASP A 1 56  ? -2.418  9.946   17.908  1.00 35.34 ? 11  ASP A O   1 
ATOM   37   C  CB  . ASP A 1 56  ? 0.216   10.844  17.973  1.00 38.61 ? 11  ASP A CB  1 
ATOM   38   C  CG  . ASP A 1 56  ? 1.708   11.109  17.880  1.00 40.35 ? 11  ASP A CG  1 
ATOM   39   O  OD1 . ASP A 1 56  ? 2.478   10.150  17.663  1.00 40.98 ? 11  ASP A OD1 1 
ATOM   40   O  OD2 . ASP A 1 56  ? 2.112   12.281  18.024  1.00 43.11 ? 11  ASP A OD2 1 
ATOM   41   N  N   . VAL A 1 57  ? -2.465  9.945   15.667  1.00 34.01 ? 12  VAL A N   1 
ATOM   42   C  CA  . VAL A 1 57  ? -3.919  9.921   15.619  1.00 34.36 ? 12  VAL A CA  1 
ATOM   43   C  C   . VAL A 1 57  ? -4.512  8.527   15.472  1.00 34.89 ? 12  VAL A C   1 
ATOM   44   O  O   . VAL A 1 57  ? -3.812  7.568   15.148  1.00 33.91 ? 12  VAL A O   1 
ATOM   45   C  CB  . VAL A 1 57  ? -4.435  10.823  14.468  1.00 34.10 ? 12  VAL A CB  1 
ATOM   46   C  CG1 . VAL A 1 57  ? -3.872  12.230  14.633  1.00 32.49 ? 12  VAL A CG1 1 
ATOM   47   C  CG2 . VAL A 1 57  ? -4.021  10.247  13.118  1.00 34.40 ? 12  VAL A CG2 1 
ATOM   48   N  N   . LYS A 1 58  ? -5.808  8.423   15.741  1.00 35.28 ? 13  LYS A N   1 
ATOM   49   C  CA  . LYS A 1 58  ? -6.519  7.163   15.607  1.00 36.31 ? 13  LYS A CA  1 
ATOM   50   C  C   . LYS A 1 58  ? -7.649  7.383   14.616  1.00 36.06 ? 13  LYS A C   1 
ATOM   51   O  O   . LYS A 1 58  ? -8.666  7.993   14.943  1.00 35.52 ? 13  LYS A O   1 
ATOM   52   C  CB  . LYS A 1 58  ? -7.092  6.708   16.950  1.00 37.04 ? 13  LYS A CB  1 
ATOM   53   C  CG  . LYS A 1 58  ? -6.039  6.399   18.007  1.00 39.93 ? 13  LYS A CG  1 
ATOM   54   C  CD  . LYS A 1 58  ? -6.670  5.782   19.244  1.00 42.12 ? 13  LYS A CD  1 
ATOM   55   C  CE  . LYS A 1 58  ? -7.384  4.480   18.890  1.00 42.81 ? 13  LYS A CE  1 
ATOM   56   N  NZ  . LYS A 1 58  ? -7.965  3.806   20.078  1.00 43.49 ? 13  LYS A NZ  1 
ATOM   57   N  N   . LEU A 1 59  ? -7.446  6.899   13.395  1.00 37.02 ? 14  LEU A N   1 
ATOM   58   C  CA  . LEU A 1 59  ? -8.431  7.021   12.328  1.00 37.64 ? 14  LEU A CA  1 
ATOM   59   C  C   . LEU A 1 59  ? -8.952  5.634   11.987  1.00 38.40 ? 14  LEU A C   1 
ATOM   60   O  O   . LEU A 1 59  ? -8.665  5.104   10.915  1.00 40.01 ? 14  LEU A O   1 
ATOM   61   C  CB  . LEU A 1 59  ? -7.785  7.650   11.094  1.00 35.61 ? 14  LEU A CB  1 
ATOM   62   C  CG  . LEU A 1 59  ? -7.414  9.131   11.189  1.00 36.88 ? 14  LEU A CG  1 
ATOM   63   C  CD1 . LEU A 1 59  ? -6.339  9.451   10.173  1.00 35.73 ? 14  LEU A CD1 1 
ATOM   64   C  CD2 . LEU A 1 59  ? -8.654  9.994   10.959  1.00 33.31 ? 14  LEU A CD2 1 
ATOM   65   N  N   . ILE A 1 60  ? -9.711  5.048   12.908  1.00 39.91 ? 15  ILE A N   1 
ATOM   66   C  CA  . ILE A 1 60  ? -10.264 3.707   12.722  1.00 40.95 ? 15  ILE A CA  1 
ATOM   67   C  C   . ILE A 1 60  ? -11.600 3.708   11.987  1.00 40.20 ? 15  ILE A C   1 
ATOM   68   O  O   . ILE A 1 60  ? -12.524 4.429   12.360  1.00 41.31 ? 15  ILE A O   1 
ATOM   69   C  CB  . ILE A 1 60  ? -10.455 2.986   14.079  1.00 43.55 ? 15  ILE A CB  1 
ATOM   70   C  CG1 . ILE A 1 60  ? -9.094  2.677   14.716  1.00 45.96 ? 15  ILE A CG1 1 
ATOM   71   C  CG2 . ILE A 1 60  ? -11.216 1.680   13.876  1.00 43.38 ? 15  ILE A CG2 1 
ATOM   72   C  CD1 . ILE A 1 60  ? -8.329  3.886   15.167  1.00 49.76 ? 15  ILE A CD1 1 
ATOM   73   N  N   . GLY A 1 61  ? -11.688 2.893   10.939  1.00 38.55 ? 16  GLY A N   1 
ATOM   74   C  CA  . GLY A 1 61  ? -12.910 2.792   10.164  1.00 37.21 ? 16  GLY A CA  1 
ATOM   75   C  C   . GLY A 1 61  ? -13.331 4.085   9.496   1.00 37.77 ? 16  GLY A C   1 
ATOM   76   O  O   . GLY A 1 61  ? -14.513 4.284   9.213   1.00 38.17 ? 16  GLY A O   1 
ATOM   77   N  N   . GLU A 1 62  ? -12.366 4.960   9.233   1.00 37.07 ? 17  GLU A N   1 
ATOM   78   C  CA  . GLU A 1 62  ? -12.643 6.245   8.599   1.00 38.13 ? 17  GLU A CA  1 
ATOM   79   C  C   . GLU A 1 62  ? -12.704 6.070   7.077   1.00 38.13 ? 17  GLU A C   1 
ATOM   80   O  O   . GLU A 1 62  ? -12.062 5.181   6.517   1.00 38.52 ? 17  GLU A O   1 
ATOM   81   C  CB  . GLU A 1 62  ? -11.551 7.245   8.981   1.00 39.38 ? 17  GLU A CB  1 
ATOM   82   C  CG  . GLU A 1 62  ? -12.038 8.661   9.264   1.00 43.69 ? 17  GLU A CG  1 
ATOM   83   C  CD  . GLU A 1 62  ? -13.073 8.726   10.379  1.00 43.98 ? 17  GLU A CD  1 
ATOM   84   O  OE1 . GLU A 1 62  ? -14.259 8.952   10.065  1.00 42.69 ? 17  GLU A OE1 1 
ATOM   85   O  OE2 . GLU A 1 62  ? -12.711 8.549   11.565  1.00 45.51 ? 17  GLU A OE2 1 
ATOM   86   N  N   . ASP A 1 63  ? -13.472 6.924   6.409   1.00 37.23 ? 18  ASP A N   1 
ATOM   87   C  CA  . ASP A 1 63  ? -13.619 6.837   4.966   1.00 36.44 ? 18  ASP A CA  1 
ATOM   88   C  C   . ASP A 1 63  ? -12.904 7.933   4.178   1.00 35.67 ? 18  ASP A C   1 
ATOM   89   O  O   . ASP A 1 63  ? -13.350 9.082   4.140   1.00 35.43 ? 18  ASP A O   1 
ATOM   90   C  CB  . ASP A 1 63  ? -15.108 6.821   4.608   1.00 39.37 ? 18  ASP A CB  1 
ATOM   91   C  CG  . ASP A 1 63  ? -15.347 6.646   3.121   1.00 41.74 ? 18  ASP A CG  1 
ATOM   92   O  OD1 . ASP A 1 63  ? -14.420 6.196   2.414   1.00 42.27 ? 18  ASP A OD1 1 
ATOM   93   O  OD2 . ASP A 1 63  ? -16.467 6.950   2.661   1.00 43.62 ? 18  ASP A OD2 1 
ATOM   94   N  N   . PHE A 1 64  ? -11.794 7.566   3.544   1.00 33.88 ? 19  PHE A N   1 
ATOM   95   C  CA  . PHE A 1 64  ? -11.020 8.496   2.725   1.00 33.94 ? 19  PHE A CA  1 
ATOM   96   C  C   . PHE A 1 64  ? -11.081 8.057   1.269   1.00 33.50 ? 19  PHE A C   1 
ATOM   97   O  O   . PHE A 1 64  ? -10.210 8.418   0.474   1.00 32.32 ? 19  PHE A O   1 
ATOM   98   C  CB  . PHE A 1 64  ? -9.546  8.518   3.144   1.00 35.96 ? 19  PHE A CB  1 
ATOM   99   C  CG  . PHE A 1 64  ? -9.300  9.139   4.486   1.00 39.63 ? 19  PHE A CG  1 
ATOM   100  C  CD1 . PHE A 1 64  ? -9.506  8.412   5.651   1.00 40.14 ? 19  PHE A CD1 1 
ATOM   101  C  CD2 . PHE A 1 64  ? -8.863  10.457  4.584   1.00 40.25 ? 19  PHE A CD2 1 
ATOM   102  C  CE1 . PHE A 1 64  ? -9.277  8.986   6.898   1.00 43.18 ? 19  PHE A CE1 1 
ATOM   103  C  CE2 . PHE A 1 64  ? -8.632  11.043  5.821   1.00 41.48 ? 19  PHE A CE2 1 
ATOM   104  C  CZ  . PHE A 1 64  ? -8.840  10.307  6.983   1.00 42.67 ? 19  PHE A CZ  1 
ATOM   105  N  N   . SER A 1 65  ? -12.097 7.277   0.912   1.00 31.67 ? 20  SER A N   1 
ATOM   106  C  CA  . SER A 1 65  ? -12.189 6.784   -0.457  1.00 32.62 ? 20  SER A CA  1 
ATOM   107  C  C   . SER A 1 65  ? -12.384 7.875   -1.499  1.00 31.93 ? 20  SER A C   1 
ATOM   108  O  O   . SER A 1 65  ? -13.176 8.802   -1.308  1.00 31.08 ? 20  SER A O   1 
ATOM   109  C  CB  . SER A 1 65  ? -13.298 5.725   -0.578  1.00 33.07 ? 20  SER A CB  1 
ATOM   110  O  OG  . SER A 1 65  ? -14.582 6.250   -0.278  1.00 34.38 ? 20  SER A OG  1 
ATOM   111  N  N   . GLY A 1 66  ? -11.629 7.759   -2.589  1.00 30.79 ? 21  GLY A N   1 
ATOM   112  C  CA  . GLY A 1 66  ? -11.709 8.706   -3.687  1.00 31.21 ? 21  GLY A CA  1 
ATOM   113  C  C   . GLY A 1 66  ? -11.127 10.080  -3.409  1.00 32.70 ? 21  GLY A C   1 
ATOM   114  O  O   . GLY A 1 66  ? -11.164 10.961  -4.274  1.00 31.38 ? 21  GLY A O   1 
ATOM   115  N  N   . LYS A 1 67  ? -10.575 10.264  -2.213  1.00 32.66 ? 22  LYS A N   1 
ATOM   116  C  CA  . LYS A 1 67  ? -10.021 11.553  -1.820  1.00 34.91 ? 22  LYS A CA  1 
ATOM   117  C  C   . LYS A 1 67  ? -8.590  11.825  -2.286  1.00 35.32 ? 22  LYS A C   1 
ATOM   118  O  O   . LYS A 1 67  ? -7.786  10.909  -2.455  1.00 34.54 ? 22  LYS A O   1 
ATOM   119  C  CB  . LYS A 1 67  ? -10.111 11.711  -0.292  1.00 37.81 ? 22  LYS A CB  1 
ATOM   120  C  CG  . LYS A 1 67  ? -11.538 11.886  0.220   1.00 41.59 ? 22  LYS A CG  1 
ATOM   121  C  CD  . LYS A 1 67  ? -11.563 12.309  1.680   1.00 44.52 ? 22  LYS A CD  1 
ATOM   122  C  CE  . LYS A 1 67  ? -12.976 12.652  2.141   1.00 47.98 ? 22  LYS A CE  1 
ATOM   123  N  NZ  . LYS A 1 67  ? -13.017 13.023  3.589   1.00 49.44 ? 22  LYS A NZ  1 
ATOM   124  N  N   . SER A 1 68  ? -8.289  13.103  -2.497  1.00 34.82 ? 23  SER A N   1 
ATOM   125  C  CA  . SER A 1 68  ? -6.962  13.540  -2.930  1.00 35.18 ? 23  SER A CA  1 
ATOM   126  C  C   . SER A 1 68  ? -6.069  13.722  -1.703  1.00 34.01 ? 23  SER A C   1 
ATOM   127  O  O   . SER A 1 68  ? -6.269  14.660  -0.928  1.00 34.11 ? 23  SER A O   1 
ATOM   128  C  CB  . SER A 1 68  ? -7.079  14.864  -3.697  1.00 35.23 ? 23  SER A CB  1 
ATOM   129  O  OG  . SER A 1 68  ? -5.824  15.273  -4.217  1.00 39.88 ? 23  SER A OG  1 
ATOM   130  N  N   . LEU A 1 69  ? -5.095  12.827  -1.529  1.00 32.92 ? 24  LEU A N   1 
ATOM   131  C  CA  . LEU A 1 69  ? -4.183  12.878  -0.379  1.00 32.04 ? 24  LEU A CA  1 
ATOM   132  C  C   . LEU A 1 69  ? -2.720  12.944  -0.814  1.00 31.99 ? 24  LEU A C   1 
ATOM   133  O  O   . LEU A 1 69  ? -1.839  12.317  -0.223  1.00 28.09 ? 24  LEU A O   1 
ATOM   134  C  CB  . LEU A 1 69  ? -4.359  11.654  0.522   1.00 33.12 ? 24  LEU A CB  1 
ATOM   135  C  CG  . LEU A 1 69  ? -5.631  11.471  1.351   1.00 39.04 ? 24  LEU A CG  1 
ATOM   136  C  CD1 . LEU A 1 69  ? -5.931  12.741  2.145   1.00 37.40 ? 24  LEU A CD1 1 
ATOM   137  C  CD2 . LEU A 1 69  ? -6.779  11.129  0.435   1.00 42.21 ? 24  LEU A CD2 1 
ATOM   138  N  N   . THR A 1 70  ? -2.478  13.705  -1.866  1.00 30.58 ? 25  THR A N   1 
ATOM   139  C  CA  . THR A 1 70  ? -1.150  13.899  -2.409  1.00 31.82 ? 25  THR A CA  1 
ATOM   140  C  C   . THR A 1 70  ? -0.177  14.377  -1.322  1.00 30.43 ? 25  THR A C   1 
ATOM   141  O  O   . THR A 1 70  ? -0.484  15.301  -0.568  1.00 30.17 ? 25  THR A O   1 
ATOM   142  C  CB  . THR A 1 70  ? -1.253  14.920  -3.563  1.00 34.38 ? 25  THR A CB  1 
ATOM   143  O  OG1 . THR A 1 70  ? -1.386  14.208  -4.800  1.00 38.59 ? 25  THR A OG1 1 
ATOM   144  C  CG2 . THR A 1 70  ? -0.068  15.838  -3.596  1.00 37.26 ? 25  THR A CG2 1 
ATOM   145  N  N   . TYR A 1 71  ? 0.988   13.737  -1.241  1.00 31.31 ? 26  TYR A N   1 
ATOM   146  C  CA  . TYR A 1 71  ? 2.018   14.092  -0.254  1.00 29.91 ? 26  TYR A CA  1 
ATOM   147  C  C   . TYR A 1 71  ? 1.581   14.005  1.208   1.00 30.01 ? 26  TYR A C   1 
ATOM   148  O  O   . TYR A 1 71  ? 2.260   14.524  2.088   1.00 29.23 ? 26  TYR A O   1 
ATOM   149  C  CB  . TYR A 1 71  ? 2.551   15.505  -0.538  1.00 31.89 ? 26  TYR A CB  1 
ATOM   150  C  CG  . TYR A 1 71  ? 3.373   15.607  -1.805  1.00 32.45 ? 26  TYR A CG  1 
ATOM   151  C  CD1 . TYR A 1 71  ? 3.072   16.559  -2.786  1.00 34.03 ? 26  TYR A CD1 1 
ATOM   152  C  CD2 . TYR A 1 71  ? 4.440   14.738  -2.034  1.00 32.89 ? 26  TYR A CD2 1 
ATOM   153  C  CE1 . TYR A 1 71  ? 3.816   16.639  -3.966  1.00 34.59 ? 26  TYR A CE1 1 
ATOM   154  C  CE2 . TYR A 1 71  ? 5.188   14.806  -3.207  1.00 34.58 ? 26  TYR A CE2 1 
ATOM   155  C  CZ  . TYR A 1 71  ? 4.871   15.757  -4.168  1.00 36.22 ? 26  TYR A CZ  1 
ATOM   156  O  OH  . TYR A 1 71  ? 5.604   15.807  -5.332  1.00 41.42 ? 26  TYR A OH  1 
ATOM   157  N  N   . ALA A 1 72  ? 0.453   13.355  1.472   1.00 30.11 ? 27  ALA A N   1 
ATOM   158  C  CA  . ALA A 1 72  ? -0.032  13.214  2.841   1.00 29.10 ? 27  ALA A CA  1 
ATOM   159  C  C   . ALA A 1 72  ? 1.020   12.500  3.680   1.00 31.43 ? 27  ALA A C   1 
ATOM   160  O  O   . ALA A 1 72  ? 1.768   11.656  3.175   1.00 32.53 ? 27  ALA A O   1 
ATOM   161  C  CB  . ALA A 1 72  ? -1.334  12.433  2.864   1.00 28.49 ? 27  ALA A CB  1 
ATOM   162  N  N   . GLN A 1 73  ? 1.086   12.851  4.961   1.00 29.51 ? 28  GLN A N   1 
ATOM   163  C  CA  . GLN A 1 73  ? 2.047   12.242  5.863   1.00 32.50 ? 28  GLN A CA  1 
ATOM   164  C  C   . GLN A 1 73  ? 1.338   11.636  7.065   1.00 30.36 ? 28  GLN A C   1 
ATOM   165  O  O   . GLN A 1 73  ? 0.537   12.297  7.718   1.00 30.55 ? 28  GLN A O   1 
ATOM   166  C  CB  . GLN A 1 73  ? 3.059   13.290  6.326   1.00 34.88 ? 28  GLN A CB  1 
ATOM   167  C  CG  . GLN A 1 73  ? 3.709   14.037  5.174   1.00 41.25 ? 28  GLN A CG  1 
ATOM   168  C  CD  . GLN A 1 73  ? 4.977   14.757  5.586   1.00 45.65 ? 28  GLN A CD  1 
ATOM   169  O  OE1 . GLN A 1 73  ? 5.955   14.127  5.997   1.00 48.61 ? 28  GLN A OE1 1 
ATOM   170  N  NE2 . GLN A 1 73  ? 4.970   16.081  5.480   1.00 46.78 ? 28  GLN A NE2 1 
ATOM   171  N  N   . PHE A 1 74  ? 1.618   10.367  7.333   1.00 29.32 ? 29  PHE A N   1 
ATOM   172  C  CA  . PHE A 1 74  ? 1.019   9.671   8.465   1.00 30.78 ? 29  PHE A CA  1 
ATOM   173  C  C   . PHE A 1 74  ? 2.142   9.128   9.324   1.00 31.47 ? 29  PHE A C   1 
ATOM   174  O  O   . PHE A 1 74  ? 2.807   8.152   8.955   1.00 34.07 ? 29  PHE A O   1 
ATOM   175  C  CB  . PHE A 1 74  ? 0.131   8.506   8.016   1.00 29.42 ? 29  PHE A CB  1 
ATOM   176  C  CG  . PHE A 1 74  ? -1.014  8.909   7.131   1.00 27.98 ? 29  PHE A CG  1 
ATOM   177  C  CD1 . PHE A 1 74  ? -0.815  9.141   5.775   1.00 27.49 ? 29  PHE A CD1 1 
ATOM   178  C  CD2 . PHE A 1 74  ? -2.299  9.024   7.650   1.00 26.87 ? 29  PHE A CD2 1 
ATOM   179  C  CE1 . PHE A 1 74  ? -1.887  9.480   4.937   1.00 27.18 ? 29  PHE A CE1 1 
ATOM   180  C  CE2 . PHE A 1 74  ? -3.373  9.362   6.822   1.00 28.42 ? 29  PHE A CE2 1 
ATOM   181  C  CZ  . PHE A 1 74  ? -3.162  9.589   5.461   1.00 26.05 ? 29  PHE A CZ  1 
ATOM   182  N  N   . THR A 1 75  ? 2.347   9.767   10.468  1.00 32.48 ? 30  THR A N   1 
ATOM   183  C  CA  . THR A 1 75  ? 3.395   9.373   11.390  1.00 32.82 ? 30  THR A CA  1 
ATOM   184  C  C   . THR A 1 75  ? 2.781   8.828   12.662  1.00 33.41 ? 30  THR A C   1 
ATOM   185  O  O   . THR A 1 75  ? 2.005   9.522   13.331  1.00 33.27 ? 30  THR A O   1 
ATOM   186  C  CB  . THR A 1 75  ? 4.284   10.577  11.736  1.00 33.80 ? 30  THR A CB  1 
ATOM   187  O  OG1 . THR A 1 75  ? 4.714   11.213  10.526  1.00 35.11 ? 30  THR A OG1 1 
ATOM   188  C  CG2 . THR A 1 75  ? 5.514   10.131  12.526  1.00 34.40 ? 30  THR A CG2 1 
ATOM   189  N  N   . ASN A 1 76  ? 3.121   7.584   12.990  1.00 33.24 ? 31  ASN A N   1 
ATOM   190  C  CA  . ASN A 1 76  ? 2.594   6.936   14.187  1.00 35.04 ? 31  ASN A CA  1 
ATOM   191  C  C   . ASN A 1 76  ? 1.065   7.062   14.237  1.00 34.49 ? 31  ASN A C   1 
ATOM   192  O  O   . ASN A 1 76  ? 0.499   7.459   15.256  1.00 34.84 ? 31  ASN A O   1 
ATOM   193  C  CB  . ASN A 1 76  ? 3.205   7.568   15.447  1.00 34.56 ? 31  ASN A CB  1 
ATOM   194  C  CG  . ASN A 1 76  ? 2.887   6.783   16.709  1.00 40.20 ? 31  ASN A CG  1 
ATOM   195  O  OD1 . ASN A 1 76  ? 2.667   7.360   17.776  1.00 42.32 ? 31  ASN A OD1 1 
ATOM   196  N  ND2 . ASN A 1 76  ? 2.888   5.459   16.600  1.00 40.69 ? 31  ASN A ND2 1 
ATOM   197  N  N   . ALA A 1 77  ? 0.401   6.732   13.135  1.00 33.36 ? 32  ALA A N   1 
ATOM   198  C  CA  . ALA A 1 77  ? -1.056  6.820   13.077  1.00 34.08 ? 32  ALA A CA  1 
ATOM   199  C  C   . ALA A 1 77  ? -1.700  5.444   12.926  1.00 34.97 ? 32  ALA A C   1 
ATOM   200  O  O   . ALA A 1 77  ? -1.189  4.587   12.202  1.00 35.96 ? 32  ALA A O   1 
ATOM   201  C  CB  . ALA A 1 77  ? -1.475  7.722   11.921  1.00 32.66 ? 32  ALA A CB  1 
ATOM   202  N  N   . ASP A 1 78  ? -2.819  5.238   13.619  1.00 34.57 ? 33  ASP A N   1 
ATOM   203  C  CA  . ASP A 1 78  ? -3.545  3.968   13.555  1.00 34.65 ? 33  ASP A CA  1 
ATOM   204  C  C   . ASP A 1 78  ? -4.657  4.135   12.518  1.00 32.70 ? 33  ASP A C   1 
ATOM   205  O  O   . ASP A 1 78  ? -5.599  4.900   12.728  1.00 31.98 ? 33  ASP A O   1 
ATOM   206  C  CB  . ASP A 1 78  ? -4.163  3.633   14.918  1.00 34.38 ? 33  ASP A CB  1 
ATOM   207  C  CG  . ASP A 1 78  ? -4.658  2.196   15.001  1.00 38.85 ? 33  ASP A CG  1 
ATOM   208  O  OD1 . ASP A 1 78  ? -5.075  1.634   13.964  1.00 39.86 ? 33  ASP A OD1 1 
ATOM   209  O  OD2 . ASP A 1 78  ? -4.645  1.626   16.113  1.00 41.62 ? 33  ASP A OD2 1 
ATOM   210  N  N   . LEU A 1 79  ? -4.545  3.419   11.404  1.00 31.15 ? 34  LEU A N   1 
ATOM   211  C  CA  . LEU A 1 79  ? -5.533  3.514   10.330  1.00 31.22 ? 34  LEU A CA  1 
ATOM   212  C  C   . LEU A 1 79  ? -6.345  2.231   10.159  1.00 30.54 ? 34  LEU A C   1 
ATOM   213  O  O   . LEU A 1 79  ? -6.902  1.973   9.091   1.00 28.02 ? 34  LEU A O   1 
ATOM   214  C  CB  . LEU A 1 79  ? -4.827  3.860   9.013   1.00 29.91 ? 34  LEU A CB  1 
ATOM   215  C  CG  . LEU A 1 79  ? -4.038  5.174   9.004   1.00 32.94 ? 34  LEU A CG  1 
ATOM   216  C  CD1 . LEU A 1 79  ? -3.226  5.294   7.729   1.00 34.20 ? 34  LEU A CD1 1 
ATOM   217  C  CD2 . LEU A 1 79  ? -5.004  6.343   9.135   1.00 36.39 ? 34  LEU A CD2 1 
ATOM   218  N  N   . THR A 1 80  ? -6.411  1.436   11.221  1.00 30.93 ? 35  THR A N   1 
ATOM   219  C  CA  . THR A 1 80  ? -7.149  0.173   11.210  1.00 32.51 ? 35  THR A CA  1 
ATOM   220  C  C   . THR A 1 80  ? -8.547  0.282   10.592  1.00 32.84 ? 35  THR A C   1 
ATOM   221  O  O   . THR A 1 80  ? -9.310  1.195   10.906  1.00 32.17 ? 35  THR A O   1 
ATOM   222  C  CB  . THR A 1 80  ? -7.264  -0.381  12.644  1.00 34.63 ? 35  THR A CB  1 
ATOM   223  O  OG1 . THR A 1 80  ? -5.949  -0.551  13.182  1.00 35.66 ? 35  THR A OG1 1 
ATOM   224  C  CG2 . THR A 1 80  ? -7.983  -1.719  12.659  1.00 34.70 ? 35  THR A CG2 1 
ATOM   225  N  N   . ASP A 1 81  ? -8.862  -0.651  9.697   1.00 34.36 ? 36  ASP A N   1 
ATOM   226  C  CA  . ASP A 1 81  ? -10.164 -0.702  9.027   1.00 35.03 ? 36  ASP A CA  1 
ATOM   227  C  C   . ASP A 1 81  ? -10.574 0.554   8.269   1.00 34.65 ? 36  ASP A C   1 
ATOM   228  O  O   . ASP A 1 81  ? -11.755 0.755   7.995   1.00 34.80 ? 36  ASP A O   1 
ATOM   229  C  CB  . ASP A 1 81  ? -11.267 -1.053  10.032  1.00 37.73 ? 36  ASP A CB  1 
ATOM   230  C  CG  . ASP A 1 81  ? -11.157 -2.480  10.541  1.00 41.93 ? 36  ASP A CG  1 
ATOM   231  O  OD1 . ASP A 1 81  ? -11.948 -2.862  11.432  1.00 44.61 ? 36  ASP A OD1 1 
ATOM   232  O  OD2 . ASP A 1 81  ? -10.281 -3.224  10.050  1.00 43.53 ? 36  ASP A OD2 1 
ATOM   233  N  N   . SER A 1 82  ? -9.615  1.411   7.939   1.00 33.86 ? 37  SER A N   1 
ATOM   234  C  CA  . SER A 1 82  ? -9.948  2.616   7.190   1.00 33.75 ? 37  SER A CA  1 
ATOM   235  C  C   . SER A 1 82  ? -10.146 2.269   5.718   1.00 32.09 ? 37  SER A C   1 
ATOM   236  O  O   . SER A 1 82  ? -9.662  1.241   5.238   1.00 31.59 ? 37  SER A O   1 
ATOM   237  C  CB  . SER A 1 82  ? -8.847  3.665   7.334   1.00 35.97 ? 37  SER A CB  1 
ATOM   238  O  OG  . SER A 1 82  ? -9.019  4.392   8.539   1.00 41.64 ? 37  SER A OG  1 
ATOM   239  N  N   . ASN A 1 83  ? -10.870 3.126   5.010   1.00 29.27 ? 38  ASN A N   1 
ATOM   240  C  CA  . ASN A 1 83  ? -11.150 2.911   3.598   1.00 28.85 ? 38  ASN A CA  1 
ATOM   241  C  C   . ASN A 1 83  ? -10.450 3.975   2.754   1.00 28.14 ? 38  ASN A C   1 
ATOM   242  O  O   . ASN A 1 83  ? -10.810 5.154   2.816   1.00 27.69 ? 38  ASN A O   1 
ATOM   243  C  CB  . ASN A 1 83  ? -12.670 2.964   3.359   1.00 28.18 ? 38  ASN A CB  1 
ATOM   244  C  CG  . ASN A 1 83  ? -13.060 2.519   1.958   1.00 30.81 ? 38  ASN A CG  1 
ATOM   245  O  OD1 . ASN A 1 83  ? -12.241 2.530   1.033   1.00 27.87 ? 38  ASN A OD1 1 
ATOM   246  N  ND2 . ASN A 1 83  ? -14.324 2.140   1.789   1.00 30.62 ? 38  ASN A ND2 1 
ATOM   247  N  N   . PHE A 1 84  ? -9.456  3.546   1.974   1.00 27.29 ? 39  PHE A N   1 
ATOM   248  C  CA  . PHE A 1 84  ? -8.701  4.440   1.091   1.00 27.37 ? 39  PHE A CA  1 
ATOM   249  C  C   . PHE A 1 84  ? -8.861  3.975   -0.351  1.00 28.47 ? 39  PHE A C   1 
ATOM   250  O  O   . PHE A 1 84  ? -8.025  4.298   -1.202  1.00 26.08 ? 39  PHE A O   1 
ATOM   251  C  CB  . PHE A 1 84  ? -7.203  4.416   1.426   1.00 28.85 ? 39  PHE A CB  1 
ATOM   252  C  CG  . PHE A 1 84  ? -6.848  5.071   2.734   1.00 29.29 ? 39  PHE A CG  1 
ATOM   253  C  CD1 . PHE A 1 84  ? -6.619  6.442   2.803   1.00 30.08 ? 39  PHE A CD1 1 
ATOM   254  C  CD2 . PHE A 1 84  ? -6.732  4.311   3.894   1.00 31.02 ? 39  PHE A CD2 1 
ATOM   255  C  CE1 . PHE A 1 84  ? -6.276  7.051   4.008   1.00 30.84 ? 39  PHE A CE1 1 
ATOM   256  C  CE2 . PHE A 1 84  ? -6.388  4.912   5.110   1.00 32.90 ? 39  PHE A CE2 1 
ATOM   257  C  CZ  . PHE A 1 84  ? -6.160  6.284   5.164   1.00 31.65 ? 39  PHE A CZ  1 
ATOM   258  N  N   . SER A 1 85  ? -9.917  3.217   -0.638  1.00 27.46 ? 40  SER A N   1 
ATOM   259  C  CA  . SER A 1 85  ? -10.103 2.726   -1.997  1.00 30.06 ? 40  SER A CA  1 
ATOM   260  C  C   . SER A 1 85  ? -10.246 3.849   -3.012  1.00 31.29 ? 40  SER A C   1 
ATOM   261  O  O   . SER A 1 85  ? -10.966 4.825   -2.786  1.00 30.86 ? 40  SER A O   1 
ATOM   262  C  CB  . SER A 1 85  ? -11.301 1.760   -2.086  1.00 30.21 ? 40  SER A CB  1 
ATOM   263  O  OG  . SER A 1 85  ? -12.493 2.339   -1.601  1.00 33.64 ? 40  SER A OG  1 
ATOM   264  N  N   . GLU A 1 86  ? -9.527  3.706   -4.124  1.00 32.71 ? 41  GLU A N   1 
ATOM   265  C  CA  . GLU A 1 86  ? -9.547  4.686   -5.206  1.00 34.78 ? 41  GLU A CA  1 
ATOM   266  C  C   . GLU A 1 86  ? -9.008  6.055   -4.785  1.00 33.63 ? 41  GLU A C   1 
ATOM   267  O  O   . GLU A 1 86  ? -9.241  7.049   -5.470  1.00 34.58 ? 41  GLU A O   1 
ATOM   268  C  CB  . GLU A 1 86  ? -10.974 4.847   -5.745  1.00 38.72 ? 41  GLU A CB  1 
ATOM   269  C  CG  . GLU A 1 86  ? -11.638 3.540   -6.152  1.00 43.89 ? 41  GLU A CG  1 
ATOM   270  C  CD  . GLU A 1 86  ? -10.902 2.836   -7.276  1.00 48.47 ? 41  GLU A CD  1 
ATOM   271  O  OE1 . GLU A 1 86  ? -11.246 1.671   -7.577  1.00 50.94 ? 41  GLU A OE1 1 
ATOM   272  O  OE2 . GLU A 1 86  ? -9.984  3.450   -7.865  1.00 51.04 ? 41  GLU A OE2 1 
ATOM   273  N  N   . ALA A 1 87  ? -8.295  6.111   -3.665  1.00 30.99 ? 42  ALA A N   1 
ATOM   274  C  CA  . ALA A 1 87  ? -7.734  7.373   -3.188  1.00 31.01 ? 42  ALA A CA  1 
ATOM   275  C  C   . ALA A 1 87  ? -6.399  7.694   -3.865  1.00 30.77 ? 42  ALA A C   1 
ATOM   276  O  O   . ALA A 1 87  ? -5.673  6.784   -4.284  1.00 30.07 ? 42  ALA A O   1 
ATOM   277  C  CB  . ALA A 1 87  ? -7.551  7.327   -1.677  1.00 29.50 ? 42  ALA A CB  1 
ATOM   278  N  N   . ASP A 1 88  ? -6.085  8.986   -3.976  1.00 28.37 ? 43  ASP A N   1 
ATOM   279  C  CA  . ASP A 1 88  ? -4.826  9.415   -4.592  1.00 29.26 ? 43  ASP A CA  1 
ATOM   280  C  C   . ASP A 1 88  ? -3.801  9.692   -3.487  1.00 28.16 ? 43  ASP A C   1 
ATOM   281  O  O   . ASP A 1 88  ? -3.801  10.768  -2.884  1.00 27.26 ? 43  ASP A O   1 
ATOM   282  C  CB  . ASP A 1 88  ? -5.041  10.680  -5.439  1.00 28.40 ? 43  ASP A CB  1 
ATOM   283  C  CG  . ASP A 1 88  ? -3.823  11.032  -6.294  1.00 32.02 ? 43  ASP A CG  1 
ATOM   284  O  OD1 . ASP A 1 88  ? -2.798  10.322  -6.209  1.00 30.50 ? 43  ASP A OD1 1 
ATOM   285  O  OD2 . ASP A 1 88  ? -3.889  12.019  -7.059  1.00 33.07 ? 43  ASP A OD2 1 
ATOM   286  N  N   . LEU A 1 89  ? -2.943  8.706   -3.228  1.00 24.98 ? 44  LEU A N   1 
ATOM   287  C  CA  . LEU A 1 89  ? -1.915  8.794   -2.192  1.00 23.76 ? 44  LEU A CA  1 
ATOM   288  C  C   . LEU A 1 89  ? -0.523  8.925   -2.804  1.00 24.15 ? 44  LEU A C   1 
ATOM   289  O  O   . LEU A 1 89  ? 0.476   8.526   -2.201  1.00 24.79 ? 44  LEU A O   1 
ATOM   290  C  CB  . LEU A 1 89  ? -1.951  7.543   -1.311  1.00 24.61 ? 44  LEU A CB  1 
ATOM   291  C  CG  . LEU A 1 89  ? -3.084  7.449   -0.291  1.00 27.42 ? 44  LEU A CG  1 
ATOM   292  C  CD1 . LEU A 1 89  ? -3.181  6.023   0.223   1.00 26.68 ? 44  LEU A CD1 1 
ATOM   293  C  CD2 . LEU A 1 89  ? -2.834  8.425   0.867   1.00 22.44 ? 44  LEU A CD2 1 
ATOM   294  N  N   . ARG A 1 90  ? -0.469  9.487   -4.003  1.00 23.33 ? 45  ARG A N   1 
ATOM   295  C  CA  . ARG A 1 90  ? 0.788   9.679   -4.714  1.00 26.66 ? 45  ARG A CA  1 
ATOM   296  C  C   . ARG A 1 90  ? 1.757   10.498  -3.861  1.00 27.45 ? 45  ARG A C   1 
ATOM   297  O  O   . ARG A 1 90  ? 1.406   11.569  -3.361  1.00 25.40 ? 45  ARG A O   1 
ATOM   298  C  CB  . ARG A 1 90  ? 0.503   10.400  -6.036  1.00 27.70 ? 45  ARG A CB  1 
ATOM   299  C  CG  . ARG A 1 90  ? 0.850   9.598   -7.278  1.00 30.69 ? 45  ARG A CG  1 
ATOM   300  C  CD  . ARG A 1 90  ? -0.260  9.585   -8.338  1.00 29.13 ? 45  ARG A CD  1 
ATOM   301  N  NE  . ARG A 1 90  ? -1.122  10.769  -8.342  1.00 26.17 ? 45  ARG A NE  1 
ATOM   302  C  CZ  . ARG A 1 90  ? -1.179  11.664  -9.323  1.00 27.64 ? 45  ARG A CZ  1 
ATOM   303  N  NH1 . ARG A 1 90  ? -0.415  11.533  -10.400 1.00 27.40 ? 45  ARG A NH1 1 
ATOM   304  N  NH2 . ARG A 1 90  ? -2.034  12.677  -9.244  1.00 25.61 ? 45  ARG A NH2 1 
ATOM   305  N  N   . GLY A 1 91  ? 2.974   9.983   -3.695  1.00 27.02 ? 46  GLY A N   1 
ATOM   306  C  CA  . GLY A 1 91  ? 3.981   10.675  -2.908  1.00 26.76 ? 46  GLY A CA  1 
ATOM   307  C  C   . GLY A 1 91  ? 3.724   10.696  -1.408  1.00 29.25 ? 46  GLY A C   1 
ATOM   308  O  O   . GLY A 1 91  ? 4.412   11.408  -0.670  1.00 28.80 ? 46  GLY A O   1 
ATOM   309  N  N   . ALA A 1 92  ? 2.744   9.922   -0.947  1.00 28.78 ? 47  ALA A N   1 
ATOM   310  C  CA  . ALA A 1 92  ? 2.414   9.882   0.475   1.00 29.23 ? 47  ALA A CA  1 
ATOM   311  C  C   . ALA A 1 92  ? 3.491   9.197   1.304   1.00 31.18 ? 47  ALA A C   1 
ATOM   312  O  O   . ALA A 1 92  ? 4.234   8.341   0.809   1.00 29.91 ? 47  ALA A O   1 
ATOM   313  C  CB  . ALA A 1 92  ? 1.083   9.176   0.683   1.00 30.15 ? 47  ALA A CB  1 
ATOM   314  N  N   . VAL A 1 93  ? 3.555   9.564   2.580   1.00 30.33 ? 48  VAL A N   1 
ATOM   315  C  CA  . VAL A 1 93  ? 4.541   8.985   3.478   1.00 31.84 ? 48  VAL A CA  1 
ATOM   316  C  C   . VAL A 1 93  ? 3.912   8.349   4.716   1.00 31.71 ? 48  VAL A C   1 
ATOM   317  O  O   . VAL A 1 93  ? 3.142   8.992   5.438   1.00 31.31 ? 48  VAL A O   1 
ATOM   318  C  CB  . VAL A 1 93  ? 5.557   10.051  3.943   1.00 32.76 ? 48  VAL A CB  1 
ATOM   319  C  CG1 . VAL A 1 93  ? 6.661   9.395   4.766   1.00 34.21 ? 48  VAL A CG1 1 
ATOM   320  C  CG2 . VAL A 1 93  ? 6.146   10.773  2.737   1.00 31.80 ? 48  VAL A CG2 1 
ATOM   321  N  N   . PHE A 1 94  ? 4.240   7.081   4.944   1.00 31.51 ? 49  PHE A N   1 
ATOM   322  C  CA  . PHE A 1 94  ? 3.761   6.342   6.106   1.00 31.54 ? 49  PHE A CA  1 
ATOM   323  C  C   . PHE A 1 94  ? 4.981   5.990   6.948   1.00 33.66 ? 49  PHE A C   1 
ATOM   324  O  O   . PHE A 1 94  ? 5.868   5.256   6.501   1.00 34.18 ? 49  PHE A O   1 
ATOM   325  C  CB  . PHE A 1 94  ? 3.047   5.054   5.693   1.00 30.68 ? 49  PHE A CB  1 
ATOM   326  C  CG  . PHE A 1 94  ? 1.797   5.281   4.891   1.00 31.04 ? 49  PHE A CG  1 
ATOM   327  C  CD1 . PHE A 1 94  ? 1.854   5.391   3.507   1.00 30.98 ? 49  PHE A CD1 1 
ATOM   328  C  CD2 . PHE A 1 94  ? 0.569   5.421   5.527   1.00 30.16 ? 49  PHE A CD2 1 
ATOM   329  C  CE1 . PHE A 1 94  ? 0.707   5.633   2.766   1.00 31.44 ? 49  PHE A CE1 1 
ATOM   330  C  CE2 . PHE A 1 94  ? -0.586  5.665   4.799   1.00 32.13 ? 49  PHE A CE2 1 
ATOM   331  C  CZ  . PHE A 1 94  ? -0.522  5.774   3.417   1.00 30.30 ? 49  PHE A CZ  1 
ATOM   332  N  N   . ASN A 1 95  ? 5.036   6.527   8.158   1.00 34.45 ? 50  ASN A N   1 
ATOM   333  C  CA  . ASN A 1 95  ? 6.151   6.257   9.057   1.00 34.10 ? 50  ASN A CA  1 
ATOM   334  C  C   . ASN A 1 95  ? 5.568   5.760   10.372  1.00 32.47 ? 50  ASN A C   1 
ATOM   335  O  O   . ASN A 1 95  ? 4.784   6.458   11.010  1.00 35.33 ? 50  ASN A O   1 
ATOM   336  C  CB  . ASN A 1 95  ? 6.961   7.540   9.277   1.00 37.13 ? 50  ASN A CB  1 
ATOM   337  C  CG  . ASN A 1 95  ? 8.173   7.331   10.173  1.00 39.65 ? 50  ASN A CG  1 
ATOM   338  O  OD1 . ASN A 1 95  ? 8.781   8.295   10.641  1.00 42.26 ? 50  ASN A OD1 1 
ATOM   339  N  ND2 . ASN A 1 95  ? 8.536   6.075   10.405  1.00 40.79 ? 50  ASN A ND2 1 
ATOM   340  N  N   . GLY A 1 96  ? 5.933   4.543   10.761  1.00 31.23 ? 51  GLY A N   1 
ATOM   341  C  CA  . GLY A 1 96  ? 5.442   3.971   11.999  1.00 29.72 ? 51  GLY A CA  1 
ATOM   342  C  C   . GLY A 1 96  ? 3.933   3.882   12.081  1.00 31.45 ? 51  GLY A C   1 
ATOM   343  O  O   . GLY A 1 96  ? 3.367   3.993   13.166  1.00 32.70 ? 51  GLY A O   1 
ATOM   344  N  N   . SER A 1 97  ? 3.274   3.667   10.947  1.00 31.10 ? 52  SER A N   1 
ATOM   345  C  CA  . SER A 1 97  ? 1.815   3.587   10.927  1.00 30.51 ? 52  SER A CA  1 
ATOM   346  C  C   . SER A 1 97  ? 1.285   2.178   10.698  1.00 31.84 ? 52  SER A C   1 
ATOM   347  O  O   . SER A 1 97  ? 2.004   1.296   10.216  1.00 32.26 ? 52  SER A O   1 
ATOM   348  C  CB  . SER A 1 97  ? 1.259   4.535   9.863   1.00 31.62 ? 52  SER A CB  1 
ATOM   349  O  OG  . SER A 1 97  ? 1.597   5.879   10.177  1.00 34.01 ? 52  SER A OG  1 
ATOM   350  N  N   . ALA A 1 98  ? 0.018   1.973   11.040  1.00 31.22 ? 53  ALA A N   1 
ATOM   351  C  CA  . ALA A 1 98  ? -0.595  0.662   10.901  1.00 31.70 ? 53  ALA A CA  1 
ATOM   352  C  C   . ALA A 1 98  ? -1.897  0.691   10.112  1.00 32.08 ? 53  ALA A C   1 
ATOM   353  O  O   . ALA A 1 98  ? -2.896  1.261   10.560  1.00 32.72 ? 53  ALA A O   1 
ATOM   354  C  CB  . ALA A 1 98  ? -0.839  0.065   12.286  1.00 31.82 ? 53  ALA A CB  1 
ATOM   355  N  N   . LEU A 1 99  ? -1.885  0.069   8.940   1.00 30.92 ? 54  LEU A N   1 
ATOM   356  C  CA  . LEU A 1 99  ? -3.075  0.019   8.103   1.00 31.30 ? 54  LEU A CA  1 
ATOM   357  C  C   . LEU A 1 99  ? -3.658  -1.385  8.155   1.00 30.10 ? 54  LEU A C   1 
ATOM   358  O  O   . LEU A 1 99  ? -3.891  -2.020  7.124   1.00 29.40 ? 54  LEU A O   1 
ATOM   359  C  CB  . LEU A 1 99  ? -2.734  0.420   6.661   1.00 32.20 ? 54  LEU A CB  1 
ATOM   360  C  CG  . LEU A 1 99  ? -2.292  1.882   6.482   1.00 34.50 ? 54  LEU A CG  1 
ATOM   361  C  CD1 . LEU A 1 99  ? -0.890  2.079   7.058   1.00 35.11 ? 54  LEU A CD1 1 
ATOM   362  C  CD2 . LEU A 1 99  ? -2.305  2.255   5.016   1.00 34.71 ? 54  LEU A CD2 1 
ATOM   363  N  N   . ILE A 1 100 ? -3.889  -1.857  9.378   1.00 30.01 ? 55  ILE A N   1 
ATOM   364  C  CA  . ILE A 1 100 ? -4.441  -3.185  9.625   1.00 30.63 ? 55  ILE A CA  1 
ATOM   365  C  C   . ILE A 1 100 ? -5.853  -3.316  9.068   1.00 30.68 ? 55  ILE A C   1 
ATOM   366  O  O   . ILE A 1 100 ? -6.761  -2.597  9.491   1.00 32.13 ? 55  ILE A O   1 
ATOM   367  C  CB  . ILE A 1 100 ? -4.495  -3.486  11.144  1.00 32.91 ? 55  ILE A CB  1 
ATOM   368  C  CG1 . ILE A 1 100 ? -3.138  -3.175  11.788  1.00 34.41 ? 55  ILE A CG1 1 
ATOM   369  C  CG2 . ILE A 1 100 ? -4.900  -4.943  11.377  1.00 30.38 ? 55  ILE A CG2 1 
ATOM   370  C  CD1 . ILE A 1 100 ? -1.956  -3.864  11.117  1.00 34.48 ? 55  ILE A CD1 1 
ATOM   371  N  N   . GLY A 1 101 ? -6.034  -4.239  8.125   1.00 30.42 ? 56  GLY A N   1 
ATOM   372  C  CA  . GLY A 1 101 ? -7.342  -4.457  7.531   1.00 28.33 ? 56  GLY A CA  1 
ATOM   373  C  C   . GLY A 1 101 ? -7.878  -3.273  6.738   1.00 28.41 ? 56  GLY A C   1 
ATOM   374  O  O   . GLY A 1 101 ? -9.084  -3.184  6.480   1.00 26.83 ? 56  GLY A O   1 
ATOM   375  N  N   . ALA A 1 102 ? -6.989  -2.361  6.362   1.00 24.23 ? 57  ALA A N   1 
ATOM   376  C  CA  . ALA A 1 102 ? -7.374  -1.172  5.600   1.00 25.91 ? 57  ALA A CA  1 
ATOM   377  C  C   . ALA A 1 102 ? -7.696  -1.545  4.154   1.00 26.37 ? 57  ALA A C   1 
ATOM   378  O  O   . ALA A 1 102 ? -7.122  -2.471  3.587   1.00 27.14 ? 57  ALA A O   1 
ATOM   379  C  CB  . ALA A 1 102 ? -6.249  -0.148  5.618   1.00 24.18 ? 57  ALA A CB  1 
ATOM   380  N  N   . ASP A 1 103 ? -8.614  -0.813  3.549   1.00 26.78 ? 58  ASP A N   1 
ATOM   381  C  CA  . ASP A 1 103 ? -8.979  -1.087  2.175   1.00 29.39 ? 58  ASP A CA  1 
ATOM   382  C  C   . ASP A 1 103 ? -8.289  -0.074  1.255   1.00 29.16 ? 58  ASP A C   1 
ATOM   383  O  O   . ASP A 1 103 ? -8.563  1.124   1.326   1.00 30.00 ? 58  ASP A O   1 
ATOM   384  C  CB  . ASP A 1 103 ? -10.508 -1.022  2.030   1.00 31.52 ? 58  ASP A CB  1 
ATOM   385  C  CG  . ASP A 1 103 ? -10.980 -1.360  0.629   1.00 35.84 ? 58  ASP A CG  1 
ATOM   386  O  OD1 . ASP A 1 103 ? -10.116 -1.560  -0.261  1.00 37.02 ? 58  ASP A OD1 1 
ATOM   387  O  OD2 . ASP A 1 103 ? -12.213 -1.427  0.422   1.00 36.05 ? 58  ASP A OD2 1 
ATOM   388  N  N   . LEU A 1 104 ? -7.373  -0.556  0.416   1.00 27.76 ? 59  LEU A N   1 
ATOM   389  C  CA  . LEU A 1 104 ? -6.668  0.315   -0.528  1.00 27.80 ? 59  LEU A CA  1 
ATOM   390  C  C   . LEU A 1 104 ? -6.905  -0.161  -1.957  1.00 27.37 ? 59  LEU A C   1 
ATOM   391  O  O   . LEU A 1 104 ? -6.097  0.068   -2.846  1.00 26.96 ? 59  LEU A O   1 
ATOM   392  C  CB  . LEU A 1 104 ? -5.163  0.349   -0.227  1.00 27.11 ? 59  LEU A CB  1 
ATOM   393  C  CG  . LEU A 1 104 ? -4.767  0.959   1.128   1.00 30.49 ? 59  LEU A CG  1 
ATOM   394  C  CD1 . LEU A 1 104 ? -4.393  -0.155  2.088   1.00 28.40 ? 59  LEU A CD1 1 
ATOM   395  C  CD2 . LEU A 1 104 ? -3.588  1.922   0.960   1.00 29.77 ? 59  LEU A CD2 1 
ATOM   396  N  N   . HIS A 1 105 ? -8.028  -0.840  -2.157  1.00 27.18 ? 60  HIS A N   1 
ATOM   397  C  CA  . HIS A 1 105 ? -8.409  -1.352  -3.462  1.00 26.72 ? 60  HIS A CA  1 
ATOM   398  C  C   . HIS A 1 105 ? -8.369  -0.223  -4.500  1.00 27.57 ? 60  HIS A C   1 
ATOM   399  O  O   . HIS A 1 105 ? -9.049  0.796   -4.350  1.00 27.48 ? 60  HIS A O   1 
ATOM   400  C  CB  . HIS A 1 105 ? -9.818  -1.952  -3.367  1.00 29.43 ? 60  HIS A CB  1 
ATOM   401  C  CG  . HIS A 1 105 ? -10.349 -2.481  -4.662  1.00 31.89 ? 60  HIS A CG  1 
ATOM   402  N  ND1 . HIS A 1 105 ? -11.069 -1.703  -5.545  1.00 35.91 ? 60  HIS A ND1 1 
ATOM   403  C  CD2 . HIS A 1 105 ? -10.269 -3.709  -5.226  1.00 32.04 ? 60  HIS A CD2 1 
ATOM   404  C  CE1 . HIS A 1 105 ? -11.410 -2.431  -6.593  1.00 37.08 ? 60  HIS A CE1 1 
ATOM   405  N  NE2 . HIS A 1 105 ? -10.937 -3.653  -6.425  1.00 35.60 ? 60  HIS A NE2 1 
ATOM   406  N  N   . GLY A 1 106 ? -7.552  -0.393  -5.537  1.00 26.86 ? 61  GLY A N   1 
ATOM   407  C  CA  . GLY A 1 106 ? -7.454  0.618   -6.580  1.00 25.16 ? 61  GLY A CA  1 
ATOM   408  C  C   . GLY A 1 106 ? -6.762  1.926   -6.220  1.00 26.02 ? 61  GLY A C   1 
ATOM   409  O  O   . GLY A 1 106 ? -6.774  2.860   -7.018  1.00 26.03 ? 61  GLY A O   1 
ATOM   410  N  N   . ALA A 1 107 ? -6.153  2.006   -5.037  1.00 26.27 ? 62  ALA A N   1 
ATOM   411  C  CA  . ALA A 1 107 ? -5.457  3.229   -4.615  1.00 26.71 ? 62  ALA A CA  1 
ATOM   412  C  C   . ALA A 1 107 ? -4.156  3.449   -5.398  1.00 27.62 ? 62  ALA A C   1 
ATOM   413  O  O   . ALA A 1 107 ? -3.530  2.485   -5.845  1.00 28.08 ? 62  ALA A O   1 
ATOM   414  C  CB  . ALA A 1 107 ? -5.157  3.165   -3.123  1.00 26.09 ? 62  ALA A CB  1 
ATOM   415  N  N   . ASP A 1 108 ? -3.748  4.711   -5.560  1.00 25.91 ? 63  ASP A N   1 
ATOM   416  C  CA  . ASP A 1 108 ? -2.511  5.025   -6.289  1.00 25.45 ? 63  ASP A CA  1 
ATOM   417  C  C   . ASP A 1 108 ? -1.433  5.514   -5.310  1.00 26.87 ? 63  ASP A C   1 
ATOM   418  O  O   . ASP A 1 108 ? -1.503  6.646   -4.815  1.00 26.59 ? 63  ASP A O   1 
ATOM   419  C  CB  . ASP A 1 108 ? -2.772  6.111   -7.339  1.00 24.71 ? 63  ASP A CB  1 
ATOM   420  C  CG  . ASP A 1 108 ? -1.631  6.246   -8.346  1.00 28.31 ? 63  ASP A CG  1 
ATOM   421  O  OD1 . ASP A 1 108 ? -0.515  5.747   -8.069  1.00 26.68 ? 63  ASP A OD1 1 
ATOM   422  O  OD2 . ASP A 1 108 ? -1.851  6.857   -9.418  1.00 28.75 ? 63  ASP A OD2 1 
ATOM   423  N  N   . LEU A 1 109 ? -0.442  4.666   -5.038  1.00 27.52 ? 64  LEU A N   1 
ATOM   424  C  CA  . LEU A 1 109 ? 0.635   5.017   -4.117  1.00 27.83 ? 64  LEU A CA  1 
ATOM   425  C  C   . LEU A 1 109 ? 1.980   5.209   -4.841  1.00 27.98 ? 64  LEU A C   1 
ATOM   426  O  O   . LEU A 1 109 ? 3.050   5.013   -4.249  1.00 28.29 ? 64  LEU A O   1 
ATOM   427  C  CB  . LEU A 1 109 ? 0.781   3.937   -3.034  1.00 30.79 ? 64  LEU A CB  1 
ATOM   428  C  CG  . LEU A 1 109 ? -0.479  3.268   -2.461  1.00 32.85 ? 64  LEU A CG  1 
ATOM   429  C  CD1 . LEU A 1 109 ? -0.100  2.414   -1.247  1.00 36.42 ? 64  LEU A CD1 1 
ATOM   430  C  CD2 . LEU A 1 109 ? -1.490  4.309   -2.060  1.00 35.30 ? 64  LEU A CD2 1 
ATOM   431  N  N   . THR A 1 110 ? 1.921   5.604   -6.113  1.00 26.16 ? 65  THR A N   1 
ATOM   432  C  CA  . THR A 1 110 ? 3.123   5.850   -6.913  1.00 25.49 ? 65  THR A CA  1 
ATOM   433  C  C   . THR A 1 110 ? 4.062   6.840   -6.188  1.00 27.58 ? 65  THR A C   1 
ATOM   434  O  O   . THR A 1 110 ? 3.609   7.838   -5.634  1.00 25.73 ? 65  THR A O   1 
ATOM   435  C  CB  . THR A 1 110 ? 2.721   6.402   -8.306  1.00 26.21 ? 65  THR A CB  1 
ATOM   436  O  OG1 . THR A 1 110 ? 1.989   5.387   -9.008  1.00 25.20 ? 65  THR A OG1 1 
ATOM   437  C  CG2 . THR A 1 110 ? 3.961   6.796   -9.139  1.00 24.41 ? 65  THR A CG2 1 
ATOM   438  N  N   . ASN A 1 111 ? 5.360   6.534   -6.185  1.00 27.95 ? 66  ASN A N   1 
ATOM   439  C  CA  . ASN A 1 111 ? 6.388   7.347   -5.525  1.00 27.50 ? 66  ASN A CA  1 
ATOM   440  C  C   . ASN A 1 111 ? 6.175   7.473   -4.010  1.00 28.09 ? 66  ASN A C   1 
ATOM   441  O  O   . ASN A 1 111 ? 6.726   8.360   -3.363  1.00 28.84 ? 66  ASN A O   1 
ATOM   442  C  CB  . ASN A 1 111 ? 6.455   8.740   -6.153  1.00 27.57 ? 66  ASN A CB  1 
ATOM   443  C  CG  . ASN A 1 111 ? 6.962   8.707   -7.583  1.00 31.37 ? 66  ASN A CG  1 
ATOM   444  O  OD1 . ASN A 1 111 ? 6.341   9.265   -8.491  1.00 31.42 ? 66  ASN A OD1 1 
ATOM   445  N  ND2 . ASN A 1 111 ? 8.092   8.042   -7.793  1.00 30.64 ? 66  ASN A ND2 1 
ATOM   446  N  N   . GLY A 1 112 ? 5.375   6.573   -3.452  1.00 30.03 ? 67  GLY A N   1 
ATOM   447  C  CA  . GLY A 1 112 ? 5.106   6.593   -2.025  1.00 30.23 ? 67  GLY A CA  1 
ATOM   448  C  C   . GLY A 1 112 ? 6.281   6.087   -1.209  1.00 32.61 ? 67  GLY A C   1 
ATOM   449  O  O   . GLY A 1 112 ? 7.222   5.497   -1.754  1.00 31.24 ? 67  GLY A O   1 
ATOM   450  N  N   . LEU A 1 113 ? 6.230   6.319   0.100   1.00 32.46 ? 68  LEU A N   1 
ATOM   451  C  CA  . LEU A 1 113 ? 7.302   5.888   0.992   1.00 34.37 ? 68  LEU A CA  1 
ATOM   452  C  C   . LEU A 1 113 ? 6.733   5.368   2.310   1.00 34.00 ? 68  LEU A C   1 
ATOM   453  O  O   . LEU A 1 113 ? 5.876   6.006   2.923   1.00 33.53 ? 68  LEU A O   1 
ATOM   454  C  CB  . LEU A 1 113 ? 8.250   7.059   1.276   1.00 37.65 ? 68  LEU A CB  1 
ATOM   455  C  CG  . LEU A 1 113 ? 8.882   7.779   0.075   1.00 42.92 ? 68  LEU A CG  1 
ATOM   456  C  CD1 . LEU A 1 113 ? 9.579   9.054   0.542   1.00 44.59 ? 68  LEU A CD1 1 
ATOM   457  C  CD2 . LEU A 1 113 ? 9.874   6.858   -0.626  1.00 43.49 ? 68  LEU A CD2 1 
ATOM   458  N  N   . ALA A 1 114 ? 7.202   4.202   2.740   1.00 34.02 ? 69  ALA A N   1 
ATOM   459  C  CA  . ALA A 1 114 ? 6.755   3.617   4.000   1.00 34.09 ? 69  ALA A CA  1 
ATOM   460  C  C   . ALA A 1 114 ? 7.961   3.094   4.765   1.00 34.75 ? 69  ALA A C   1 
ATOM   461  O  O   . ALA A 1 114 ? 8.863   2.498   4.184   1.00 35.37 ? 69  ALA A O   1 
ATOM   462  C  CB  . ALA A 1 114 ? 5.755   2.482   3.748   1.00 31.49 ? 69  ALA A CB  1 
ATOM   463  N  N   . TYR A 1 115 ? 7.964   3.327   6.071   1.00 36.49 ? 70  TYR A N   1 
ATOM   464  C  CA  . TYR A 1 115 ? 9.044   2.888   6.944   1.00 36.79 ? 70  TYR A CA  1 
ATOM   465  C  C   . TYR A 1 115 ? 8.409   2.462   8.267   1.00 35.83 ? 70  TYR A C   1 
ATOM   466  O  O   . TYR A 1 115 ? 7.598   3.202   8.821   1.00 36.35 ? 70  TYR A O   1 
ATOM   467  C  CB  . TYR A 1 115 ? 10.028  4.041   7.172   1.00 39.38 ? 70  TYR A CB  1 
ATOM   468  C  CG  . TYR A 1 115 ? 11.268  3.628   7.917   1.00 41.50 ? 70  TYR A CG  1 
ATOM   469  C  CD1 . TYR A 1 115 ? 12.201  2.785   7.325   1.00 43.03 ? 70  TYR A CD1 1 
ATOM   470  C  CD2 . TYR A 1 115 ? 11.489  4.044   9.227   1.00 43.00 ? 70  TYR A CD2 1 
ATOM   471  C  CE1 . TYR A 1 115 ? 13.326  2.359   8.022   1.00 46.03 ? 70  TYR A CE1 1 
ATOM   472  C  CE2 . TYR A 1 115 ? 12.612  3.627   9.935   1.00 44.66 ? 70  TYR A CE2 1 
ATOM   473  C  CZ  . TYR A 1 115 ? 13.526  2.784   9.325   1.00 45.69 ? 70  TYR A CZ  1 
ATOM   474  O  OH  . TYR A 1 115 ? 14.633  2.354   10.017  1.00 48.95 ? 70  TYR A OH  1 
ATOM   475  N  N   . LEU A 1 116 ? 8.771   1.273   8.757   1.00 35.21 ? 71  LEU A N   1 
ATOM   476  C  CA  . LEU A 1 116 ? 8.232   0.721   10.006  1.00 33.53 ? 71  LEU A CA  1 
ATOM   477  C  C   . LEU A 1 116 ? 6.710   0.760   10.010  1.00 33.42 ? 71  LEU A C   1 
ATOM   478  O  O   . LEU A 1 116 ? 6.083   1.154   10.999  1.00 29.93 ? 71  LEU A O   1 
ATOM   479  C  CB  . LEU A 1 116 ? 8.760   1.498   11.211  1.00 36.09 ? 71  LEU A CB  1 
ATOM   480  C  CG  . LEU A 1 116 ? 10.259  1.402   11.487  1.00 39.70 ? 71  LEU A CG  1 
ATOM   481  C  CD1 . LEU A 1 116 ? 10.602  2.272   12.685  1.00 39.41 ? 71  LEU A CD1 1 
ATOM   482  C  CD2 . LEU A 1 116 ? 10.652  -0.047  11.749  1.00 40.10 ? 71  LEU A CD2 1 
ATOM   483  N  N   . THR A 1 117 ? 6.130   0.332   8.896   1.00 33.02 ? 72  THR A N   1 
ATOM   484  C  CA  . THR A 1 117 ? 4.690   0.340   8.707   1.00 31.41 ? 72  THR A CA  1 
ATOM   485  C  C   . THR A 1 117 ? 4.159   -1.066  8.466   1.00 31.78 ? 72  THR A C   1 
ATOM   486  O  O   . THR A 1 117 ? 4.891   -1.964  8.040   1.00 31.40 ? 72  THR A O   1 
ATOM   487  C  CB  . THR A 1 117 ? 4.344   1.254   7.520   1.00 31.99 ? 72  THR A CB  1 
ATOM   488  O  OG1 . THR A 1 117 ? 4.677   2.599   7.876   1.00 33.68 ? 72  THR A OG1 1 
ATOM   489  C  CG2 . THR A 1 117 ? 2.880   1.166   7.152   1.00 31.09 ? 72  THR A CG2 1 
ATOM   490  N  N   . SER A 1 118 ? 2.876   -1.257  8.737   1.00 30.23 ? 73  SER A N   1 
ATOM   491  C  CA  . SER A 1 118 ? 2.263   -2.565  8.556   1.00 30.11 ? 73  SER A CA  1 
ATOM   492  C  C   . SER A 1 118 ? 1.012   -2.553  7.683   1.00 29.26 ? 73  SER A C   1 
ATOM   493  O  O   . SER A 1 118 ? 0.086   -1.773  7.916   1.00 29.90 ? 73  SER A O   1 
ATOM   494  C  CB  . SER A 1 118 ? 1.923   -3.159  9.925   1.00 28.12 ? 73  SER A CB  1 
ATOM   495  O  OG  . SER A 1 118 ? 1.220   -4.365  9.777   1.00 29.39 ? 73  SER A OG  1 
ATOM   496  N  N   . PHE A 1 119 ? 1.000   -3.428  6.679   1.00 28.90 ? 74  PHE A N   1 
ATOM   497  C  CA  . PHE A 1 119 ? -0.139  -3.572  5.784   1.00 26.73 ? 74  PHE A CA  1 
ATOM   498  C  C   . PHE A 1 119 ? -0.806  -4.937  6.017   1.00 29.33 ? 74  PHE A C   1 
ATOM   499  O  O   . PHE A 1 119 ? -1.397  -5.502  5.103   1.00 26.96 ? 74  PHE A O   1 
ATOM   500  C  CB  . PHE A 1 119 ? 0.294   -3.481  4.313   1.00 27.06 ? 74  PHE A CB  1 
ATOM   501  C  CG  . PHE A 1 119 ? 0.619   -2.087  3.842   1.00 26.05 ? 74  PHE A CG  1 
ATOM   502  C  CD1 . PHE A 1 119 ? 1.895   -1.553  4.020   1.00 27.99 ? 74  PHE A CD1 1 
ATOM   503  C  CD2 . PHE A 1 119 ? -0.344  -1.314  3.199   1.00 27.04 ? 74  PHE A CD2 1 
ATOM   504  C  CE1 . PHE A 1 119 ? 2.214   -0.257  3.553   1.00 29.02 ? 74  PHE A CE1 1 
ATOM   505  C  CE2 . PHE A 1 119 ? -0.043  -0.017  2.727   1.00 29.16 ? 74  PHE A CE2 1 
ATOM   506  C  CZ  . PHE A 1 119 ? 1.241   0.511   2.906   1.00 28.20 ? 74  PHE A CZ  1 
ATOM   507  N  N   . LYS A 1 120 ? -0.711  -5.471  7.233   1.00 29.92 ? 75  LYS A N   1 
ATOM   508  C  CA  . LYS A 1 120 ? -1.308  -6.776  7.531   1.00 31.50 ? 75  LYS A CA  1 
ATOM   509  C  C   . LYS A 1 120 ? -2.820  -6.808  7.331   1.00 29.99 ? 75  LYS A C   1 
ATOM   510  O  O   . LYS A 1 120 ? -3.547  -5.990  7.892   1.00 30.74 ? 75  LYS A O   1 
ATOM   511  C  CB  . LYS A 1 120 ? -0.988  -7.193  8.971   1.00 35.62 ? 75  LYS A CB  1 
ATOM   512  C  CG  . LYS A 1 120 ? 0.491   -7.210  9.250   1.00 42.81 ? 75  LYS A CG  1 
ATOM   513  C  CD  . LYS A 1 120 ? 0.789   -7.344  10.726  1.00 47.88 ? 75  LYS A CD  1 
ATOM   514  C  CE  . LYS A 1 120 ? 2.250   -7.008  10.978  1.00 52.15 ? 75  LYS A CE  1 
ATOM   515  N  NZ  . LYS A 1 120 ? 2.582   -6.997  12.426  1.00 56.80 ? 75  LYS A NZ  1 
ATOM   516  N  N   . GLY A 1 121 ? -3.280  -7.764  6.527   1.00 29.44 ? 76  GLY A N   1 
ATOM   517  C  CA  . GLY A 1 121 ? -4.704  -7.916  6.268   1.00 28.42 ? 76  GLY A CA  1 
ATOM   518  C  C   . GLY A 1 121 ? -5.291  -6.871  5.337   1.00 27.76 ? 76  GLY A C   1 
ATOM   519  O  O   . GLY A 1 121 ? -6.489  -6.883  5.074   1.00 28.98 ? 76  GLY A O   1 
ATOM   520  N  N   . ALA A 1 122 ? -4.450  -5.973  4.833   1.00 25.89 ? 77  ALA A N   1 
ATOM   521  C  CA  . ALA A 1 122 ? -4.908  -4.905  3.946   1.00 27.08 ? 77  ALA A CA  1 
ATOM   522  C  C   . ALA A 1 122 ? -5.324  -5.404  2.566   1.00 26.98 ? 77  ALA A C   1 
ATOM   523  O  O   . ALA A 1 122 ? -4.845  -6.427  2.087   1.00 27.76 ? 77  ALA A O   1 
ATOM   524  C  CB  . ALA A 1 122 ? -3.810  -3.853  3.793   1.00 22.79 ? 77  ALA A CB  1 
ATOM   525  N  N   . ASP A 1 123 ? -6.221  -4.671  1.922   1.00 25.97 ? 78  ASP A N   1 
ATOM   526  C  CA  . ASP A 1 123 ? -6.649  -5.045  0.584   1.00 27.34 ? 78  ASP A CA  1 
ATOM   527  C  C   . ASP A 1 123 ? -5.934  -4.122  -0.388  1.00 26.32 ? 78  ASP A C   1 
ATOM   528  O  O   . ASP A 1 123 ? -6.287  -2.950  -0.512  1.00 26.67 ? 78  ASP A O   1 
ATOM   529  C  CB  . ASP A 1 123 ? -8.165  -4.901  0.427   1.00 27.50 ? 78  ASP A CB  1 
ATOM   530  C  CG  . ASP A 1 123 ? -8.650  -5.365  -0.937  1.00 31.96 ? 78  ASP A CG  1 
ATOM   531  O  OD1 . ASP A 1 123 ? -7.792  -5.590  -1.829  1.00 30.53 ? 78  ASP A OD1 1 
ATOM   532  O  OD2 . ASP A 1 123 ? -9.882  -5.500  -1.124  1.00 31.42 ? 78  ASP A OD2 1 
ATOM   533  N  N   . LEU A 1 124 ? -4.925  -4.658  -1.067  1.00 26.34 ? 79  LEU A N   1 
ATOM   534  C  CA  . LEU A 1 124 ? -4.148  -3.887  -2.030  1.00 26.62 ? 79  LEU A CA  1 
ATOM   535  C  C   . LEU A 1 124 ? -4.431  -4.331  -3.467  1.00 26.85 ? 79  LEU A C   1 
ATOM   536  O  O   . LEU A 1 124 ? -3.665  -4.021  -4.379  1.00 28.19 ? 79  LEU A O   1 
ATOM   537  C  CB  . LEU A 1 124 ? -2.648  -4.017  -1.714  1.00 26.56 ? 79  LEU A CB  1 
ATOM   538  C  CG  . LEU A 1 124 ? -2.126  -3.240  -0.490  1.00 30.38 ? 79  LEU A CG  1 
ATOM   539  C  CD1 . LEU A 1 124 ? -0.803  -3.820  0.017   1.00 28.08 ? 79  LEU A CD1 1 
ATOM   540  C  CD2 . LEU A 1 124 ? -1.956  -1.767  -0.869  1.00 28.28 ? 79  LEU A CD2 1 
ATOM   541  N  N   . THR A 1 125 ? -5.529  -5.053  -3.672  1.00 25.73 ? 80  THR A N   1 
ATOM   542  C  CA  . THR A 1 125 ? -5.874  -5.510  -5.011  1.00 26.09 ? 80  THR A CA  1 
ATOM   543  C  C   . THR A 1 125 ? -6.027  -4.306  -5.949  1.00 27.13 ? 80  THR A C   1 
ATOM   544  O  O   . THR A 1 125 ? -6.632  -3.292  -5.595  1.00 28.13 ? 80  THR A O   1 
ATOM   545  C  CB  . THR A 1 125 ? -7.175  -6.390  -5.008  1.00 25.81 ? 80  THR A CB  1 
ATOM   546  O  OG1 . THR A 1 125 ? -8.259  -5.669  -4.428  1.00 28.66 ? 80  THR A OG1 1 
ATOM   547  C  CG2 . THR A 1 125 ? -6.963  -7.668  -4.191  1.00 24.17 ? 80  THR A CG2 1 
ATOM   548  N  N   . ASN A 1 126 ? -5.444  -4.421  -7.139  1.00 28.03 ? 81  ASN A N   1 
ATOM   549  C  CA  . ASN A 1 126 ? -5.474  -3.355  -8.144  1.00 27.21 ? 81  ASN A CA  1 
ATOM   550  C  C   . ASN A 1 126 ? -4.790  -2.041  -7.741  1.00 26.02 ? 81  ASN A C   1 
ATOM   551  O  O   . ASN A 1 126 ? -4.849  -1.064  -8.479  1.00 26.54 ? 81  ASN A O   1 
ATOM   552  C  CB  . ASN A 1 126 ? -6.913  -3.069  -8.585  1.00 28.24 ? 81  ASN A CB  1 
ATOM   553  C  CG  . ASN A 1 126 ? -7.546  -4.248  -9.312  1.00 30.59 ? 81  ASN A CG  1 
ATOM   554  O  OD1 . ASN A 1 126 ? -6.859  -5.208  -9.681  1.00 29.89 ? 81  ASN A OD1 1 
ATOM   555  N  ND2 . ASN A 1 126 ? -8.858  -4.185  -9.519  1.00 29.82 ? 81  ASN A ND2 1 
ATOM   556  N  N   . ALA A 1 127 ? -4.131  -2.005  -6.586  1.00 26.69 ? 82  ALA A N   1 
ATOM   557  C  CA  . ALA A 1 127 ? -3.446  -0.780  -6.173  1.00 27.39 ? 82  ALA A CA  1 
ATOM   558  C  C   . ALA A 1 127 ? -2.175  -0.620  -7.014  1.00 27.37 ? 82  ALA A C   1 
ATOM   559  O  O   . ALA A 1 127 ? -1.631  -1.614  -7.506  1.00 27.00 ? 82  ALA A O   1 
ATOM   560  C  CB  . ALA A 1 127 ? -3.098  -0.834  -4.684  1.00 25.60 ? 82  ALA A CB  1 
ATOM   561  N  N   . VAL A 1 128 ? -1.723  0.625   -7.182  1.00 27.18 ? 83  VAL A N   1 
ATOM   562  C  CA  . VAL A 1 128 ? -0.518  0.939   -7.969  1.00 26.78 ? 83  VAL A CA  1 
ATOM   563  C  C   . VAL A 1 128 ? 0.592   1.459   -7.036  1.00 28.32 ? 83  VAL A C   1 
ATOM   564  O  O   . VAL A 1 128 ? 0.428   2.508   -6.413  1.00 28.37 ? 83  VAL A O   1 
ATOM   565  C  CB  . VAL A 1 128 ? -0.842  2.024   -9.049  1.00 26.69 ? 83  VAL A CB  1 
ATOM   566  C  CG1 . VAL A 1 128 ? 0.435   2.468   -9.777  1.00 24.08 ? 83  VAL A CG1 1 
ATOM   567  C  CG2 . VAL A 1 128 ? -1.854  1.469   -10.063 1.00 23.79 ? 83  VAL A CG2 1 
ATOM   568  N  N   . LEU A 1 129 ? 1.706   0.732   -6.932  1.00 28.06 ? 84  LEU A N   1 
ATOM   569  C  CA  . LEU A 1 129 ? 2.806   1.148   -6.051  1.00 28.62 ? 84  LEU A CA  1 
ATOM   570  C  C   . LEU A 1 129 ? 4.124   1.397   -6.791  1.00 27.97 ? 84  LEU A C   1 
ATOM   571  O  O   . LEU A 1 129 ? 5.209   1.209   -6.241  1.00 26.05 ? 84  LEU A O   1 
ATOM   572  C  CB  . LEU A 1 129 ? 3.030   0.110   -4.944  1.00 28.39 ? 84  LEU A CB  1 
ATOM   573  C  CG  . LEU A 1 129 ? 1.800   -0.203  -4.091  1.00 31.56 ? 84  LEU A CG  1 
ATOM   574  C  CD1 . LEU A 1 129 ? 1.120   -1.440  -4.666  1.00 29.90 ? 84  LEU A CD1 1 
ATOM   575  C  CD2 . LEU A 1 129 ? 2.191   -0.453  -2.645  1.00 30.96 ? 84  LEU A CD2 1 
ATOM   576  N  N   . THR A 1 130 ? 4.004   1.841   -8.035  1.00 29.03 ? 85  THR A N   1 
ATOM   577  C  CA  . THR A 1 130 ? 5.144   2.143   -8.897  1.00 31.39 ? 85  THR A CA  1 
ATOM   578  C  C   . THR A 1 130 ? 6.211   2.982   -8.196  1.00 30.73 ? 85  THR A C   1 
ATOM   579  O  O   . THR A 1 130 ? 5.917   4.044   -7.642  1.00 29.07 ? 85  THR A O   1 
ATOM   580  C  CB  . THR A 1 130 ? 4.676   2.910   -10.150 1.00 33.60 ? 85  THR A CB  1 
ATOM   581  O  OG1 . THR A 1 130 ? 3.574   2.216   -10.744 1.00 34.35 ? 85  THR A OG1 1 
ATOM   582  C  CG2 . THR A 1 130 ? 5.805   3.032   -11.167 1.00 34.01 ? 85  THR A CG2 1 
ATOM   583  N  N   . GLU A 1 131 ? 7.446   2.487   -8.230  1.00 31.22 ? 86  GLU A N   1 
ATOM   584  C  CA  . GLU A 1 131 ? 8.602   3.158   -7.636  1.00 32.56 ? 86  GLU A CA  1 
ATOM   585  C  C   . GLU A 1 131 ? 8.469   3.475   -6.152  1.00 32.20 ? 86  GLU A C   1 
ATOM   586  O  O   . GLU A 1 131 ? 9.172   4.342   -5.631  1.00 31.41 ? 86  GLU A O   1 
ATOM   587  C  CB  . GLU A 1 131 ? 8.917   4.444   -8.419  1.00 35.18 ? 86  GLU A CB  1 
ATOM   588  C  CG  . GLU A 1 131 ? 9.118   4.194   -9.914  1.00 42.02 ? 86  GLU A CG  1 
ATOM   589  C  CD  . GLU A 1 131 ? 9.303   5.470   -10.724 1.00 47.43 ? 86  GLU A CD  1 
ATOM   590  O  OE1 . GLU A 1 131 ? 8.537   6.439   -10.513 1.00 49.71 ? 86  GLU A OE1 1 
ATOM   591  O  OE2 . GLU A 1 131 ? 10.205  5.491   -11.592 1.00 51.41 ? 86  GLU A OE2 1 
ATOM   592  N  N   . ALA A 1 132 ? 7.578   2.769   -5.465  1.00 31.83 ? 87  ALA A N   1 
ATOM   593  C  CA  . ALA A 1 132 ? 7.390   2.998   -4.037  1.00 31.43 ? 87  ALA A CA  1 
ATOM   594  C  C   . ALA A 1 132 ? 8.554   2.393   -3.262  1.00 32.03 ? 87  ALA A C   1 
ATOM   595  O  O   . ALA A 1 132 ? 9.003   1.290   -3.570  1.00 33.52 ? 87  ALA A O   1 
ATOM   596  C  CB  . ALA A 1 132 ? 6.078   2.370   -3.567  1.00 32.00 ? 87  ALA A CB  1 
ATOM   597  N  N   . ILE A 1 133 ? 9.038   3.115   -2.257  1.00 31.40 ? 88  ILE A N   1 
ATOM   598  C  CA  . ILE A 1 133 ? 10.135  2.635   -1.423  1.00 33.58 ? 88  ILE A CA  1 
ATOM   599  C  C   . ILE A 1 133 ? 9.565   2.269   -0.058  1.00 33.62 ? 88  ILE A C   1 
ATOM   600  O  O   . ILE A 1 133 ? 9.229   3.142   0.736   1.00 31.26 ? 88  ILE A O   1 
ATOM   601  C  CB  . ILE A 1 133 ? 11.213  3.726   -1.249  1.00 35.61 ? 88  ILE A CB  1 
ATOM   602  C  CG1 . ILE A 1 133 ? 11.836  4.052   -2.611  1.00 37.42 ? 88  ILE A CG1 1 
ATOM   603  C  CG2 . ILE A 1 133 ? 12.278  3.260   -0.259  1.00 35.69 ? 88  ILE A CG2 1 
ATOM   604  C  CD1 . ILE A 1 133 ? 12.727  5.274   -2.618  1.00 40.87 ? 88  ILE A CD1 1 
HETATM 605  N  N   . MSE A 1 134 ? 9.457   0.977   0.222   1.00 34.83 ? 89  MSE A N   1 
HETATM 606  C  CA  . MSE A 1 134 ? 8.893   0.562   1.497   1.00 37.88 ? 89  MSE A CA  1 
HETATM 607  C  C   . MSE A 1 134 ? 9.744   -0.453  2.244   1.00 38.24 ? 89  MSE A C   1 
HETATM 608  O  O   . MSE A 1 134 ? 9.576   -1.663  2.101   1.00 38.21 ? 89  MSE A O   1 
HETATM 609  C  CB  . MSE A 1 134 ? 7.485   0.016   1.268   1.00 41.25 ? 89  MSE A CB  1 
HETATM 610  C  CG  . MSE A 1 134 ? 6.576   1.041   0.588   1.00 44.01 ? 89  MSE A CG  1 
HETATM 611  SE SE  . MSE A 1 134 ? 4.851   0.352   0.101   1.00 55.99 ? 89  MSE A SE  1 
HETATM 612  C  CE  . MSE A 1 134 ? 5.370   -0.703  -1.412  1.00 36.53 ? 89  MSE A CE  1 
HETATM 613  N  N   . MSE A 1 135 ? 10.658  0.052   3.059   1.00 40.16 ? 90  MSE A N   1 
HETATM 614  C  CA  . MSE A 1 135 ? 11.530  -0.815  3.829   1.00 42.52 ? 90  MSE A CA  1 
HETATM 615  C  C   . MSE A 1 135 ? 11.013  -0.964  5.250   1.00 38.98 ? 90  MSE A C   1 
HETATM 616  O  O   . MSE A 1 135 ? 10.367  -0.060  5.775   1.00 36.63 ? 90  MSE A O   1 
HETATM 617  C  CB  . MSE A 1 135 ? 12.950  -0.257  3.813   1.00 49.84 ? 90  MSE A CB  1 
HETATM 618  C  CG  . MSE A 1 135 ? 13.501  -0.122  2.400   1.00 58.91 ? 90  MSE A CG  1 
HETATM 619  SE SE  . MSE A 1 135 ? 15.388  0.243   2.381   1.00 74.38 ? 90  MSE A SE  1 
HETATM 620  C  CE  . MSE A 1 135 ? 15.331  1.952   3.306   1.00 67.57 ? 90  MSE A CE  1 
ATOM   621  N  N   . ARG A 1 136 ? 11.297  -2.111  5.860   1.00 37.23 ? 91  ARG A N   1 
ATOM   622  C  CA  . ARG A 1 136 ? 10.829  -2.392  7.213   1.00 38.21 ? 91  ARG A CA  1 
ATOM   623  C  C   . ARG A 1 136 ? 9.300   -2.331  7.230   1.00 36.13 ? 91  ARG A C   1 
ATOM   624  O  O   . ARG A 1 136 ? 8.704   -1.812  8.172   1.00 36.11 ? 91  ARG A O   1 
ATOM   625  C  CB  . ARG A 1 136 ? 11.366  -1.354  8.197   1.00 44.17 ? 91  ARG A CB  1 
ATOM   626  C  CG  . ARG A 1 136 ? 12.869  -1.343  8.376   1.00 48.49 ? 91  ARG A CG  1 
ATOM   627  C  CD  . ARG A 1 136 ? 13.358  -2.660  8.930   1.00 54.54 ? 91  ARG A CD  1 
ATOM   628  N  NE  . ARG A 1 136 ? 14.625  -2.511  9.638   1.00 58.57 ? 91  ARG A NE  1 
ATOM   629  C  CZ  . ARG A 1 136 ? 14.754  -1.898  10.809  1.00 61.65 ? 91  ARG A CZ  1 
ATOM   630  N  NH1 . ARG A 1 136 ? 13.689  -1.374  11.407  1.00 62.27 ? 91  ARG A NH1 1 
ATOM   631  N  NH2 . ARG A 1 136 ? 15.948  -1.805  11.385  1.00 62.35 ? 91  ARG A NH2 1 
ATOM   632  N  N   . THR A 1 137 ? 8.670   -2.851  6.181   1.00 34.36 ? 92  THR A N   1 
ATOM   633  C  CA  . THR A 1 137 ? 7.216   -2.821  6.076   1.00 33.52 ? 92  THR A CA  1 
ATOM   634  C  C   . THR A 1 137 ? 6.659   -4.223  5.828   1.00 32.43 ? 92  THR A C   1 
ATOM   635  O  O   . THR A 1 137 ? 7.125   -4.937  4.939   1.00 33.54 ? 92  THR A O   1 
ATOM   636  C  CB  . THR A 1 137 ? 6.798   -1.825  4.954   1.00 34.20 ? 92  THR A CB  1 
ATOM   637  O  OG1 . THR A 1 137 ? 7.242   -0.508  5.318   1.00 32.15 ? 92  THR A OG1 1 
ATOM   638  C  CG2 . THR A 1 137 ? 5.289   -1.807  4.761   1.00 31.62 ? 92  THR A CG2 1 
ATOM   639  N  N   . LYS A 1 138 ? 5.668   -4.614  6.624   1.00 30.04 ? 93  LYS A N   1 
ATOM   640  C  CA  . LYS A 1 138 ? 5.065   -5.944  6.514   1.00 31.31 ? 93  LYS A CA  1 
ATOM   641  C  C   . LYS A 1 138 ? 3.783   -6.000  5.673   1.00 30.03 ? 93  LYS A C   1 
ATOM   642  O  O   . LYS A 1 138 ? 2.963   -5.078  5.714   1.00 27.41 ? 93  LYS A O   1 
ATOM   643  C  CB  . LYS A 1 138 ? 4.775   -6.484  7.917   1.00 29.19 ? 93  LYS A CB  1 
ATOM   644  C  CG  . LYS A 1 138 ? 5.979   -6.435  8.848   1.00 35.62 ? 93  LYS A CG  1 
ATOM   645  C  CD  . LYS A 1 138 ? 5.619   -6.960  10.222  1.00 35.71 ? 93  LYS A CD  1 
ATOM   646  C  CE  . LYS A 1 138 ? 6.775   -6.819  11.189  1.00 38.95 ? 93  LYS A CE  1 
ATOM   647  N  NZ  . LYS A 1 138 ? 6.337   -7.186  12.562  1.00 41.62 ? 93  LYS A NZ  1 
ATOM   648  N  N   . PHE A 1 139 ? 3.630   -7.091  4.922   1.00 28.45 ? 94  PHE A N   1 
ATOM   649  C  CA  . PHE A 1 139 ? 2.465   -7.310  4.064   1.00 29.32 ? 94  PHE A CA  1 
ATOM   650  C  C   . PHE A 1 139 ? 1.768   -8.643  4.376   1.00 29.40 ? 94  PHE A C   1 
ATOM   651  O  O   . PHE A 1 139 ? 1.047   -9.182  3.529   1.00 31.60 ? 94  PHE A O   1 
ATOM   652  C  CB  . PHE A 1 139 ? 2.875   -7.296  2.582   1.00 28.91 ? 94  PHE A CB  1 
ATOM   653  C  CG  . PHE A 1 139 ? 3.438   -5.971  2.103   1.00 29.79 ? 94  PHE A CG  1 
ATOM   654  C  CD1 . PHE A 1 139 ? 4.781   -5.654  2.301   1.00 29.03 ? 94  PHE A CD1 1 
ATOM   655  C  CD2 . PHE A 1 139 ? 2.621   -5.045  1.449   1.00 29.02 ? 94  PHE A CD2 1 
ATOM   656  C  CE1 . PHE A 1 139 ? 5.313   -4.430  1.854   1.00 27.52 ? 94  PHE A CE1 1 
ATOM   657  C  CE2 . PHE A 1 139 ? 3.138   -3.815  0.997   1.00 29.78 ? 94  PHE A CE2 1 
ATOM   658  C  CZ  . PHE A 1 139 ? 4.489   -3.510  1.200   1.00 29.22 ? 94  PHE A CZ  1 
ATOM   659  N  N   . ASP A 1 140 ? 1.966   -9.163  5.590   1.00 29.47 ? 95  ASP A N   1 
ATOM   660  C  CA  . ASP A 1 140 ? 1.370   -10.440 5.990   1.00 31.51 ? 95  ASP A CA  1 
ATOM   661  C  C   . ASP A 1 140 ? -0.149  -10.467 5.794   1.00 32.00 ? 95  ASP A C   1 
ATOM   662  O  O   . ASP A 1 140 ? -0.869  -9.596  6.299   1.00 32.00 ? 95  ASP A O   1 
ATOM   663  C  CB  . ASP A 1 140 ? 1.699   -10.752 7.458   1.00 32.49 ? 95  ASP A CB  1 
ATOM   664  C  CG  . ASP A 1 140 ? 3.193   -10.679 7.755   1.00 35.94 ? 95  ASP A CG  1 
ATOM   665  O  OD1 . ASP A 1 140 ? 3.601   -9.787  8.529   1.00 37.37 ? 95  ASP A OD1 1 
ATOM   666  O  OD2 . ASP A 1 140 ? 3.964   -11.502 7.216   1.00 35.04 ? 95  ASP A OD2 1 
ATOM   667  N  N   . ASP A 1 141 ? -0.614  -11.468 5.050   1.00 31.54 ? 96  ASP A N   1 
ATOM   668  C  CA  . ASP A 1 141 ? -2.035  -11.663 4.762   1.00 33.41 ? 96  ASP A CA  1 
ATOM   669  C  C   . ASP A 1 141 ? -2.696  -10.590 3.882   1.00 31.96 ? 96  ASP A C   1 
ATOM   670  O  O   . ASP A 1 141 ? -3.924  -10.559 3.739   1.00 30.12 ? 96  ASP A O   1 
ATOM   671  C  CB  . ASP A 1 141 ? -2.815  -11.808 6.072   1.00 38.09 ? 96  ASP A CB  1 
ATOM   672  C  CG  . ASP A 1 141 ? -2.422  -13.056 6.849   1.00 44.10 ? 96  ASP A CG  1 
ATOM   673  O  OD1 . ASP A 1 141 ? -2.668  -14.168 6.335   1.00 45.05 ? 96  ASP A OD1 1 
ATOM   674  O  OD2 . ASP A 1 141 ? -1.860  -12.927 7.964   1.00 45.90 ? 96  ASP A OD2 1 
ATOM   675  N  N   . ALA A 1 142 ? -1.894  -9.715  3.287   1.00 29.37 ? 97  ALA A N   1 
ATOM   676  C  CA  . ALA A 1 142 ? -2.458  -8.682  2.422   1.00 29.41 ? 97  ALA A CA  1 
ATOM   677  C  C   . ALA A 1 142 ? -2.864  -9.279  1.072   1.00 29.40 ? 97  ALA A C   1 
ATOM   678  O  O   . ALA A 1 142 ? -2.195  -10.177 0.547   1.00 28.68 ? 97  ALA A O   1 
ATOM   679  C  CB  . ALA A 1 142 ? -1.444  -7.556  2.205   1.00 27.73 ? 97  ALA A CB  1 
ATOM   680  N  N   . LYS A 1 143 ? -3.968  -8.778  0.525   1.00 28.57 ? 98  LYS A N   1 
ATOM   681  C  CA  . LYS A 1 143 ? -4.463  -9.219  -0.773  1.00 29.88 ? 98  LYS A CA  1 
ATOM   682  C  C   . LYS A 1 143 ? -3.783  -8.362  -1.826  1.00 27.04 ? 98  LYS A C   1 
ATOM   683  O  O   . LYS A 1 143 ? -3.985  -7.145  -1.858  1.00 25.78 ? 98  LYS A O   1 
ATOM   684  C  CB  . LYS A 1 143 ? -5.973  -9.011  -0.869  1.00 32.44 ? 98  LYS A CB  1 
ATOM   685  C  CG  . LYS A 1 143 ? -6.798  -9.916  0.026   1.00 38.98 ? 98  LYS A CG  1 
ATOM   686  C  CD  . LYS A 1 143 ? -8.274  -9.684  -0.253  1.00 44.66 ? 98  LYS A CD  1 
ATOM   687  C  CE  . LYS A 1 143 ? -9.145  -10.713 0.430   1.00 47.73 ? 98  LYS A CE  1 
ATOM   688  N  NZ  . LYS A 1 143 ? -10.562 -10.570 -0.003  1.00 50.06 ? 98  LYS A NZ  1 
ATOM   689  N  N   . ILE A 1 144 ? -3.001  -8.984  -2.698  1.00 23.39 ? 99  ILE A N   1 
ATOM   690  C  CA  . ILE A 1 144 ? -2.307  -8.216  -3.708  1.00 24.08 ? 99  ILE A CA  1 
ATOM   691  C  C   . ILE A 1 144 ? -2.679  -8.501  -5.158  1.00 23.83 ? 99  ILE A C   1 
ATOM   692  O  O   . ILE A 1 144 ? -2.000  -8.024  -6.067  1.00 25.94 ? 99  ILE A O   1 
ATOM   693  C  CB  . ILE A 1 144 ? -0.785  -8.365  -3.551  1.00 24.33 ? 99  ILE A CB  1 
ATOM   694  C  CG1 . ILE A 1 144 ? -0.376  -9.830  -3.742  1.00 24.42 ? 99  ILE A CG1 1 
ATOM   695  C  CG2 . ILE A 1 144 ? -0.363  -7.884  -2.167  1.00 19.38 ? 99  ILE A CG2 1 
ATOM   696  C  CD1 . ILE A 1 144 ? 1.105   -10.023 -4.009  1.00 26.01 ? 99  ILE A CD1 1 
ATOM   697  N  N   . THR A 1 145 ? -3.751  -9.257  -5.391  1.00 25.41 ? 100 THR A N   1 
ATOM   698  C  CA  . THR A 1 145 ? -4.162  -9.547  -6.771  1.00 24.34 ? 100 THR A CA  1 
ATOM   699  C  C   . THR A 1 145 ? -4.309  -8.278  -7.598  1.00 24.52 ? 100 THR A C   1 
ATOM   700  O  O   . THR A 1 145 ? -5.115  -7.405  -7.265  1.00 25.75 ? 100 THR A O   1 
ATOM   701  C  CB  . THR A 1 145 ? -5.524  -10.261 -6.839  1.00 25.98 ? 100 THR A CB  1 
ATOM   702  O  OG1 . THR A 1 145 ? -5.467  -11.487 -6.112  1.00 23.80 ? 100 THR A OG1 1 
ATOM   703  C  CG2 . THR A 1 145 ? -5.893  -10.556 -8.300  1.00 22.68 ? 100 THR A CG2 1 
ATOM   704  N  N   . GLY A 1 146 ? -3.537  -8.177  -8.673  1.00 25.94 ? 101 GLY A N   1 
ATOM   705  C  CA  . GLY A 1 146 ? -3.632  -7.011  -9.532  1.00 26.05 ? 101 GLY A CA  1 
ATOM   706  C  C   . GLY A 1 146 ? -2.784  -5.821  -9.125  1.00 25.92 ? 101 GLY A C   1 
ATOM   707  O  O   . GLY A 1 146 ? -2.724  -4.828  -9.852  1.00 25.60 ? 101 GLY A O   1 
ATOM   708  N  N   . ALA A 1 147 ? -2.134  -5.903  -7.970  1.00 26.21 ? 102 ALA A N   1 
ATOM   709  C  CA  . ALA A 1 147 ? -1.286  -4.806  -7.504  1.00 27.22 ? 102 ALA A CA  1 
ATOM   710  C  C   . ALA A 1 147 ? -0.082  -4.686  -8.447  1.00 27.88 ? 102 ALA A C   1 
ATOM   711  O  O   . ALA A 1 147 ? 0.358   -5.681  -9.014  1.00 28.43 ? 102 ALA A O   1 
ATOM   712  C  CB  . ALA A 1 147 ? -0.817  -5.078  -6.076  1.00 24.65 ? 102 ALA A CB  1 
ATOM   713  N  N   . ASP A 1 148 ? 0.443   -3.473  -8.609  1.00 27.35 ? 103 ASP A N   1 
ATOM   714  C  CA  . ASP A 1 148 ? 1.590   -3.224  -9.490  1.00 26.78 ? 103 ASP A CA  1 
ATOM   715  C  C   . ASP A 1 148 ? 2.776   -2.723  -8.658  1.00 26.89 ? 103 ASP A C   1 
ATOM   716  O  O   . ASP A 1 148 ? 2.783   -1.571  -8.220  1.00 26.00 ? 103 ASP A O   1 
ATOM   717  C  CB  . ASP A 1 148 ? 1.196   -2.171  -10.540 1.00 26.21 ? 103 ASP A CB  1 
ATOM   718  C  CG  . ASP A 1 148 ? 2.318   -1.846  -11.526 1.00 30.07 ? 103 ASP A CG  1 
ATOM   719  O  OD1 . ASP A 1 148 ? 3.477   -2.266  -11.318 1.00 29.46 ? 103 ASP A OD1 1 
ATOM   720  O  OD2 . ASP A 1 148 ? 2.023   -1.157  -12.528 1.00 31.12 ? 103 ASP A OD2 1 
ATOM   721  N  N   . PHE A 1 149 ? 3.775   -3.577  -8.449  1.00 28.10 ? 104 PHE A N   1 
ATOM   722  C  CA  . PHE A 1 149 ? 4.955   -3.197  -7.666  1.00 27.75 ? 104 PHE A CA  1 
ATOM   723  C  C   . PHE A 1 149 ? 6.165   -2.810  -8.529  1.00 29.46 ? 104 PHE A C   1 
ATOM   724  O  O   . PHE A 1 149 ? 7.309   -2.899  -8.072  1.00 29.43 ? 104 PHE A O   1 
ATOM   725  C  CB  . PHE A 1 149 ? 5.384   -4.339  -6.735  1.00 29.18 ? 104 PHE A CB  1 
ATOM   726  C  CG  . PHE A 1 149 ? 4.360   -4.715  -5.695  1.00 30.52 ? 104 PHE A CG  1 
ATOM   727  C  CD1 . PHE A 1 149 ? 3.300   -5.560  -6.012  1.00 30.94 ? 104 PHE A CD1 1 
ATOM   728  C  CD2 . PHE A 1 149 ? 4.474   -4.254  -4.390  1.00 31.41 ? 104 PHE A CD2 1 
ATOM   729  C  CE1 . PHE A 1 149 ? 2.368   -5.947  -5.041  1.00 30.89 ? 104 PHE A CE1 1 
ATOM   730  C  CE2 . PHE A 1 149 ? 3.544   -4.634  -3.406  1.00 32.64 ? 104 PHE A CE2 1 
ATOM   731  C  CZ  . PHE A 1 149 ? 2.492   -5.482  -3.734  1.00 29.96 ? 104 PHE A CZ  1 
ATOM   732  N  N   . SER A 1 150 ? 5.920   -2.378  -9.762  1.00 29.39 ? 105 SER A N   1 
ATOM   733  C  CA  . SER A 1 150 ? 7.004   -1.998  -10.676 1.00 30.96 ? 105 SER A CA  1 
ATOM   734  C  C   . SER A 1 150 ? 8.016   -1.029  -10.075 1.00 31.32 ? 105 SER A C   1 
ATOM   735  O  O   . SER A 1 150 ? 7.662   0.078   -9.664  1.00 29.72 ? 105 SER A O   1 
ATOM   736  C  CB  . SER A 1 150 ? 6.433   -1.380  -11.957 1.00 30.14 ? 105 SER A CB  1 
ATOM   737  O  OG  . SER A 1 150 ? 5.700   -2.327  -12.701 1.00 34.28 ? 105 SER A OG  1 
ATOM   738  N  N   . LEU A 1 151 ? 9.276   -1.463  -10.040 1.00 30.99 ? 106 LEU A N   1 
ATOM   739  C  CA  . LEU A 1 151 ? 10.387  -0.679  -9.506  1.00 32.67 ? 106 LEU A CA  1 
ATOM   740  C  C   . LEU A 1 151 ? 10.264  -0.361  -8.022  1.00 33.67 ? 106 LEU A C   1 
ATOM   741  O  O   . LEU A 1 151 ? 10.996  0.481   -7.500  1.00 32.61 ? 106 LEU A O   1 
ATOM   742  C  CB  . LEU A 1 151 ? 10.564  0.628   -10.302 1.00 34.53 ? 106 LEU A CB  1 
ATOM   743  C  CG  . LEU A 1 151 ? 10.784  0.496   -11.819 1.00 36.45 ? 106 LEU A CG  1 
ATOM   744  C  CD1 . LEU A 1 151 ? 11.101  1.860   -12.428 1.00 37.63 ? 106 LEU A CD1 1 
ATOM   745  C  CD2 . LEU A 1 151 ? 11.921  -0.472  -12.085 1.00 37.40 ? 106 LEU A CD2 1 
ATOM   746  N  N   . ALA A 1 152 ? 9.339   -1.029  -7.340  1.00 32.89 ? 107 ALA A N   1 
ATOM   747  C  CA  . ALA A 1 152 ? 9.161   -0.799  -5.912  1.00 33.24 ? 107 ALA A CA  1 
ATOM   748  C  C   . ALA A 1 152 ? 10.253  -1.542  -5.154  1.00 33.46 ? 107 ALA A C   1 
ATOM   749  O  O   . ALA A 1 152 ? 10.675  -2.622  -5.566  1.00 32.70 ? 107 ALA A O   1 
ATOM   750  C  CB  . ALA A 1 152 ? 7.788   -1.289  -5.467  1.00 34.71 ? 107 ALA A CB  1 
ATOM   751  N  N   . VAL A 1 153 ? 10.714  -0.962  -4.051  1.00 32.61 ? 108 VAL A N   1 
ATOM   752  C  CA  . VAL A 1 153 ? 11.748  -1.602  -3.248  1.00 32.54 ? 108 VAL A CA  1 
ATOM   753  C  C   . VAL A 1 153 ? 11.142  -2.121  -1.946  1.00 33.02 ? 108 VAL A C   1 
ATOM   754  O  O   . VAL A 1 153 ? 10.677  -1.341  -1.117  1.00 32.41 ? 108 VAL A O   1 
ATOM   755  C  CB  . VAL A 1 153 ? 12.889  -0.617  -2.913  1.00 33.74 ? 108 VAL A CB  1 
ATOM   756  C  CG1 . VAL A 1 153 ? 13.952  -1.317  -2.081  1.00 34.04 ? 108 VAL A CG1 1 
ATOM   757  C  CG2 . VAL A 1 153 ? 13.507  -0.073  -4.203  1.00 31.54 ? 108 VAL A CG2 1 
ATOM   758  N  N   . LEU A 1 154 ? 11.137  -3.438  -1.777  1.00 31.79 ? 109 LEU A N   1 
ATOM   759  C  CA  . LEU A 1 154 ? 10.583  -4.044  -0.570  1.00 33.20 ? 109 LEU A CA  1 
ATOM   760  C  C   . LEU A 1 154 ? 11.640  -4.917  0.108   1.00 32.56 ? 109 LEU A C   1 
ATOM   761  O  O   . LEU A 1 154 ? 12.690  -5.192  -0.472  1.00 33.19 ? 109 LEU A O   1 
ATOM   762  C  CB  . LEU A 1 154 ? 9.370   -4.904  -0.922  1.00 33.41 ? 109 LEU A CB  1 
ATOM   763  C  CG  . LEU A 1 154 ? 8.339   -4.345  -1.906  1.00 37.33 ? 109 LEU A CG  1 
ATOM   764  C  CD1 . LEU A 1 154 ? 7.238   -5.376  -2.077  1.00 38.58 ? 109 LEU A CD1 1 
ATOM   765  C  CD2 . LEU A 1 154 ? 7.757   -3.031  -1.409  1.00 37.58 ? 109 LEU A CD2 1 
ATOM   766  N  N   . ASP A 1 155 ? 11.365  -5.341  1.337   1.00 31.83 ? 110 ASP A N   1 
ATOM   767  C  CA  . ASP A 1 155 ? 12.291  -6.189  2.085   1.00 32.67 ? 110 ASP A CA  1 
ATOM   768  C  C   . ASP A 1 155 ? 12.370  -7.558  1.408   1.00 32.86 ? 110 ASP A C   1 
ATOM   769  O  O   . ASP A 1 155 ? 11.387  -8.030  0.830   1.00 34.06 ? 110 ASP A O   1 
ATOM   770  C  CB  . ASP A 1 155 ? 11.804  -6.368  3.527   1.00 34.99 ? 110 ASP A CB  1 
ATOM   771  C  CG  . ASP A 1 155 ? 11.775  -5.062  4.312   1.00 38.00 ? 110 ASP A CG  1 
ATOM   772  O  OD1 . ASP A 1 155 ? 10.969  -4.963  5.263   1.00 40.46 ? 110 ASP A OD1 1 
ATOM   773  O  OD2 . ASP A 1 155 ? 12.558  -4.139  4.001   1.00 38.44 ? 110 ASP A OD2 1 
ATOM   774  N  N   . VAL A 1 156 ? 13.528  -8.206  1.496   1.00 32.87 ? 111 VAL A N   1 
ATOM   775  C  CA  . VAL A 1 156 ? 13.712  -9.518  0.877   1.00 31.58 ? 111 VAL A CA  1 
ATOM   776  C  C   . VAL A 1 156 ? 12.669  -10.547 1.327   1.00 30.75 ? 111 VAL A C   1 
ATOM   777  O  O   . VAL A 1 156 ? 12.185  -11.343 0.519   1.00 31.47 ? 111 VAL A O   1 
ATOM   778  C  CB  . VAL A 1 156 ? 15.147  -10.079 1.144   1.00 33.82 ? 111 VAL A CB  1 
ATOM   779  C  CG1 . VAL A 1 156 ? 15.381  -10.254 2.630   1.00 36.15 ? 111 VAL A CG1 1 
ATOM   780  C  CG2 . VAL A 1 156 ? 15.329  -11.417 0.428   1.00 35.94 ? 111 VAL A CG2 1 
ATOM   781  N  N   . TYR A 1 157 ? 12.323  -10.544 2.610   1.00 29.52 ? 112 TYR A N   1 
ATOM   782  C  CA  . TYR A 1 157 ? 11.330  -11.488 3.116   1.00 28.58 ? 112 TYR A CA  1 
ATOM   783  C  C   . TYR A 1 157 ? 9.951   -11.256 2.488   1.00 28.91 ? 112 TYR A C   1 
ATOM   784  O  O   . TYR A 1 157 ? 9.260   -12.199 2.117   1.00 27.43 ? 112 TYR A O   1 
ATOM   785  C  CB  . TYR A 1 157 ? 11.195  -11.370 4.631   1.00 29.46 ? 112 TYR A CB  1 
ATOM   786  C  CG  . TYR A 1 157 ? 10.193  -12.344 5.210   1.00 31.63 ? 112 TYR A CG  1 
ATOM   787  C  CD1 . TYR A 1 157 ? 10.546  -13.669 5.451   1.00 30.74 ? 112 TYR A CD1 1 
ATOM   788  C  CD2 . TYR A 1 157 ? 8.877   -11.951 5.479   1.00 30.32 ? 112 TYR A CD2 1 
ATOM   789  C  CE1 . TYR A 1 157 ? 9.622   -14.583 5.944   1.00 30.03 ? 112 TYR A CE1 1 
ATOM   790  C  CE2 . TYR A 1 157 ? 7.943   -12.859 5.974   1.00 30.96 ? 112 TYR A CE2 1 
ATOM   791  C  CZ  . TYR A 1 157 ? 8.327   -14.175 6.202   1.00 29.89 ? 112 TYR A CZ  1 
ATOM   792  O  OH  . TYR A 1 157 ? 7.416   -15.087 6.679   1.00 32.76 ? 112 TYR A OH  1 
ATOM   793  N  N   . GLU A 1 158 ? 9.544   -9.995  2.391   1.00 30.21 ? 113 GLU A N   1 
ATOM   794  C  CA  . GLU A 1 158 ? 8.245   -9.670  1.815   1.00 30.62 ? 113 GLU A CA  1 
ATOM   795  C  C   . GLU A 1 158 ? 8.182   -10.092 0.343   1.00 30.21 ? 113 GLU A C   1 
ATOM   796  O  O   . GLU A 1 158 ? 7.201   -10.687 -0.091  1.00 29.04 ? 113 GLU A O   1 
ATOM   797  C  CB  . GLU A 1 158 ? 7.955   -8.163  1.922   1.00 30.16 ? 113 GLU A CB  1 
ATOM   798  C  CG  . GLU A 1 158 ? 8.056   -7.545  3.328   1.00 29.80 ? 113 GLU A CG  1 
ATOM   799  C  CD  . GLU A 1 158 ? 7.144   -8.200  4.363   1.00 34.66 ? 113 GLU A CD  1 
ATOM   800  O  OE1 . GLU A 1 158 ? 6.020   -8.628  4.015   1.00 33.62 ? 113 GLU A OE1 1 
ATOM   801  O  OE2 . GLU A 1 158 ? 7.550   -8.264  5.543   1.00 35.57 ? 113 GLU A OE2 1 
ATOM   802  N  N   . VAL A 1 159 ? 9.228   -9.782  -0.419  1.00 30.68 ? 114 VAL A N   1 
ATOM   803  C  CA  . VAL A 1 159 ? 9.260   -10.141 -1.835  1.00 32.08 ? 114 VAL A CA  1 
ATOM   804  C  C   . VAL A 1 159 ? 9.048   -11.647 -2.025  1.00 33.97 ? 114 VAL A C   1 
ATOM   805  O  O   . VAL A 1 159 ? 8.257   -12.068 -2.871  1.00 33.79 ? 114 VAL A O   1 
ATOM   806  C  CB  . VAL A 1 159 ? 10.603  -9.712  -2.495  1.00 33.05 ? 114 VAL A CB  1 
ATOM   807  C  CG1 . VAL A 1 159 ? 10.653  -10.192 -3.949  1.00 33.47 ? 114 VAL A CG1 1 
ATOM   808  C  CG2 . VAL A 1 159 ? 10.747  -8.194  -2.446  1.00 29.81 ? 114 VAL A CG2 1 
ATOM   809  N  N   . ASP A 1 160 ? 9.738   -12.450 -1.222  1.00 35.55 ? 115 ASP A N   1 
ATOM   810  C  CA  . ASP A 1 160 ? 9.621   -13.901 -1.307  1.00 38.20 ? 115 ASP A CA  1 
ATOM   811  C  C   . ASP A 1 160 ? 8.221   -14.410 -0.956  1.00 38.65 ? 115 ASP A C   1 
ATOM   812  O  O   . ASP A 1 160 ? 7.672   -15.257 -1.664  1.00 37.67 ? 115 ASP A O   1 
ATOM   813  C  CB  . ASP A 1 160 ? 10.667  -14.562 -0.407  1.00 44.87 ? 115 ASP A CB  1 
ATOM   814  C  CG  . ASP A 1 160 ? 12.093  -14.289 -0.876  1.00 49.80 ? 115 ASP A CG  1 
ATOM   815  O  OD1 . ASP A 1 160 ? 13.046  -14.829 -0.268  1.00 53.14 ? 115 ASP A OD1 1 
ATOM   816  O  OD2 . ASP A 1 160 ? 12.260  -13.526 -1.853  1.00 53.47 ? 115 ASP A OD2 1 
ATOM   817  N  N   . LYS A 1 161 ? 7.646   -13.894 0.129   1.00 37.10 ? 116 LYS A N   1 
ATOM   818  C  CA  . LYS A 1 161 ? 6.303   -14.296 0.547   1.00 36.90 ? 116 LYS A CA  1 
ATOM   819  C  C   . LYS A 1 161 ? 5.239   -13.864 -0.458  1.00 34.63 ? 116 LYS A C   1 
ATOM   820  O  O   . LYS A 1 161 ? 4.329   -14.625 -0.768  1.00 34.32 ? 116 LYS A O   1 
ATOM   821  C  CB  . LYS A 1 161 ? 5.963   -13.700 1.917   1.00 37.37 ? 116 LYS A CB  1 
ATOM   822  C  CG  . LYS A 1 161 ? 6.729   -14.309 3.074   1.00 41.08 ? 116 LYS A CG  1 
ATOM   823  C  CD  . LYS A 1 161 ? 6.258   -15.725 3.385   1.00 42.86 ? 116 LYS A CD  1 
ATOM   824  C  CE  . LYS A 1 161 ? 4.811   -15.732 3.857   1.00 44.67 ? 116 LYS A CE  1 
ATOM   825  N  NZ  . LYS A 1 161 ? 4.384   -17.072 4.344   1.00 44.51 ? 116 LYS A NZ  1 
ATOM   826  N  N   . LEU A 1 162 ? 5.351   -12.638 -0.959  1.00 33.83 ? 117 LEU A N   1 
ATOM   827  C  CA  . LEU A 1 162 ? 4.381   -12.137 -1.925  1.00 33.93 ? 117 LEU A CA  1 
ATOM   828  C  C   . LEU A 1 162 ? 4.471   -12.889 -3.248  1.00 34.07 ? 117 LEU A C   1 
ATOM   829  O  O   . LEU A 1 162 ? 3.464   -13.100 -3.919  1.00 32.74 ? 117 LEU A O   1 
ATOM   830  C  CB  . LEU A 1 162 ? 4.571   -10.633 -2.159  1.00 33.09 ? 117 LEU A CB  1 
ATOM   831  C  CG  . LEU A 1 162 ? 4.241   -9.699  -0.986  1.00 35.65 ? 117 LEU A CG  1 
ATOM   832  C  CD1 . LEU A 1 162 ? 4.471   -8.251  -1.402  1.00 33.08 ? 117 LEU A CD1 1 
ATOM   833  C  CD2 . LEU A 1 162 ? 2.789   -9.901  -0.549  1.00 34.45 ? 117 LEU A CD2 1 
ATOM   834  N  N   . CYS A 1 163 ? 5.677   -13.295 -3.630  1.00 35.86 ? 118 CYS A N   1 
ATOM   835  C  CA  . CYS A 1 163 ? 5.835   -14.029 -4.877  1.00 38.17 ? 118 CYS A CA  1 
ATOM   836  C  C   . CYS A 1 163 ? 5.173   -15.402 -4.824  1.00 38.58 ? 118 CYS A C   1 
ATOM   837  O  O   . CYS A 1 163 ? 4.842   -15.970 -5.858  1.00 39.66 ? 118 CYS A O   1 
ATOM   838  C  CB  . CYS A 1 163 ? 7.312   -14.178 -5.237  1.00 38.92 ? 118 CYS A CB  1 
ATOM   839  S  SG  . CYS A 1 163 ? 8.010   -12.729 -6.094  1.00 39.85 ? 118 CYS A SG  1 
ATOM   840  N  N   . ASP A 1 164 ? 4.957   -15.930 -3.623  1.00 40.05 ? 119 ASP A N   1 
ATOM   841  C  CA  . ASP A 1 164 ? 4.329   -17.239 -3.489  1.00 39.33 ? 119 ASP A CA  1 
ATOM   842  C  C   . ASP A 1 164 ? 2.850   -17.235 -3.848  1.00 39.12 ? 119 ASP A C   1 
ATOM   843  O  O   . ASP A 1 164 ? 2.293   -18.277 -4.182  1.00 37.93 ? 119 ASP A O   1 
ATOM   844  C  CB  . ASP A 1 164 ? 4.494   -17.775 -2.070  1.00 42.80 ? 119 ASP A CB  1 
ATOM   845  C  CG  . ASP A 1 164 ? 5.903   -18.242 -1.789  1.00 47.00 ? 119 ASP A CG  1 
ATOM   846  O  OD1 . ASP A 1 164 ? 6.437   -19.022 -2.605  1.00 48.96 ? 119 ASP A OD1 1 
ATOM   847  O  OD2 . ASP A 1 164 ? 6.473   -17.838 -0.752  1.00 49.83 ? 119 ASP A OD2 1 
ATOM   848  N  N   . ARG A 1 165 ? 2.215   -16.068 -3.786  1.00 36.01 ? 120 ARG A N   1 
ATOM   849  C  CA  . ARG A 1 165 ? 0.795   -15.979 -4.106  1.00 34.01 ? 120 ARG A CA  1 
ATOM   850  C  C   . ARG A 1 165 ? 0.448   -14.900 -5.125  1.00 31.69 ? 120 ARG A C   1 
ATOM   851  O  O   . ARG A 1 165 ? -0.714  -14.725 -5.462  1.00 32.62 ? 120 ARG A O   1 
ATOM   852  C  CB  . ARG A 1 165 ? -0.010  -15.737 -2.825  1.00 33.18 ? 120 ARG A CB  1 
ATOM   853  C  CG  . ARG A 1 165 ? 0.297   -14.405 -2.126  1.00 34.15 ? 120 ARG A CG  1 
ATOM   854  C  CD  . ARG A 1 165 ? -0.732  -14.160 -1.028  1.00 34.10 ? 120 ARG A CD  1 
ATOM   855  N  NE  . ARG A 1 165 ? -0.604  -12.871 -0.353  1.00 33.89 ? 120 ARG A NE  1 
ATOM   856  C  CZ  . ARG A 1 165 ? 0.375   -12.548 0.486   1.00 33.67 ? 120 ARG A CZ  1 
ATOM   857  N  NH1 . ARG A 1 165 ? 1.342   -13.418 0.760   1.00 35.29 ? 120 ARG A NH1 1 
ATOM   858  N  NH2 . ARG A 1 165 ? 0.364   -11.367 1.086   1.00 32.39 ? 120 ARG A NH2 1 
ATOM   859  N  N   . ALA A 1 166 ? 1.451   -14.180 -5.613  1.00 30.16 ? 121 ALA A N   1 
ATOM   860  C  CA  . ALA A 1 166 ? 1.214   -13.104 -6.573  1.00 31.86 ? 121 ALA A CA  1 
ATOM   861  C  C   . ALA A 1 166 ? 0.502   -13.554 -7.844  1.00 33.30 ? 121 ALA A C   1 
ATOM   862  O  O   . ALA A 1 166 ? 0.897   -14.534 -8.471  1.00 33.77 ? 121 ALA A O   1 
ATOM   863  C  CB  . ALA A 1 166 ? 2.537   -12.429 -6.937  1.00 30.00 ? 121 ALA A CB  1 
ATOM   864  N  N   . ASP A 1 167 ? -0.545  -12.825 -8.225  1.00 33.79 ? 122 ASP A N   1 
ATOM   865  C  CA  . ASP A 1 167 ? -1.294  -13.132 -9.439  1.00 34.21 ? 122 ASP A CA  1 
ATOM   866  C  C   . ASP A 1 167 ? -2.102  -11.929 -9.927  1.00 33.62 ? 122 ASP A C   1 
ATOM   867  O  O   . ASP A 1 167 ? -2.137  -10.883 -9.275  1.00 34.03 ? 122 ASP A O   1 
ATOM   868  C  CB  . ASP A 1 167 ? -2.224  -14.340 -9.218  1.00 35.88 ? 122 ASP A CB  1 
ATOM   869  C  CG  . ASP A 1 167 ? -3.267  -14.103 -8.128  1.00 38.91 ? 122 ASP A CG  1 
ATOM   870  O  OD1 . ASP A 1 167 ? -3.495  -12.937 -7.728  1.00 39.90 ? 122 ASP A OD1 1 
ATOM   871  O  OD2 . ASP A 1 167 ? -3.877  -15.095 -7.671  1.00 40.17 ? 122 ASP A OD2 1 
ATOM   872  N  N   . GLY A 1 168 ? -2.734  -12.080 -11.087 1.00 32.55 ? 123 GLY A N   1 
ATOM   873  C  CA  . GLY A 1 168 ? -3.542  -11.014 -11.644 1.00 30.14 ? 123 GLY A CA  1 
ATOM   874  C  C   . GLY A 1 168 ? -2.801  -9.979  -12.461 1.00 29.93 ? 123 GLY A C   1 
ATOM   875  O  O   . GLY A 1 168 ? -1.576  -9.969  -12.514 1.00 30.55 ? 123 GLY A O   1 
ATOM   876  N  N   . VAL A 1 169 ? -3.562  -9.097  -13.102 1.00 31.29 ? 124 VAL A N   1 
ATOM   877  C  CA  . VAL A 1 169 ? -3.002  -8.021  -13.918 1.00 31.03 ? 124 VAL A CA  1 
ATOM   878  C  C   . VAL A 1 169 ? -3.672  -6.712  -13.507 1.00 32.76 ? 124 VAL A C   1 
ATOM   879  O  O   . VAL A 1 169 ? -4.899  -6.656  -13.334 1.00 33.24 ? 124 VAL A O   1 
ATOM   880  C  CB  . VAL A 1 169 ? -3.238  -8.293  -15.429 1.00 31.61 ? 124 VAL A CB  1 
ATOM   881  C  CG1 . VAL A 1 169 ? -2.883  -7.067  -16.266 1.00 28.82 ? 124 VAL A CG1 1 
ATOM   882  C  CG2 . VAL A 1 169 ? -2.388  -9.490  -15.871 1.00 33.14 ? 124 VAL A CG2 1 
ATOM   883  N  N   . ASN A 1 170 ? -2.871  -5.664  -13.323 1.00 32.77 ? 125 ASN A N   1 
ATOM   884  C  CA  . ASN A 1 170 ? -3.411  -4.374  -12.916 1.00 34.20 ? 125 ASN A CA  1 
ATOM   885  C  C   . ASN A 1 170 ? -4.195  -3.758  -14.069 1.00 36.50 ? 125 ASN A C   1 
ATOM   886  O  O   . ASN A 1 170 ? -3.656  -3.527  -15.147 1.00 37.90 ? 125 ASN A O   1 
ATOM   887  C  CB  . ASN A 1 170 ? -2.282  -3.436  -12.475 1.00 32.24 ? 125 ASN A CB  1 
ATOM   888  C  CG  . ASN A 1 170 ? -2.801  -2.191  -11.786 1.00 32.56 ? 125 ASN A CG  1 
ATOM   889  O  OD1 . ASN A 1 170 ? -3.373  -1.303  -12.422 1.00 31.86 ? 125 ASN A OD1 1 
ATOM   890  N  ND2 . ASN A 1 170 ? -2.621  -2.128  -10.471 1.00 32.09 ? 125 ASN A ND2 1 
ATOM   891  N  N   . PRO A 1 171 ? -5.487  -3.490  -13.849 1.00 38.45 ? 126 PRO A N   1 
ATOM   892  C  CA  . PRO A 1 171 ? -6.381  -2.904  -14.849 1.00 39.26 ? 126 PRO A CA  1 
ATOM   893  C  C   . PRO A 1 171 ? -5.999  -1.503  -15.320 1.00 41.52 ? 126 PRO A C   1 
ATOM   894  O  O   . PRO A 1 171 ? -6.342  -1.109  -16.434 1.00 42.76 ? 126 PRO A O   1 
ATOM   895  C  CB  . PRO A 1 171 ? -7.737  -2.917  -14.145 1.00 39.80 ? 126 PRO A CB  1 
ATOM   896  C  CG  . PRO A 1 171 ? -7.619  -4.073  -13.188 1.00 41.23 ? 126 PRO A CG  1 
ATOM   897  C  CD  . PRO A 1 171 ? -6.234  -3.858  -12.637 1.00 39.48 ? 126 PRO A CD  1 
ATOM   898  N  N   . LYS A 1 172 ? -5.294  -0.749  -14.482 1.00 43.13 ? 127 LYS A N   1 
ATOM   899  C  CA  . LYS A 1 172 ? -4.912  0.608   -14.856 1.00 44.86 ? 127 LYS A CA  1 
ATOM   900  C  C   . LYS A 1 172 ? -3.519  0.763   -15.462 1.00 44.38 ? 127 LYS A C   1 
ATOM   901  O  O   . LYS A 1 172 ? -3.229  1.796   -16.068 1.00 46.90 ? 127 LYS A O   1 
ATOM   902  C  CB  . LYS A 1 172 ? -5.056  1.547   -13.654 1.00 46.96 ? 127 LYS A CB  1 
ATOM   903  C  CG  . LYS A 1 172 ? -6.504  1.790   -13.250 1.00 50.51 ? 127 LYS A CG  1 
ATOM   904  C  CD  . LYS A 1 172 ? -6.607  2.746   -12.069 1.00 53.82 ? 127 LYS A CD  1 
ATOM   905  C  CE  . LYS A 1 172 ? -6.037  2.132   -10.796 1.00 55.73 ? 127 LYS A CE  1 
ATOM   906  N  NZ  . LYS A 1 172 ? -6.211  3.039   -9.627  1.00 57.63 ? 127 LYS A NZ  1 
ATOM   907  N  N   . THR A 1 173 ? -2.658  -0.240  -15.307 1.00 41.34 ? 128 THR A N   1 
ATOM   908  C  CA  . THR A 1 173 ? -1.315  -0.153  -15.873 1.00 38.94 ? 128 THR A CA  1 
ATOM   909  C  C   . THR A 1 173 ? -1.029  -1.289  -16.846 1.00 38.75 ? 128 THR A C   1 
ATOM   910  O  O   . THR A 1 173 ? -0.067  -1.224  -17.606 1.00 39.30 ? 128 THR A O   1 
ATOM   911  C  CB  . THR A 1 173 ? -0.213  -0.172  -14.783 1.00 40.50 ? 128 THR A CB  1 
ATOM   912  O  OG1 . THR A 1 173 ? -0.209  -1.441  -14.116 1.00 40.34 ? 128 THR A OG1 1 
ATOM   913  C  CG2 . THR A 1 173 ? -0.444  0.936   -13.770 1.00 39.75 ? 128 THR A CG2 1 
ATOM   914  N  N   . GLY A 1 174 ? -1.855  -2.331  -16.816 1.00 36.91 ? 129 GLY A N   1 
ATOM   915  C  CA  . GLY A 1 174 ? -1.651  -3.453  -17.714 1.00 35.30 ? 129 GLY A CA  1 
ATOM   916  C  C   . GLY A 1 174 ? -0.470  -4.327  -17.325 1.00 37.07 ? 129 GLY A C   1 
ATOM   917  O  O   . GLY A 1 174 ? -0.109  -5.248  -18.057 1.00 36.15 ? 129 GLY A O   1 
ATOM   918  N  N   . VAL A 1 175 ? 0.131   -4.056  -16.169 1.00 35.74 ? 130 VAL A N   1 
ATOM   919  C  CA  . VAL A 1 175 ? 1.277   -4.839  -15.734 1.00 35.10 ? 130 VAL A CA  1 
ATOM   920  C  C   . VAL A 1 175 ? 0.894   -6.032  -14.864 1.00 35.15 ? 130 VAL A C   1 
ATOM   921  O  O   . VAL A 1 175 ? -0.010  -5.955  -14.033 1.00 36.47 ? 130 VAL A O   1 
ATOM   922  C  CB  . VAL A 1 175 ? 2.287   -3.965  -14.958 1.00 36.37 ? 130 VAL A CB  1 
ATOM   923  C  CG1 . VAL A 1 175 ? 3.450   -4.819  -14.466 1.00 34.94 ? 130 VAL A CG1 1 
ATOM   924  C  CG2 . VAL A 1 175 ? 2.796   -2.847  -15.859 1.00 36.29 ? 130 VAL A CG2 1 
ATOM   925  N  N   . SER A 1 176 ? 1.595   -7.138  -15.074 1.00 33.15 ? 131 SER A N   1 
ATOM   926  C  CA  . SER A 1 176 ? 1.376   -8.357  -14.312 1.00 33.25 ? 131 SER A CA  1 
ATOM   927  C  C   . SER A 1 176 ? 2.003   -8.216  -12.926 1.00 31.42 ? 131 SER A C   1 
ATOM   928  O  O   . SER A 1 176 ? 3.146   -7.787  -12.791 1.00 32.08 ? 131 SER A O   1 
ATOM   929  C  CB  . SER A 1 176 ? 1.985   -9.554  -15.062 1.00 32.29 ? 131 SER A CB  1 
ATOM   930  O  OG  . SER A 1 176 ? 2.290   -10.609 -14.171 1.00 34.99 ? 131 SER A OG  1 
ATOM   931  N  N   . THR A 1 177 ? 1.244   -8.586  -11.903 1.00 30.14 ? 132 THR A N   1 
ATOM   932  C  CA  . THR A 1 177 ? 1.702   -8.495  -10.520 1.00 30.11 ? 132 THR A CA  1 
ATOM   933  C  C   . THR A 1 177 ? 2.972   -9.323  -10.284 1.00 31.62 ? 132 THR A C   1 
ATOM   934  O  O   . THR A 1 177 ? 3.941   -8.847  -9.681  1.00 31.02 ? 132 THR A O   1 
ATOM   935  C  CB  . THR A 1 177 ? 0.569   -8.953  -9.559  1.00 29.16 ? 132 THR A CB  1 
ATOM   936  O  OG1 . THR A 1 177 ? -0.559  -8.090  -9.727  1.00 28.90 ? 132 THR A OG1 1 
ATOM   937  C  CG2 . THR A 1 177 ? 1.014   -8.912  -8.097  1.00 26.65 ? 132 THR A CG2 1 
ATOM   938  N  N   . ARG A 1 178 ? 2.972   -10.556 -10.777 1.00 31.08 ? 133 ARG A N   1 
ATOM   939  C  CA  . ARG A 1 178 ? 4.122   -11.441 -10.616 1.00 34.30 ? 133 ARG A CA  1 
ATOM   940  C  C   . ARG A 1 178 ? 5.389   -10.861 -11.263 1.00 33.51 ? 133 ARG A C   1 
ATOM   941  O  O   . ARG A 1 178 ? 6.471   -10.917 -10.681 1.00 32.14 ? 133 ARG A O   1 
ATOM   942  C  CB  . ARG A 1 178 ? 3.807   -12.811 -11.218 1.00 36.87 ? 133 ARG A CB  1 
ATOM   943  C  CG  . ARG A 1 178 ? 4.724   -13.903 -10.737 1.00 43.67 ? 133 ARG A CG  1 
ATOM   944  C  CD  . ARG A 1 178 ? 4.266   -15.264 -11.233 1.00 48.23 ? 133 ARG A CD  1 
ATOM   945  N  NE  . ARG A 1 178 ? 5.114   -16.316 -10.689 1.00 53.04 ? 133 ARG A NE  1 
ATOM   946  C  CZ  . ARG A 1 178 ? 5.189   -16.613 -9.395  1.00 54.87 ? 133 ARG A CZ  1 
ATOM   947  N  NH1 . ARG A 1 178 ? 4.460   -15.938 -8.514  1.00 54.33 ? 133 ARG A NH1 1 
ATOM   948  N  NH2 . ARG A 1 178 ? 6.003   -17.574 -8.979  1.00 56.50 ? 133 ARG A NH2 1 
ATOM   949  N  N   . GLU A 1 179 ? 5.246   -10.307 -12.464 1.00 33.22 ? 134 GLU A N   1 
ATOM   950  C  CA  . GLU A 1 179 ? 6.375   -9.716  -13.173 1.00 35.13 ? 134 GLU A CA  1 
ATOM   951  C  C   . GLU A 1 179 ? 6.840   -8.420  -12.515 1.00 34.23 ? 134 GLU A C   1 
ATOM   952  O  O   . GLU A 1 179 ? 8.035   -8.126  -12.506 1.00 33.32 ? 134 GLU A O   1 
ATOM   953  C  CB  . GLU A 1 179 ? 6.011   -9.434  -14.646 1.00 38.53 ? 134 GLU A CB  1 
ATOM   954  C  CG  . GLU A 1 179 ? 5.614   -10.672 -15.439 1.00 45.79 ? 134 GLU A CG  1 
ATOM   955  C  CD  . GLU A 1 179 ? 5.454   -10.405 -16.933 1.00 50.47 ? 134 GLU A CD  1 
ATOM   956  O  OE1 . GLU A 1 179 ? 5.079   -11.348 -17.669 1.00 51.48 ? 134 GLU A OE1 1 
ATOM   957  O  OE2 . GLU A 1 179 ? 5.711   -9.262  -17.376 1.00 52.92 ? 134 GLU A OE2 1 
ATOM   958  N  N   . SER A 1 180 ? 5.899   -7.645  -11.979 1.00 31.90 ? 135 SER A N   1 
ATOM   959  C  CA  . SER A 1 180 ? 6.242   -6.378  -11.336 1.00 31.99 ? 135 SER A CA  1 
ATOM   960  C  C   . SER A 1 180 ? 7.101   -6.633  -10.101 1.00 32.68 ? 135 SER A C   1 
ATOM   961  O  O   . SER A 1 180 ? 7.857   -5.769  -9.667  1.00 33.45 ? 135 SER A O   1 
ATOM   962  C  CB  . SER A 1 180 ? 4.971   -5.602  -10.949 1.00 30.43 ? 135 SER A CB  1 
ATOM   963  O  OG  . SER A 1 180 ? 4.358   -6.128  -9.780  1.00 28.99 ? 135 SER A OG  1 
ATOM   964  N  N   . LEU A 1 181 ? 6.981   -7.832  -9.542  1.00 33.86 ? 136 LEU A N   1 
ATOM   965  C  CA  . LEU A 1 181 ? 7.751   -8.214  -8.367  1.00 36.18 ? 136 LEU A CA  1 
ATOM   966  C  C   . LEU A 1 181 ? 9.043   -8.908  -8.777  1.00 39.38 ? 136 LEU A C   1 
ATOM   967  O  O   . LEU A 1 181 ? 9.922   -9.147  -7.947  1.00 38.53 ? 136 LEU A O   1 
ATOM   968  C  CB  . LEU A 1 181 ? 6.931   -9.153  -7.475  1.00 35.70 ? 136 LEU A CB  1 
ATOM   969  C  CG  . LEU A 1 181 ? 5.839   -8.508  -6.617  1.00 35.83 ? 136 LEU A CG  1 
ATOM   970  C  CD1 . LEU A 1 181 ? 4.951   -9.582  -6.014  1.00 35.72 ? 136 LEU A CD1 1 
ATOM   971  C  CD2 . LEU A 1 181 ? 6.483   -7.665  -5.528  1.00 33.54 ? 136 LEU A CD2 1 
ATOM   972  N  N   . ARG A 1 182 ? 9.147   -9.233  -10.064 1.00 42.26 ? 137 ARG A N   1 
ATOM   973  C  CA  . ARG A 1 182 ? 10.319  -9.913  -10.597 1.00 45.03 ? 137 ARG A CA  1 
ATOM   974  C  C   . ARG A 1 182 ? 10.505  -11.272 -9.926  1.00 45.93 ? 137 ARG A C   1 
ATOM   975  O  O   . ARG A 1 182 ? 11.609  -11.633 -9.513  1.00 45.79 ? 137 ARG A O   1 
ATOM   976  C  CB  . ARG A 1 182 ? 11.566  -9.044  -10.403 1.00 47.86 ? 137 ARG A CB  1 
ATOM   977  C  CG  . ARG A 1 182 ? 11.558  -7.773  -11.247 1.00 52.32 ? 137 ARG A CG  1 
ATOM   978  C  CD  . ARG A 1 182 ? 12.711  -6.848  -10.887 1.00 57.34 ? 137 ARG A CD  1 
ATOM   979  N  NE  . ARG A 1 182 ? 12.554  -6.278  -9.551  1.00 62.78 ? 137 ARG A NE  1 
ATOM   980  C  CZ  . ARG A 1 182 ? 13.429  -5.452  -8.981  1.00 65.23 ? 137 ARG A CZ  1 
ATOM   981  N  NH1 . ARG A 1 182 ? 14.530  -5.097  -9.632  1.00 66.18 ? 137 ARG A NH1 1 
ATOM   982  N  NH2 . ARG A 1 182 ? 13.208  -4.980  -7.760  1.00 66.75 ? 137 ARG A NH2 1 
ATOM   983  N  N   . CYS A 1 183 ? 9.411   -12.023 -9.822  1.00 46.57 ? 138 CYS A N   1 
ATOM   984  C  CA  . CYS A 1 183 ? 9.447   -13.345 -9.205  1.00 47.88 ? 138 CYS A CA  1 
ATOM   985  C  C   . CYS A 1 183 ? 10.144  -14.347 -10.123 1.00 49.42 ? 138 CYS A C   1 
ATOM   986  O  O   . CYS A 1 183 ? 10.141  -14.118 -11.352 1.00 50.89 ? 138 CYS A O   1 
ATOM   987  C  CB  . CYS A 1 183 ? 8.024   -13.831 -8.921  1.00 46.34 ? 138 CYS A CB  1 
ATOM   988  S  SG  . CYS A 1 183 ? 7.020   -12.729 -7.869  1.00 44.56 ? 138 CYS A SG  1 
HETATM 989  O  O   . HOH B 2 .   ? 9.189   -4.232  2.885   1.00 29.82 ? 140 HOH A O   1 
HETATM 990  O  O   . HOH B 2 .   ? 0.639   -11.593 -11.832 1.00 29.53 ? 141 HOH A O   1 
HETATM 991  O  O   . HOH B 2 .   ? 2.658   -9.661  10.867  1.00 33.92 ? 142 HOH A O   1 
HETATM 992  O  O   . HOH B 2 .   ? -2.857  -11.964 -2.452  1.00 31.80 ? 143 HOH A O   1 
HETATM 993  O  O   . HOH B 2 .   ? -6.967  10.653  17.009  1.00 25.91 ? 144 HOH A O   1 
HETATM 994  O  O   . HOH B 2 .   ? -6.050  -11.218 -3.713  1.00 32.75 ? 145 HOH A O   1 
HETATM 995  O  O   . HOH B 2 .   ? 10.053  -4.218  -10.737 1.00 34.61 ? 146 HOH A O   1 
HETATM 996  O  O   . HOH B 2 .   ? 2.387   -15.986 0.213   1.00 37.32 ? 147 HOH A O   1 
HETATM 997  O  O   . HOH B 2 .   ? -2.538  15.711  1.181   1.00 47.17 ? 148 HOH A O   1 
HETATM 998  O  O   . HOH B 2 .   ? -10.405 15.053  -2.239  1.00 37.36 ? 149 HOH A O   1 
HETATM 999  O  O   . HOH B 2 .   ? 9.502   -6.719  6.282   1.00 28.77 ? 150 HOH A O   1 
HETATM 1000 O  O   . HOH B 2 .   ? 3.903   10.415  -8.664  1.00 41.04 ? 151 HOH A O   1 
HETATM 1001 O  O   . HOH B 2 .   ? -4.946  -15.191 -5.282  1.00 44.21 ? 152 HOH A O   1 
HETATM 1002 O  O   . HOH B 2 .   ? 11.874  -5.352  -4.158  1.00 43.68 ? 153 HOH A O   1 
HETATM 1003 O  O   . HOH B 2 .   ? 9.412   -4.607  -7.140  1.00 38.20 ? 154 HOH A O   1 
HETATM 1004 O  O   . HOH B 2 .   ? 4.698   -11.182 4.463   1.00 38.43 ? 155 HOH A O   1 
HETATM 1005 O  O   . HOH B 2 .   ? 13.619  -9.259  4.897   1.00 33.76 ? 156 HOH A O   1 
HETATM 1006 O  O   . HOH B 2 .   ? -12.223 7.237   13.921  1.00 36.53 ? 157 HOH A O   1 
HETATM 1007 O  O   . HOH B 2 .   ? -5.307  14.160  -6.753  1.00 37.39 ? 158 HOH A O   1 
HETATM 1008 O  O   . HOH B 2 .   ? 10.743  -6.701  -6.202  1.00 36.84 ? 159 HOH A O   1 
HETATM 1009 O  O   . HOH B 2 .   ? 6.697   -17.855 6.115   1.00 41.85 ? 160 HOH A O   1 
HETATM 1010 O  O   . HOH B 2 .   ? 7.858   -3.169  10.428  1.00 44.46 ? 161 HOH A O   1 
HETATM 1011 O  O   . HOH B 2 .   ? 15.482  -7.015  3.206   1.00 46.23 ? 162 HOH A O   1 
HETATM 1012 O  O   . HOH B 2 .   ? -12.131 10.213  -6.618  1.00 49.24 ? 163 HOH A O   1 
HETATM 1013 O  O   . HOH B 2 .   ? 0.810   -4.954  12.441  1.00 42.41 ? 164 HOH A O   1 
# 
